data_2O0T
#
_entry.id   2O0T
#
_cell.length_a   75.780
_cell.length_b   106.880
_cell.length_c   121.930
_cell.angle_alpha   90.00
_cell.angle_beta   104.99
_cell.angle_gamma   90.00
#
_symmetry.space_group_name_H-M   'P 1 21 1'
#
loop_
_entity.id
_entity.type
_entity.pdbx_description
1 polymer 'Diaminopimelate decarboxylase'
2 non-polymer 'SULFATE ION'
3 water water
#
_entity_poly.entity_id   1
_entity_poly.type   'polypeptide(L)'
_entity_poly.pdbx_seq_one_letter_code
;MAVNELLHLAPNVWPRNTTRDEVGVVCIAGIPLTQLAQEYGTPLFVIDEDDFRSRCRETAAAFGSGANVHYAA(LLP)AF
LCSEVARWISEEGLCLDVCTGGELAVALHASFPPERITLHGNNKSVSELTAAVKAGVGHIVVDSMTEIERLDAIAGEAGI
VQDVLVRLTVGVEAHTHEFISTAHEDQKFGLSVASGAAMAAVRRVFATDHLRLVGLHSHIGSQIFDVDGFELAAHRVIGL
LRDVVGEFGPEKTAQIATVDLGGGLGISYLPSDDPPPIAELAAKLGTIVSDESTAVGLPTPKLVVEPGRAIAGPGTITLY
EVGTVKDVDVSATAHRRYVSVDGGMSDNIRTALYGAQYDVRLVSRVSDAPPVPARLVGKHCESGDIIVRDTWVPDDIRPG
DLVAVAATGAYCYSLSSRYNMVGRPAVVAVHAGNARLVLRRETVDDLLSLEVRGVPRGKLAAALEHHHHHH
;
_entity_poly.pdbx_strand_id   A,B,C,D
#
# COMPACT_ATOMS: atom_id res chain seq x y z
N ASN A 4 -6.41 -29.08 20.51
CA ASN A 4 -5.11 -29.17 21.26
C ASN A 4 -4.52 -27.77 21.50
N GLU A 5 -4.12 -27.07 20.43
CA GLU A 5 -3.54 -25.70 20.51
C GLU A 5 -4.60 -24.64 20.22
N LEU A 6 -5.67 -25.09 19.57
CA LEU A 6 -6.82 -24.24 19.21
C LEU A 6 -7.75 -24.03 20.41
N LEU A 7 -7.43 -24.77 21.46
CA LEU A 7 -8.13 -24.86 22.71
C LEU A 7 -7.67 -23.74 23.65
N HIS A 8 -6.37 -23.44 23.55
CA HIS A 8 -5.66 -22.52 24.47
C HIS A 8 -6.25 -21.12 24.45
N LEU A 9 -6.36 -20.57 25.66
CA LEU A 9 -6.85 -19.21 25.88
C LEU A 9 -5.71 -18.44 26.50
N ALA A 10 -4.98 -17.72 25.66
CA ALA A 10 -3.81 -16.98 26.10
C ALA A 10 -4.19 -16.03 27.24
N PRO A 11 -3.50 -16.15 28.38
CA PRO A 11 -3.90 -15.44 29.59
C PRO A 11 -3.74 -13.91 29.43
N ASN A 12 -2.80 -13.50 28.57
CA ASN A 12 -2.62 -12.07 28.29
C ASN A 12 -3.77 -11.47 27.49
N VAL A 13 -4.45 -12.34 26.72
CA VAL A 13 -5.55 -11.92 25.83
C VAL A 13 -6.93 -11.98 26.48
N TRP A 14 -7.21 -13.10 27.15
CA TRP A 14 -8.58 -13.38 27.68
C TRP A 14 -8.82 -12.67 29.01
N PRO A 15 -10.10 -12.41 29.38
CA PRO A 15 -10.34 -11.82 30.71
C PRO A 15 -9.66 -12.59 31.83
N ARG A 16 -9.25 -11.89 32.88
CA ARG A 16 -8.52 -12.54 34.01
C ARG A 16 -9.26 -13.73 34.63
N ASN A 17 -10.60 -13.67 34.64
CA ASN A 17 -11.39 -14.72 35.32
C ASN A 17 -11.99 -15.76 34.37
N THR A 18 -11.28 -16.01 33.28
CA THR A 18 -11.56 -17.08 32.32
C THR A 18 -11.06 -18.43 32.80
N THR A 19 -11.92 -19.44 32.67
CA THR A 19 -11.58 -20.83 32.95
C THR A 19 -12.20 -21.72 31.90
N ARG A 20 -11.85 -23.01 31.91
CA ARG A 20 -12.68 -24.00 31.20
C ARG A 20 -13.26 -25.04 32.14
N ASP A 21 -14.54 -25.34 31.89
CA ASP A 21 -15.30 -26.50 32.41
C ASP A 21 -14.61 -27.84 32.38
N GLU A 22 -15.23 -28.78 33.09
CA GLU A 22 -14.93 -30.19 32.99
C GLU A 22 -15.60 -30.78 31.74
N VAL A 23 -16.63 -30.11 31.23
CA VAL A 23 -17.28 -30.50 29.97
C VAL A 23 -16.76 -29.71 28.77
N GLY A 24 -15.75 -28.88 29.02
CA GLY A 24 -15.07 -28.15 27.95
C GLY A 24 -15.70 -26.83 27.56
N VAL A 25 -16.53 -26.28 28.45
CA VAL A 25 -17.11 -24.96 28.21
C VAL A 25 -16.28 -23.89 28.92
N VAL A 26 -15.96 -22.85 28.18
CA VAL A 26 -15.29 -21.69 28.70
C VAL A 26 -16.27 -20.94 29.61
N CYS A 27 -15.81 -20.61 30.82
CA CYS A 27 -16.56 -19.81 31.79
C CYS A 27 -15.89 -18.44 32.00
N ILE A 28 -16.69 -17.40 32.21
CA ILE A 28 -16.19 -16.13 32.72
C ILE A 28 -16.77 -15.92 34.10
N ALA A 29 -15.91 -15.55 35.03
CA ALA A 29 -16.27 -15.38 36.43
C ALA A 29 -17.09 -16.55 37.00
N GLY A 30 -16.78 -17.77 36.55
CA GLY A 30 -17.45 -18.93 37.07
C GLY A 30 -18.70 -19.36 36.31
N ILE A 31 -19.12 -18.57 35.32
CA ILE A 31 -20.34 -18.89 34.56
C ILE A 31 -20.05 -19.44 33.14
N PRO A 32 -20.57 -20.66 32.83
CA PRO A 32 -20.44 -21.15 31.45
C PRO A 32 -21.03 -20.19 30.43
N LEU A 33 -20.28 -19.97 29.36
CA LEU A 33 -20.67 -19.12 28.24
C LEU A 33 -21.98 -19.59 27.55
N THR A 34 -22.16 -20.91 27.50
CA THR A 34 -23.37 -21.53 27.03
C THR A 34 -24.60 -21.10 27.79
N GLN A 35 -24.52 -21.06 29.13
CA GLN A 35 -25.61 -20.57 29.98
C GLN A 35 -25.89 -19.08 29.71
N LEU A 36 -24.86 -18.29 29.44
CA LEU A 36 -25.09 -16.89 29.14
C LEU A 36 -25.85 -16.72 27.85
N ALA A 37 -25.50 -17.52 26.85
CA ALA A 37 -26.14 -17.43 25.53
C ALA A 37 -27.59 -17.90 25.67
N GLN A 38 -27.79 -18.91 26.49
CA GLN A 38 -29.13 -19.42 26.75
C GLN A 38 -30.01 -18.36 27.40
N GLU A 39 -29.50 -17.75 28.45
CA GLU A 39 -30.27 -16.85 29.23
C GLU A 39 -30.46 -15.52 28.50
N TYR A 40 -29.45 -15.08 27.80
CA TYR A 40 -29.41 -13.70 27.29
C TYR A 40 -29.50 -13.53 25.78
N GLY A 41 -29.32 -14.63 25.04
CA GLY A 41 -29.20 -14.59 23.57
C GLY A 41 -27.82 -14.19 23.12
N THR A 42 -27.60 -14.29 21.81
CA THR A 42 -26.37 -13.82 21.18
C THR A 42 -26.78 -12.91 20.04
N PRO A 43 -25.86 -12.03 19.58
CA PRO A 43 -24.50 -11.82 20.11
C PRO A 43 -24.59 -11.21 21.51
N LEU A 44 -23.53 -11.34 22.29
CA LEU A 44 -23.56 -10.82 23.66
C LEU A 44 -22.23 -10.31 24.05
N PHE A 45 -22.17 -9.06 24.50
CA PHE A 45 -21.01 -8.53 25.23
C PHE A 45 -21.01 -9.04 26.69
N VAL A 46 -19.98 -9.79 27.04
CA VAL A 46 -19.81 -10.33 28.39
C VAL A 46 -18.64 -9.60 29.08
N ILE A 47 -18.96 -8.85 30.14
CA ILE A 47 -17.97 -8.09 30.90
C ILE A 47 -17.54 -8.78 32.21
N ASP A 48 -16.26 -9.07 32.30
CA ASP A 48 -15.68 -9.64 33.56
C ASP A 48 -15.40 -8.44 34.46
N GLU A 49 -16.29 -8.16 35.39
CA GLU A 49 -16.26 -6.94 36.24
C GLU A 49 -15.01 -6.88 37.11
N ASP A 50 -14.66 -8.01 37.71
CA ASP A 50 -13.46 -8.06 38.55
C ASP A 50 -12.23 -7.72 37.73
N ASP A 51 -12.18 -8.22 36.49
CA ASP A 51 -11.11 -7.87 35.56
C ASP A 51 -11.00 -6.36 35.37
N PHE A 52 -12.11 -5.73 34.99
CA PHE A 52 -12.16 -4.27 34.73
C PHE A 52 -11.66 -3.48 35.97
N ARG A 53 -12.23 -3.84 37.13
CA ARG A 53 -11.89 -3.24 38.42
C ARG A 53 -10.41 -3.41 38.79
N SER A 54 -9.88 -4.63 38.59
CA SER A 54 -8.46 -4.93 38.65
C SER A 54 -7.55 -3.97 37.85
N ARG A 55 -7.95 -3.64 36.63
CA ARG A 55 -7.14 -2.83 35.77
C ARG A 55 -7.16 -1.40 36.31
N CYS A 56 -8.29 -0.99 36.87
CA CYS A 56 -8.40 0.31 37.52
C CYS A 56 -7.42 0.37 38.67
N ARG A 57 -7.44 -0.68 39.50
CA ARG A 57 -6.64 -0.65 40.70
C ARG A 57 -5.15 -0.71 40.39
N GLU A 58 -4.75 -1.53 39.41
CA GLU A 58 -3.34 -1.70 39.16
C GLU A 58 -2.74 -0.43 38.54
N THR A 59 -3.54 0.20 37.67
CA THR A 59 -3.15 1.40 36.95
C THR A 59 -3.08 2.56 37.92
N ALA A 60 -4.09 2.68 38.79
CA ALA A 60 -4.06 3.64 39.90
C ALA A 60 -2.81 3.48 40.77
N ALA A 61 -2.49 2.25 41.13
CA ALA A 61 -1.33 2.00 41.97
C ALA A 61 -0.09 2.40 41.17
N ALA A 62 -0.04 1.95 39.91
CA ALA A 62 1.14 2.18 39.08
C ALA A 62 1.47 3.67 38.96
N PHE A 63 0.45 4.52 38.84
CA PHE A 63 0.64 5.97 38.68
C PHE A 63 0.53 6.79 39.94
N GLY A 64 0.51 6.07 41.06
CA GLY A 64 0.61 6.68 42.38
C GLY A 64 -0.74 6.92 43.02
N SER A 65 -1.80 7.05 42.22
CA SER A 65 -3.11 7.45 42.72
C SER A 65 -4.11 7.36 41.58
N GLY A 66 -5.37 7.08 41.92
CA GLY A 66 -6.50 7.06 40.96
C GLY A 66 -6.71 8.43 40.37
N ALA A 67 -6.32 9.45 41.14
CA ALA A 67 -6.38 10.84 40.67
C ALA A 67 -5.54 11.08 39.41
N ASN A 68 -4.51 10.27 39.21
CA ASN A 68 -3.61 10.44 38.06
C ASN A 68 -4.00 9.62 36.86
N VAL A 69 -5.09 8.85 37.01
CA VAL A 69 -5.52 7.97 35.94
C VAL A 69 -6.93 8.41 35.55
N HIS A 70 -7.08 8.90 34.32
CA HIS A 70 -8.36 9.40 33.83
C HIS A 70 -8.93 8.41 32.82
N TYR A 71 -9.98 7.69 33.16
CA TYR A 71 -10.56 6.77 32.18
C TYR A 71 -11.18 7.51 31.02
N ALA A 72 -10.74 7.11 29.83
CA ALA A 72 -11.28 7.62 28.54
C ALA A 72 -12.65 6.95 28.18
N ALA A 73 -13.74 7.66 28.46
CA ALA A 73 -15.11 7.20 28.33
C ALA A 73 -15.44 6.73 26.96
N ALA A 75 -13.98 4.79 25.07
CA ALA A 75 -13.71 3.36 24.94
C ALA A 75 -14.98 2.59 25.13
N PHE A 76 -15.77 3.04 26.10
CA PHE A 76 -17.06 2.42 26.49
C PHE A 76 -17.65 3.13 27.68
N LEU A 77 -18.87 3.64 27.55
CA LEU A 77 -19.50 4.31 28.68
C LEU A 77 -20.96 3.93 28.79
N CYS A 78 -21.39 3.81 30.04
CA CYS A 78 -22.80 3.76 30.39
C CYS A 78 -22.81 4.09 31.88
N SER A 79 -24.00 4.29 32.46
CA SER A 79 -24.07 4.67 33.86
C SER A 79 -23.38 3.65 34.82
N GLU A 80 -23.48 2.35 34.51
CA GLU A 80 -22.91 1.32 35.38
C GLU A 80 -21.38 1.43 35.40
N VAL A 81 -20.78 1.59 34.21
CA VAL A 81 -19.33 1.80 34.13
C VAL A 81 -18.86 3.15 34.80
N ALA A 82 -19.60 4.23 34.60
CA ALA A 82 -19.30 5.46 35.30
C ALA A 82 -19.24 5.24 36.81
N ARG A 83 -20.13 4.40 37.33
CA ARG A 83 -20.16 4.03 38.75
C ARG A 83 -18.91 3.26 39.14
N TRP A 84 -18.51 2.30 38.30
CA TRP A 84 -17.28 1.54 38.56
C TRP A 84 -16.05 2.45 38.68
N ILE A 85 -15.88 3.33 37.70
CA ILE A 85 -14.74 4.26 37.72
C ILE A 85 -14.82 5.14 38.96
N SER A 86 -16.03 5.58 39.32
CA SER A 86 -16.18 6.41 40.50
C SER A 86 -15.69 5.70 41.77
N GLU A 87 -16.17 4.47 41.94
CA GLU A 87 -15.82 3.68 43.13
C GLU A 87 -14.32 3.32 43.19
N GLU A 88 -13.72 3.07 42.03
CA GLU A 88 -12.33 2.70 41.97
C GLU A 88 -11.39 3.91 42.17
N GLY A 89 -11.99 5.10 42.26
CA GLY A 89 -11.24 6.34 42.54
C GLY A 89 -10.52 6.99 41.37
N LEU A 90 -10.83 6.58 40.13
CA LEU A 90 -10.24 7.26 39.00
C LEU A 90 -11.06 8.45 38.57
N CYS A 91 -10.48 9.26 37.68
CA CYS A 91 -11.18 10.36 37.06
C CYS A 91 -11.78 9.90 35.73
N LEU A 92 -12.61 10.74 35.14
CA LEU A 92 -13.29 10.37 33.90
C LEU A 92 -13.13 11.46 32.86
N ASP A 93 -12.64 11.07 31.67
CA ASP A 93 -12.57 11.96 30.53
C ASP A 93 -13.76 11.77 29.62
N VAL A 94 -14.43 12.89 29.31
CA VAL A 94 -15.61 12.92 28.46
C VAL A 94 -15.34 13.87 27.31
N CYS A 95 -16.03 13.63 26.22
CA CYS A 95 -15.62 14.15 24.94
C CYS A 95 -16.69 15.07 24.35
N THR A 96 -17.94 14.70 24.47
CA THR A 96 -18.96 15.66 23.99
C THR A 96 -20.01 15.82 25.07
N GLY A 97 -21.10 16.51 24.73
CA GLY A 97 -22.16 16.80 25.71
C GLY A 97 -22.86 15.56 26.16
N GLY A 98 -22.99 14.58 25.26
CA GLY A 98 -23.68 13.32 25.56
C GLY A 98 -22.93 12.49 26.59
N GLU A 99 -21.61 12.48 26.51
CA GLU A 99 -20.80 11.75 27.48
C GLU A 99 -20.86 12.41 28.85
N LEU A 100 -20.79 13.74 28.86
CA LEU A 100 -21.00 14.47 30.09
C LEU A 100 -22.40 14.16 30.67
N ALA A 101 -23.45 14.33 29.89
CA ALA A 101 -24.79 14.13 30.48
C ALA A 101 -24.96 12.69 31.05
N VAL A 102 -24.36 11.67 30.39
CA VAL A 102 -24.45 10.31 30.87
C VAL A 102 -23.68 10.22 32.17
N ALA A 103 -22.49 10.84 32.26
CA ALA A 103 -21.74 10.90 33.54
C ALA A 103 -22.50 11.57 34.69
N LEU A 104 -23.13 12.70 34.39
CA LEU A 104 -23.86 13.44 35.41
C LEU A 104 -25.11 12.65 35.83
N HIS A 105 -25.78 12.04 34.85
CA HIS A 105 -26.90 11.15 35.12
C HIS A 105 -26.53 10.07 36.11
N ALA A 106 -25.27 9.62 36.00
CA ALA A 106 -24.75 8.55 36.85
C ALA A 106 -24.21 9.09 38.17
N SER A 107 -24.50 10.36 38.46
CA SER A 107 -23.88 11.09 39.57
C SER A 107 -22.32 10.94 39.67
N PHE A 108 -21.63 10.92 38.54
CA PHE A 108 -20.16 10.99 38.60
C PHE A 108 -19.73 12.37 39.16
N PRO A 109 -18.81 12.38 40.16
CA PRO A 109 -18.39 13.69 40.78
C PRO A 109 -17.70 14.58 39.80
N PRO A 110 -18.33 15.72 39.46
CA PRO A 110 -17.89 16.63 38.38
C PRO A 110 -16.44 17.13 38.54
N GLU A 111 -15.96 17.25 39.79
CA GLU A 111 -14.62 17.70 40.02
C GLU A 111 -13.57 16.67 39.54
N ARG A 112 -14.03 15.43 39.29
CA ARG A 112 -13.17 14.38 38.75
C ARG A 112 -13.38 14.18 37.23
N ILE A 113 -14.03 15.14 36.61
CA ILE A 113 -14.36 15.05 35.18
C ILE A 113 -13.46 15.98 34.40
N THR A 114 -12.97 15.53 33.25
CA THR A 114 -12.29 16.40 32.29
C THR A 114 -13.01 16.30 30.97
N LEU A 115 -13.19 17.46 30.35
CA LEU A 115 -13.82 17.60 29.03
C LEU A 115 -12.79 17.81 27.92
N HIS A 116 -12.84 16.94 26.91
CA HIS A 116 -11.94 16.94 25.77
C HIS A 116 -12.74 17.25 24.52
N GLY A 117 -12.04 17.57 23.44
CA GLY A 117 -12.71 17.80 22.14
C GLY A 117 -12.14 18.95 21.33
N ASN A 118 -12.02 18.68 20.03
CA ASN A 118 -11.56 19.68 19.08
C ASN A 118 -12.59 20.74 18.68
N ASN A 119 -13.88 20.48 18.93
CA ASN A 119 -14.93 21.38 18.52
C ASN A 119 -16.09 21.42 19.54
N LYS A 120 -15.73 21.78 20.79
CA LYS A 120 -16.70 21.94 21.88
C LYS A 120 -17.58 23.12 21.55
N SER A 121 -18.90 22.90 21.55
CA SER A 121 -19.84 23.99 21.32
C SER A 121 -19.96 24.90 22.55
N VAL A 122 -20.44 26.12 22.33
CA VAL A 122 -20.84 26.98 23.43
C VAL A 122 -21.70 26.22 24.45
N SER A 123 -22.67 25.46 23.97
CA SER A 123 -23.60 24.83 24.89
C SER A 123 -22.93 23.71 25.71
N GLU A 124 -21.91 23.06 25.15
CA GLU A 124 -21.21 22.06 25.93
C GLU A 124 -20.31 22.69 26.98
N LEU A 125 -19.64 23.78 26.59
CA LEU A 125 -18.80 24.52 27.52
C LEU A 125 -19.63 25.05 28.64
N THR A 126 -20.80 25.59 28.28
CA THR A 126 -21.79 26.12 29.21
C THR A 126 -22.24 25.07 30.24
N ALA A 127 -22.69 23.91 29.76
CA ALA A 127 -23.06 22.79 30.61
C ALA A 127 -21.92 22.29 31.51
N ALA A 128 -20.69 22.26 30.98
CA ALA A 128 -19.52 21.82 31.74
C ALA A 128 -19.28 22.70 32.99
N VAL A 129 -19.30 24.02 32.81
CA VAL A 129 -19.06 24.89 33.93
C VAL A 129 -20.28 24.92 34.88
N LYS A 130 -21.48 24.91 34.31
CA LYS A 130 -22.68 24.84 35.16
C LYS A 130 -22.63 23.61 36.07
N ALA A 131 -22.18 22.48 35.51
CA ALA A 131 -22.00 21.26 36.30
C ALA A 131 -20.81 21.32 37.27
N GLY A 132 -19.90 22.27 37.06
CA GLY A 132 -18.67 22.38 37.90
C GLY A 132 -17.59 21.34 37.56
N VAL A 133 -17.54 20.95 36.28
CA VAL A 133 -16.48 20.08 35.75
C VAL A 133 -15.07 20.64 36.10
N GLY A 134 -14.21 19.75 36.57
CA GLY A 134 -12.94 20.14 37.18
C GLY A 134 -12.00 20.75 36.16
N HIS A 135 -11.88 20.10 35.00
CA HIS A 135 -10.91 20.52 33.99
C HIS A 135 -11.49 20.53 32.62
N ILE A 136 -11.04 21.49 31.81
CA ILE A 136 -11.32 21.49 30.37
C ILE A 136 -10.01 21.56 29.62
N VAL A 137 -9.79 20.57 28.76
CA VAL A 137 -8.59 20.61 27.89
C VAL A 137 -8.91 21.41 26.63
N VAL A 138 -8.41 22.64 26.55
CA VAL A 138 -8.71 23.53 25.41
C VAL A 138 -7.91 23.19 24.14
N ASP A 139 -8.53 23.34 22.98
CA ASP A 139 -7.95 22.84 21.74
C ASP A 139 -7.73 23.90 20.70
N SER A 140 -8.28 25.09 20.94
CA SER A 140 -8.17 26.18 19.96
C SER A 140 -8.33 27.54 20.62
N MET A 141 -7.86 28.56 19.91
CA MET A 141 -7.93 29.92 20.41
C MET A 141 -9.37 30.32 20.63
N THR A 142 -10.22 29.92 19.67
CA THR A 142 -11.65 30.13 19.72
C THR A 142 -12.25 29.56 21.01
N GLU A 143 -11.94 28.32 21.34
CA GLU A 143 -12.45 27.72 22.57
C GLU A 143 -12.06 28.58 23.75
N ILE A 144 -10.78 28.92 23.86
CA ILE A 144 -10.31 29.78 24.94
C ILE A 144 -11.17 31.09 25.09
N GLU A 145 -11.38 31.83 24.00
CA GLU A 145 -12.31 32.98 24.01
C GLU A 145 -13.72 32.64 24.57
N ARG A 146 -14.32 31.61 24.02
CA ARG A 146 -15.60 31.15 24.43
C ARG A 146 -15.64 30.81 25.91
N LEU A 147 -14.70 29.97 26.35
CA LEU A 147 -14.72 29.45 27.72
C LEU A 147 -14.56 30.61 28.74
N ASP A 148 -13.66 31.55 28.43
CA ASP A 148 -13.41 32.69 29.27
C ASP A 148 -14.69 33.49 29.51
N ALA A 149 -15.40 33.78 28.43
CA ALA A 149 -16.70 34.48 28.51
C ALA A 149 -17.68 33.69 29.39
N ILE A 150 -17.68 32.36 29.22
CA ILE A 150 -18.63 31.52 29.97
C ILE A 150 -18.34 31.47 31.47
N ALA A 151 -17.07 31.29 31.82
CA ALA A 151 -16.59 31.27 33.19
C ALA A 151 -16.81 32.62 33.89
N GLY A 152 -16.53 33.74 33.20
CA GLY A 152 -16.80 35.05 33.75
C GLY A 152 -18.28 35.26 34.09
N GLU A 153 -19.15 34.83 33.17
CA GLU A 153 -20.61 34.88 33.36
C GLU A 153 -21.02 34.11 34.61
N ALA A 154 -20.43 32.94 34.78
CA ALA A 154 -20.77 32.08 35.90
C ALA A 154 -20.11 32.53 37.20
N GLY A 155 -19.22 33.52 37.14
CA GLY A 155 -18.51 34.00 38.32
C GLY A 155 -17.46 33.06 38.89
N ILE A 156 -16.95 32.16 38.05
CA ILE A 156 -15.97 31.18 38.46
C ILE A 156 -14.65 31.32 37.65
N VAL A 157 -13.61 30.66 38.14
CA VAL A 157 -12.34 30.56 37.43
C VAL A 157 -12.22 29.09 37.03
N GLN A 158 -12.22 28.86 35.72
CA GLN A 158 -12.11 27.52 35.14
C GLN A 158 -10.66 27.04 34.98
N ASP A 159 -10.34 25.89 35.59
CA ASP A 159 -9.07 25.20 35.39
C ASP A 159 -9.02 24.55 34.00
N VAL A 160 -8.01 24.93 33.23
CA VAL A 160 -7.83 24.39 31.86
C VAL A 160 -6.40 23.79 31.72
N LEU A 161 -6.27 22.85 30.78
CA LEU A 161 -4.99 22.43 30.22
C LEU A 161 -5.05 22.80 28.74
N VAL A 162 -3.88 23.10 28.15
CA VAL A 162 -3.82 23.22 26.70
C VAL A 162 -3.22 21.98 26.05
N ARG A 163 -3.97 21.47 25.08
CA ARG A 163 -3.57 20.36 24.24
C ARG A 163 -2.55 20.75 23.19
N LEU A 164 -1.46 19.98 23.20
CA LEU A 164 -0.29 20.24 22.41
C LEU A 164 -0.18 19.23 21.29
N THR A 165 0.38 19.69 20.19
CA THR A 165 0.78 18.81 19.10
C THR A 165 2.32 18.85 19.08
N VAL A 166 2.98 17.71 19.33
CA VAL A 166 4.45 17.71 19.42
C VAL A 166 5.14 16.84 18.34
N GLY A 167 4.38 16.41 17.35
CA GLY A 167 4.97 15.69 16.23
C GLY A 167 5.42 14.27 16.51
N VAL A 168 4.78 13.60 17.46
CA VAL A 168 5.12 12.22 17.78
C VAL A 168 3.89 11.37 17.53
N GLU A 169 4.00 10.26 16.80
CA GLU A 169 2.87 9.29 16.67
C GLU A 169 3.39 7.91 16.92
N ALA A 170 2.90 7.30 18.01
CA ALA A 170 3.44 6.06 18.51
C ALA A 170 2.45 4.92 18.34
N HIS A 171 2.91 3.78 17.86
CA HIS A 171 2.08 2.55 17.87
C HIS A 171 3.01 1.38 18.14
N THR A 172 2.46 0.36 18.83
CA THR A 172 3.17 -0.84 19.26
C THR A 172 4.62 -0.59 19.72
N HIS A 173 5.61 -1.05 18.97
CA HIS A 173 7.05 -0.85 19.37
C HIS A 173 7.81 0.17 18.50
N GLU A 174 7.07 1.04 17.80
CA GLU A 174 7.67 2.12 16.99
C GLU A 174 7.03 3.49 17.26
N PHE A 175 7.68 4.55 16.79
CA PHE A 175 7.04 5.84 16.64
C PHE A 175 7.62 6.65 15.46
N ILE A 176 6.87 7.65 14.99
CA ILE A 176 7.31 8.56 13.93
C ILE A 176 7.36 9.92 14.54
N SER A 177 8.45 10.62 14.31
CA SER A 177 8.48 12.05 14.61
C SER A 177 8.39 12.86 13.31
N THR A 178 7.46 13.82 13.27
CA THR A 178 7.32 14.72 12.11
C THR A 178 7.61 16.15 12.47
N ALA A 179 7.95 16.91 11.45
CA ALA A 179 8.17 18.33 11.60
C ALA A 179 6.83 19.05 11.81
N HIS A 180 5.76 18.53 11.20
CA HIS A 180 4.46 19.16 11.21
C HIS A 180 3.43 18.04 11.27
N GLU A 181 2.76 17.88 12.40
CA GLU A 181 1.70 16.91 12.54
C GLU A 181 0.50 17.53 11.80
N ASP A 182 -0.10 16.76 10.91
CA ASP A 182 -1.13 17.26 10.01
C ASP A 182 -2.43 16.61 10.54
N GLN A 183 -3.01 17.18 11.58
CA GLN A 183 -4.27 16.64 12.13
C GLN A 183 -5.01 17.70 12.94
N LYS A 184 -6.23 17.34 13.39
CA LYS A 184 -7.16 18.36 13.96
C LYS A 184 -6.82 18.93 15.36
N PHE A 185 -6.12 18.15 16.18
CA PHE A 185 -6.09 18.42 17.59
C PHE A 185 -4.93 19.30 17.95
N GLY A 186 -5.11 20.11 18.98
CA GLY A 186 -4.01 20.81 19.65
C GLY A 186 -3.33 21.92 18.88
N LEU A 187 -2.34 22.54 19.53
CA LEU A 187 -1.59 23.63 18.97
C LEU A 187 -0.13 23.25 18.97
N SER A 188 0.52 23.67 17.90
CA SER A 188 1.88 23.35 17.64
C SER A 188 2.84 24.10 18.54
N VAL A 189 3.61 23.32 19.29
CA VAL A 189 4.68 23.88 20.11
C VAL A 189 5.69 24.53 19.18
N ALA A 190 6.15 23.75 18.20
CA ALA A 190 7.11 24.20 17.19
C ALA A 190 6.79 25.54 16.49
N SER A 191 5.53 25.78 16.13
CA SER A 191 5.14 26.98 15.35
C SER A 191 4.98 28.23 16.20
N GLY A 192 4.95 28.04 17.53
CA GLY A 192 4.60 29.12 18.48
C GLY A 192 3.11 29.25 18.77
N ALA A 193 2.29 28.40 18.14
CA ALA A 193 0.83 28.45 18.34
C ALA A 193 0.48 28.13 19.80
N ALA A 194 1.15 27.13 20.35
CA ALA A 194 0.94 26.71 21.74
C ALA A 194 1.31 27.82 22.74
N MET A 195 2.38 28.55 22.48
CA MET A 195 2.73 29.64 23.36
C MET A 195 1.74 30.82 23.27
N ALA A 196 1.16 31.02 22.08
CA ALA A 196 0.18 32.08 21.91
C ALA A 196 -1.07 31.75 22.75
N ALA A 197 -1.43 30.47 22.81
CA ALA A 197 -2.55 29.98 23.61
C ALA A 197 -2.25 30.16 25.09
N VAL A 198 -1.02 29.85 25.49
CA VAL A 198 -0.65 29.95 26.88
C VAL A 198 -0.78 31.40 27.33
N ARG A 199 -0.29 32.31 26.50
CA ARG A 199 -0.42 33.75 26.76
C ARG A 199 -1.85 34.15 26.91
N ARG A 200 -2.72 33.71 25.98
CA ARG A 200 -4.13 34.12 26.01
C ARG A 200 -4.75 33.71 27.33
N VAL A 201 -4.53 32.47 27.75
CA VAL A 201 -5.10 31.96 28.99
C VAL A 201 -4.59 32.79 30.18
N PHE A 202 -3.29 33.09 30.19
CA PHE A 202 -2.69 34.01 31.19
C PHE A 202 -3.29 35.40 31.19
N ALA A 203 -3.70 35.92 30.03
CA ALA A 203 -4.23 37.28 29.92
C ALA A 203 -5.62 37.36 30.49
N THR A 204 -6.27 36.22 30.70
CA THR A 204 -7.56 36.34 31.32
C THR A 204 -7.67 36.09 32.78
N ASP A 205 -8.82 36.50 33.28
CA ASP A 205 -9.14 36.55 34.69
C ASP A 205 -9.91 35.33 35.09
N HIS A 206 -10.67 34.77 34.15
CA HIS A 206 -11.65 33.72 34.45
C HIS A 206 -11.16 32.32 34.09
N LEU A 207 -9.90 32.19 33.66
CA LEU A 207 -9.33 30.86 33.35
C LEU A 207 -8.03 30.66 34.17
N ARG A 208 -7.73 29.39 34.47
CA ARG A 208 -6.45 29.12 35.15
C ARG A 208 -5.76 27.93 34.48
N LEU A 209 -4.53 28.17 34.02
CA LEU A 209 -3.74 27.17 33.36
C LEU A 209 -3.09 26.27 34.40
N VAL A 210 -3.53 25.04 34.47
CA VAL A 210 -2.99 24.10 35.44
C VAL A 210 -2.24 22.91 34.82
N GLY A 211 -2.16 22.85 33.50
CA GLY A 211 -1.34 21.82 32.92
C GLY A 211 -1.26 21.77 31.41
N LEU A 212 -0.54 20.78 30.90
CA LEU A 212 -0.32 20.63 29.48
C LEU A 212 -0.67 19.21 29.09
N HIS A 213 -1.31 19.07 27.93
CA HIS A 213 -1.77 17.81 27.50
C HIS A 213 -1.19 17.41 26.13
N SER A 214 -0.77 16.15 26.02
CA SER A 214 -0.46 15.56 24.72
C SER A 214 -1.05 14.17 24.63
N HIS A 215 -1.46 13.74 23.43
CA HIS A 215 -1.90 12.36 23.14
C HIS A 215 -1.22 11.89 21.90
N ILE A 216 -0.56 10.74 21.97
CA ILE A 216 0.41 10.40 20.91
C ILE A 216 0.16 9.11 20.10
N GLY A 217 -0.84 8.33 20.46
CA GLY A 217 -1.17 7.17 19.66
C GLY A 217 -2.03 6.13 20.35
N SER A 218 -1.92 4.88 19.89
CA SER A 218 -2.70 3.78 20.47
C SER A 218 -1.88 2.50 20.44
N GLN A 219 -2.17 1.59 21.39
CA GLN A 219 -1.54 0.27 21.42
C GLN A 219 -0.05 0.47 21.54
N ILE A 220 0.35 1.39 22.39
CA ILE A 220 1.74 1.71 22.57
C ILE A 220 2.34 0.74 23.58
N PHE A 221 3.41 0.05 23.18
CA PHE A 221 4.03 -0.99 23.98
C PHE A 221 5.38 -0.56 24.55
N ASP A 222 5.95 0.54 24.05
CA ASP A 222 7.25 1.00 24.54
C ASP A 222 7.14 2.40 25.06
N VAL A 223 8.15 2.84 25.81
CA VAL A 223 8.15 4.16 26.42
C VAL A 223 8.78 5.26 25.51
N ASP A 224 9.47 4.87 24.45
CA ASP A 224 10.29 5.80 23.66
C ASP A 224 9.51 6.98 23.01
N GLY A 225 8.34 6.69 22.46
CA GLY A 225 7.50 7.73 21.92
C GLY A 225 7.17 8.76 22.99
N PHE A 226 6.73 8.25 24.15
CA PHE A 226 6.36 9.05 25.30
C PHE A 226 7.50 9.93 25.74
N GLU A 227 8.72 9.43 25.58
CA GLU A 227 9.86 10.15 26.09
C GLU A 227 10.18 11.37 25.24
N LEU A 228 10.12 11.16 23.93
CA LEU A 228 10.24 12.24 22.99
C LEU A 228 9.13 13.28 23.21
N ALA A 229 7.88 12.80 23.36
CA ALA A 229 6.71 13.66 23.58
C ALA A 229 6.92 14.49 24.88
N ALA A 230 7.33 13.79 25.93
CA ALA A 230 7.57 14.42 27.22
C ALA A 230 8.65 15.47 27.11
N HIS A 231 9.67 15.19 26.32
CA HIS A 231 10.79 16.13 26.15
C HIS A 231 10.23 17.42 25.49
N ARG A 232 9.42 17.20 24.45
CA ARG A 232 8.83 18.28 23.69
C ARG A 232 7.82 19.14 24.52
N VAL A 233 6.94 18.48 25.27
CA VAL A 233 5.99 19.17 26.15
C VAL A 233 6.68 20.01 27.23
N ILE A 234 7.71 19.44 27.87
CA ILE A 234 8.37 20.12 28.97
C ILE A 234 9.27 21.26 28.43
N GLY A 235 9.74 21.11 27.20
CA GLY A 235 10.40 22.22 26.52
C GLY A 235 9.50 23.45 26.43
N LEU A 236 8.23 23.26 26.12
CA LEU A 236 7.29 24.37 26.19
C LEU A 236 7.16 24.93 27.63
N LEU A 237 6.96 24.06 28.62
CA LEU A 237 6.96 24.47 30.02
C LEU A 237 8.10 25.39 30.34
N ARG A 238 9.31 24.97 29.97
CA ARG A 238 10.52 25.80 30.06
C ARG A 238 10.37 27.17 29.40
N ASP A 239 9.77 27.18 28.21
CA ASP A 239 9.52 28.41 27.46
C ASP A 239 8.57 29.34 28.22
N VAL A 240 7.48 28.80 28.72
CA VAL A 240 6.49 29.54 29.48
C VAL A 240 7.08 30.18 30.73
N VAL A 241 7.57 29.38 31.68
CA VAL A 241 8.04 29.93 32.97
C VAL A 241 9.23 30.85 32.73
N GLY A 242 9.91 30.63 31.61
CA GLY A 242 10.99 31.56 31.17
C GLY A 242 10.43 32.96 30.90
N GLU A 243 9.29 32.99 30.18
CA GLU A 243 8.68 34.25 29.70
C GLU A 243 7.80 34.93 30.77
N PHE A 244 7.18 34.13 31.63
CA PHE A 244 6.23 34.64 32.60
C PHE A 244 6.72 34.55 34.04
N GLY A 245 7.82 33.83 34.24
CA GLY A 245 8.40 33.72 35.57
C GLY A 245 7.71 32.67 36.42
N PRO A 246 8.50 31.86 37.18
CA PRO A 246 7.90 30.95 38.19
C PRO A 246 7.14 31.71 39.32
N GLU A 247 5.87 32.03 39.00
CA GLU A 247 4.96 32.85 39.83
C GLU A 247 3.55 32.80 39.22
N LYS A 248 3.45 33.23 37.95
CA LYS A 248 2.26 33.04 37.11
C LYS A 248 2.16 31.59 36.66
N THR A 249 3.27 30.86 36.77
CA THR A 249 3.39 29.50 36.25
C THR A 249 3.38 28.42 37.32
N ALA A 250 3.58 28.83 38.57
CA ALA A 250 3.64 27.91 39.71
C ALA A 250 2.55 26.81 39.63
N GLN A 251 1.39 27.21 39.12
CA GLN A 251 0.21 26.35 39.14
C GLN A 251 0.12 25.42 37.93
N ILE A 252 1.05 25.55 36.98
CA ILE A 252 1.13 24.61 35.87
C ILE A 252 1.77 23.28 36.34
N ALA A 253 1.01 22.53 37.12
CA ALA A 253 1.60 21.48 37.94
C ALA A 253 1.48 20.06 37.33
N THR A 254 0.87 19.98 36.15
CA THR A 254 0.46 18.71 35.56
C THR A 254 0.90 18.54 34.11
N VAL A 255 1.55 17.41 33.83
CA VAL A 255 1.81 17.00 32.46
C VAL A 255 0.99 15.74 32.20
N ASP A 256 0.03 15.86 31.31
CA ASP A 256 -0.84 14.77 30.91
C ASP A 256 -0.39 14.25 29.55
N LEU A 257 0.04 12.99 29.53
CA LEU A 257 0.60 12.38 28.34
C LEU A 257 -0.40 11.55 27.56
N GLY A 258 -1.68 11.71 27.89
CA GLY A 258 -2.76 11.13 27.12
C GLY A 258 -2.89 9.64 27.35
N GLY A 259 -3.51 9.00 26.37
CA GLY A 259 -3.82 7.57 26.45
C GLY A 259 -2.97 6.72 25.54
N GLY A 260 -3.53 5.60 25.10
CA GLY A 260 -2.88 4.74 24.14
C GLY A 260 -2.09 3.62 24.74
N LEU A 261 -2.25 3.41 26.04
CA LEU A 261 -1.65 2.23 26.68
C LEU A 261 -2.17 0.99 26.00
N GLY A 262 -1.25 0.07 25.75
CA GLY A 262 -1.54 -1.04 24.84
C GLY A 262 -1.97 -2.27 25.61
N ILE A 263 -2.77 -3.12 24.95
CA ILE A 263 -3.27 -4.39 25.49
C ILE A 263 -2.95 -5.50 24.48
N SER A 264 -3.17 -6.76 24.85
CA SER A 264 -2.98 -7.90 23.91
C SER A 264 -4.28 -8.26 23.20
N TYR A 265 -4.36 -8.01 21.89
CA TYR A 265 -5.44 -8.61 21.09
C TYR A 265 -5.12 -10.04 20.68
N LEU A 266 -3.84 -10.27 20.37
CA LEU A 266 -3.35 -11.53 19.88
C LEU A 266 -2.35 -12.02 20.90
N PRO A 267 -2.23 -13.35 21.06
CA PRO A 267 -1.29 -13.90 22.06
C PRO A 267 0.12 -13.32 21.92
N SER A 268 0.58 -13.11 20.69
CA SER A 268 1.89 -12.56 20.45
C SER A 268 2.03 -11.08 20.85
N ASP A 269 0.93 -10.38 21.12
CA ASP A 269 1.01 -8.97 21.58
C ASP A 269 1.76 -8.91 22.92
N ASP A 270 2.65 -7.94 23.10
CA ASP A 270 3.46 -7.95 24.31
C ASP A 270 3.63 -6.61 25.02
N PRO A 271 2.51 -5.98 25.45
CA PRO A 271 2.62 -4.73 26.26
C PRO A 271 3.33 -5.02 27.57
N PRO A 272 4.03 -4.03 28.12
CA PRO A 272 4.75 -4.31 29.37
C PRO A 272 3.77 -4.26 30.55
N PRO A 273 4.15 -4.85 31.69
CA PRO A 273 3.28 -4.62 32.84
C PRO A 273 3.19 -3.11 33.13
N ILE A 274 2.00 -2.66 33.48
CA ILE A 274 1.77 -1.22 33.71
C ILE A 274 2.69 -0.60 34.77
N ALA A 275 3.01 -1.36 35.81
CA ALA A 275 3.89 -0.91 36.89
C ALA A 275 5.27 -0.53 36.36
N GLU A 276 5.74 -1.35 35.42
CA GLU A 276 7.05 -1.16 34.80
C GLU A 276 7.06 0.06 33.87
N LEU A 277 6.04 0.18 33.02
CA LEU A 277 5.92 1.31 32.13
C LEU A 277 5.76 2.64 32.88
N ALA A 278 4.89 2.63 33.88
CA ALA A 278 4.60 3.82 34.68
C ALA A 278 5.85 4.35 35.37
N ALA A 279 6.67 3.44 35.91
CA ALA A 279 7.91 3.88 36.59
C ALA A 279 8.90 4.48 35.60
N LYS A 280 9.00 3.92 34.40
CA LYS A 280 9.81 4.50 33.36
C LYS A 280 9.34 5.95 33.03
N LEU A 281 8.04 6.10 32.88
CA LEU A 281 7.41 7.37 32.60
C LEU A 281 7.69 8.38 33.71
N GLY A 282 7.63 7.91 34.96
CA GLY A 282 7.86 8.76 36.11
C GLY A 282 9.30 9.29 36.13
N THR A 283 10.25 8.42 35.78
CA THR A 283 11.66 8.76 35.67
C THR A 283 11.90 9.75 34.51
N ILE A 284 11.28 9.52 33.36
CA ILE A 284 11.35 10.47 32.27
C ILE A 284 10.90 11.88 32.68
N VAL A 285 9.70 11.98 33.25
CA VAL A 285 9.16 13.30 33.61
C VAL A 285 10.05 14.07 34.62
N SER A 286 10.61 13.37 35.59
CA SER A 286 11.51 13.96 36.55
C SER A 286 12.81 14.38 35.90
N ASP A 287 13.36 13.49 35.08
CA ASP A 287 14.61 13.76 34.37
C ASP A 287 14.47 14.96 33.44
N GLU A 288 13.40 14.96 32.63
CA GLU A 288 13.14 16.03 31.67
C GLU A 288 12.97 17.38 32.35
N SER A 289 12.28 17.40 33.48
CA SER A 289 12.00 18.66 34.15
C SER A 289 13.24 19.21 34.88
N THR A 290 14.05 18.32 35.46
CA THR A 290 15.29 18.72 36.09
C THR A 290 16.26 19.22 35.04
N ALA A 291 16.24 18.58 33.87
CA ALA A 291 17.16 18.92 32.79
C ALA A 291 17.00 20.37 32.34
N VAL A 292 15.81 20.92 32.59
CA VAL A 292 15.50 22.32 32.23
C VAL A 292 15.22 23.17 33.48
N GLY A 293 15.67 22.70 34.63
CA GLY A 293 15.61 23.46 35.87
C GLY A 293 14.23 23.69 36.45
N LEU A 294 13.31 22.78 36.15
CA LEU A 294 11.95 22.81 36.67
C LEU A 294 11.68 21.76 37.76
N PRO A 295 10.74 22.06 38.66
CA PRO A 295 10.24 21.04 39.57
C PRO A 295 9.41 19.98 38.82
N THR A 296 9.47 18.74 39.28
CA THR A 296 8.82 17.63 38.59
C THR A 296 7.27 17.79 38.64
N PRO A 297 6.61 17.85 37.46
CA PRO A 297 5.17 17.98 37.46
C PRO A 297 4.51 16.66 37.74
N LYS A 298 3.22 16.72 38.08
CA LYS A 298 2.37 15.54 38.20
C LYS A 298 2.23 14.92 36.83
N LEU A 299 2.33 13.61 36.77
CA LEU A 299 2.08 12.84 35.56
C LEU A 299 0.65 12.28 35.60
N VAL A 300 -0.13 12.58 34.58
CA VAL A 300 -1.46 12.06 34.40
C VAL A 300 -1.49 11.31 33.07
N VAL A 301 -2.32 10.27 33.05
CA VAL A 301 -2.46 9.37 31.94
C VAL A 301 -3.96 9.11 31.71
N GLU A 302 -4.37 8.89 30.45
CA GLU A 302 -5.80 8.79 30.04
C GLU A 302 -6.19 7.46 29.32
N PRO A 303 -6.04 6.31 30.00
CA PRO A 303 -6.31 5.07 29.25
C PRO A 303 -7.80 4.81 29.05
N GLY A 304 -8.19 4.41 27.84
CA GLY A 304 -9.46 3.77 27.64
C GLY A 304 -9.34 2.24 27.54
N ARG A 305 -8.76 1.81 26.42
CA ARG A 305 -8.58 0.39 26.04
C ARG A 305 -8.02 -0.48 27.14
N ALA A 306 -7.06 0.08 27.85
CA ALA A 306 -6.27 -0.64 28.84
C ALA A 306 -7.07 -0.92 30.10
N ILE A 307 -8.20 -0.22 30.24
CA ILE A 307 -9.12 -0.45 31.37
C ILE A 307 -10.25 -1.34 30.90
N ALA A 308 -10.91 -0.91 29.81
CA ALA A 308 -12.16 -1.52 29.31
C ALA A 308 -11.97 -2.70 28.34
N GLY A 309 -10.86 -2.74 27.60
CA GLY A 309 -10.70 -3.70 26.49
C GLY A 309 -10.67 -5.16 26.90
N PRO A 310 -9.68 -5.57 27.73
CA PRO A 310 -9.42 -7.01 27.97
C PRO A 310 -10.47 -7.80 28.72
N GLY A 311 -11.26 -7.14 29.56
CA GLY A 311 -12.20 -7.87 30.44
C GLY A 311 -13.49 -8.28 29.74
N THR A 312 -13.69 -7.84 28.49
CA THR A 312 -14.89 -8.21 27.78
C THR A 312 -14.69 -8.92 26.45
N ILE A 313 -15.53 -9.93 26.27
CA ILE A 313 -15.60 -10.75 25.08
C ILE A 313 -16.95 -10.55 24.37
N THR A 314 -17.00 -10.90 23.07
CA THR A 314 -18.26 -10.95 22.36
C THR A 314 -18.60 -12.42 22.02
N LEU A 315 -19.78 -12.82 22.40
CA LEU A 315 -20.17 -14.22 22.25
C LEU A 315 -21.14 -14.25 21.09
N TYR A 316 -20.83 -15.17 20.17
CA TYR A 316 -21.66 -15.33 19.01
C TYR A 316 -22.13 -16.77 18.83
N GLU A 317 -23.22 -16.92 18.07
CA GLU A 317 -23.67 -18.24 17.57
C GLU A 317 -23.27 -18.42 16.09
N VAL A 318 -22.60 -19.54 15.76
CA VAL A 318 -22.37 -19.92 14.37
C VAL A 318 -23.67 -20.29 13.66
N GLY A 319 -23.95 -19.58 12.56
CA GLY A 319 -25.12 -19.81 11.70
C GLY A 319 -24.86 -20.60 10.43
N THR A 320 -23.74 -20.31 9.78
CA THR A 320 -23.37 -20.91 8.49
C THR A 320 -21.87 -21.15 8.43
N VAL A 321 -21.53 -22.25 7.79
CA VAL A 321 -20.19 -22.64 7.56
C VAL A 321 -20.12 -22.98 6.07
N LYS A 322 -19.28 -22.21 5.36
CA LYS A 322 -19.06 -22.41 3.94
C LYS A 322 -17.56 -22.59 3.63
N ASP A 323 -17.25 -23.67 2.92
CA ASP A 323 -15.95 -23.91 2.34
C ASP A 323 -15.74 -23.13 1.03
N VAL A 324 -14.81 -22.17 1.01
CA VAL A 324 -14.60 -21.34 -0.17
C VAL A 324 -13.24 -21.66 -0.82
N ASP A 325 -13.25 -22.01 -2.10
CA ASP A 325 -12.02 -22.24 -2.92
C ASP A 325 -11.21 -20.95 -3.04
N VAL A 326 -9.93 -20.96 -2.71
CA VAL A 326 -9.11 -19.72 -2.75
C VAL A 326 -7.93 -19.85 -3.76
N SER A 327 -7.70 -21.08 -4.22
CA SER A 327 -6.72 -21.43 -5.22
C SER A 327 -7.21 -22.74 -5.80
N ALA A 328 -6.45 -23.30 -6.74
CA ALA A 328 -6.79 -24.59 -7.25
C ALA A 328 -6.70 -25.71 -6.18
N THR A 329 -5.99 -25.47 -5.09
CA THR A 329 -5.92 -26.51 -4.08
C THR A 329 -6.23 -26.07 -2.69
N ALA A 330 -6.24 -24.80 -2.39
CA ALA A 330 -6.54 -24.36 -1.04
C ALA A 330 -8.00 -23.85 -0.90
N HIS A 331 -8.44 -23.77 0.37
CA HIS A 331 -9.79 -23.39 0.75
C HIS A 331 -9.68 -22.49 1.94
N ARG A 332 -10.70 -21.66 2.17
CA ARG A 332 -10.79 -20.91 3.42
C ARG A 332 -12.19 -21.21 3.98
N ARG A 333 -12.29 -21.48 5.27
CA ARG A 333 -13.59 -21.87 5.88
C ARG A 333 -14.25 -20.62 6.39
N TYR A 334 -15.34 -20.21 5.72
CA TYR A 334 -16.06 -19.03 6.15
C TYR A 334 -17.12 -19.40 7.18
N VAL A 335 -16.93 -18.85 8.37
CA VAL A 335 -17.88 -19.06 9.44
C VAL A 335 -18.67 -17.80 9.76
N SER A 336 -19.95 -17.87 9.42
CA SER A 336 -20.90 -16.78 9.56
C SER A 336 -21.56 -16.84 10.94
N VAL A 337 -21.71 -15.67 11.46
CA VAL A 337 -22.02 -15.51 12.80
C VAL A 337 -23.10 -14.43 12.85
N ASP A 338 -23.52 -14.34 14.07
CA ASP A 338 -24.67 -13.73 14.59
C ASP A 338 -24.74 -12.17 14.55
N GLY A 339 -23.68 -11.50 14.13
CA GLY A 339 -23.64 -10.03 14.17
C GLY A 339 -22.72 -9.58 13.07
N GLY A 340 -21.68 -8.82 13.42
CA GLY A 340 -20.75 -8.37 12.41
C GLY A 340 -20.31 -6.95 12.66
N MET A 341 -20.23 -6.19 11.57
CA MET A 341 -19.68 -4.84 11.61
C MET A 341 -20.53 -3.89 12.38
N SER A 342 -21.81 -4.23 12.57
CA SER A 342 -22.72 -3.56 13.55
C SER A 342 -22.22 -3.53 15.01
N ASP A 343 -21.68 -4.64 15.52
CA ASP A 343 -21.14 -4.71 16.92
C ASP A 343 -19.61 -4.66 17.00
N ASN A 344 -18.93 -4.87 15.86
CA ASN A 344 -17.46 -4.82 15.85
C ASN A 344 -16.98 -4.38 14.46
N ILE A 345 -16.91 -3.07 14.29
CA ILE A 345 -16.52 -2.51 13.02
C ILE A 345 -15.01 -2.32 12.85
N ARG A 346 -14.24 -2.68 13.88
CA ARG A 346 -12.81 -2.31 14.03
C ARG A 346 -11.93 -3.02 13.02
N THR A 347 -12.25 -4.28 12.74
CA THR A 347 -11.56 -5.00 11.68
C THR A 347 -11.68 -4.27 10.34
N ALA A 348 -12.90 -3.95 9.90
CA ALA A 348 -13.09 -3.19 8.67
C ALA A 348 -12.54 -1.78 8.80
N LEU A 349 -12.72 -1.14 9.94
CA LEU A 349 -12.39 0.28 10.01
C LEU A 349 -10.89 0.55 10.16
N TYR A 350 -10.19 -0.26 10.95
CA TYR A 350 -8.78 -0.01 11.29
C TYR A 350 -7.90 -1.16 10.87
N GLY A 351 -8.48 -2.23 10.32
CA GLY A 351 -7.69 -3.42 10.10
C GLY A 351 -7.30 -4.11 11.41
N ALA A 352 -8.08 -3.90 12.47
CA ALA A 352 -7.84 -4.63 13.71
C ALA A 352 -7.77 -6.15 13.52
N GLN A 353 -6.98 -6.79 14.38
CA GLN A 353 -6.85 -8.24 14.43
C GLN A 353 -7.26 -8.73 15.77
N TYR A 354 -8.19 -9.70 15.79
CA TYR A 354 -8.78 -10.30 16.98
C TYR A 354 -8.51 -11.81 17.12
N ASP A 355 -8.61 -12.32 18.36
CA ASP A 355 -8.48 -13.74 18.61
C ASP A 355 -9.92 -14.30 18.76
N VAL A 356 -10.18 -15.40 18.06
CA VAL A 356 -11.48 -16.07 18.17
C VAL A 356 -11.28 -17.52 18.53
N ARG A 357 -12.17 -18.03 19.36
CA ARG A 357 -12.08 -19.36 19.87
C ARG A 357 -13.46 -20.01 19.94
N LEU A 358 -13.54 -21.30 19.63
CA LEU A 358 -14.71 -22.10 19.98
C LEU A 358 -14.81 -22.28 21.51
N VAL A 359 -15.97 -21.92 22.08
CA VAL A 359 -16.12 -21.87 23.52
C VAL A 359 -17.21 -22.78 24.13
N SER A 360 -18.00 -23.46 23.29
CA SER A 360 -19.13 -24.29 23.77
C SER A 360 -18.80 -25.77 23.86
N ARG A 361 -17.70 -26.16 23.24
CA ARG A 361 -17.23 -27.53 23.31
C ARG A 361 -15.73 -27.55 23.06
N VAL A 362 -15.16 -28.73 23.29
CA VAL A 362 -13.81 -29.05 22.90
C VAL A 362 -13.88 -29.92 21.64
N SER A 363 -13.25 -29.44 20.58
CA SER A 363 -13.14 -30.21 19.38
C SER A 363 -11.80 -30.94 19.33
N ASP A 364 -11.82 -32.14 18.75
CA ASP A 364 -10.59 -32.86 18.46
C ASP A 364 -10.27 -32.75 16.96
N ALA A 365 -11.08 -32.02 16.20
CA ALA A 365 -10.87 -31.91 14.76
C ALA A 365 -9.68 -31.00 14.49
N PRO A 366 -8.92 -31.28 13.40
CA PRO A 366 -7.73 -30.51 13.10
C PRO A 366 -8.05 -29.04 12.74
N PRO A 367 -7.11 -28.12 12.99
CA PRO A 367 -7.35 -26.72 12.64
C PRO A 367 -7.36 -26.48 11.11
N VAL A 368 -8.08 -25.44 10.70
CA VAL A 368 -8.33 -25.24 9.29
C VAL A 368 -8.36 -23.76 9.12
N PRO A 369 -7.70 -23.23 8.08
CA PRO A 369 -7.73 -21.73 7.93
C PRO A 369 -9.14 -21.22 7.65
N ALA A 370 -9.48 -20.09 8.26
CA ALA A 370 -10.86 -19.62 8.37
C ALA A 370 -10.95 -18.10 8.32
N ARG A 371 -12.16 -17.61 8.02
CA ARG A 371 -12.47 -16.17 8.15
C ARG A 371 -13.77 -16.08 8.92
N LEU A 372 -13.79 -15.27 9.97
CA LEU A 372 -14.99 -15.02 10.73
C LEU A 372 -15.68 -13.77 10.16
N VAL A 373 -16.93 -13.96 9.72
CA VAL A 373 -17.72 -12.94 9.00
C VAL A 373 -19.11 -12.82 9.66
N GLY A 374 -19.71 -11.64 9.47
CA GLY A 374 -21.00 -11.30 10.00
C GLY A 374 -22.11 -11.62 9.01
N LYS A 375 -23.31 -11.10 9.27
CA LYS A 375 -24.50 -11.44 8.53
C LYS A 375 -24.99 -10.26 7.69
N HIS A 376 -24.20 -9.20 7.64
CA HIS A 376 -24.46 -7.99 6.86
C HIS A 376 -24.24 -8.19 5.36
N CYS A 377 -25.06 -7.50 4.57
CA CYS A 377 -25.06 -7.61 3.12
C CYS A 377 -23.97 -6.79 2.48
N GLU A 378 -22.75 -7.08 2.89
CA GLU A 378 -21.57 -6.39 2.41
C GLU A 378 -20.40 -7.37 2.52
N SER A 379 -19.66 -7.57 1.43
CA SER A 379 -18.46 -8.43 1.46
C SER A 379 -17.43 -8.10 2.57
N GLY A 380 -17.20 -6.81 2.82
CA GLY A 380 -16.22 -6.39 3.84
C GLY A 380 -16.70 -6.53 5.29
N ASP A 381 -17.91 -7.07 5.46
CA ASP A 381 -18.43 -7.37 6.81
C ASP A 381 -17.68 -8.58 7.38
N ILE A 382 -16.44 -8.35 7.81
CA ILE A 382 -15.51 -9.39 8.27
C ILE A 382 -15.12 -9.04 9.72
N ILE A 383 -15.21 -10.04 10.62
CA ILE A 383 -14.95 -9.79 12.05
C ILE A 383 -13.51 -10.18 12.39
N VAL A 384 -13.08 -11.33 11.90
CA VAL A 384 -11.71 -11.76 12.05
C VAL A 384 -11.32 -12.30 10.68
N ARG A 385 -10.42 -11.58 10.05
CA ARG A 385 -9.99 -11.87 8.73
C ARG A 385 -9.23 -13.16 8.62
N ASP A 386 -8.16 -13.34 9.40
CA ASP A 386 -7.38 -14.60 9.28
C ASP A 386 -7.25 -15.33 10.61
N THR A 387 -7.81 -16.53 10.65
CA THR A 387 -7.89 -17.28 11.88
C THR A 387 -7.97 -18.74 11.57
N TRP A 388 -8.12 -19.55 12.61
CA TRP A 388 -8.10 -21.01 12.49
C TRP A 388 -9.26 -21.50 13.28
N VAL A 389 -9.98 -22.49 12.74
CA VAL A 389 -11.10 -23.08 13.45
C VAL A 389 -10.98 -24.58 13.36
N PRO A 390 -11.66 -25.28 14.28
CA PRO A 390 -11.77 -26.76 14.12
C PRO A 390 -12.47 -27.14 12.83
N ASP A 391 -11.96 -28.18 12.21
CA ASP A 391 -12.52 -28.68 10.98
C ASP A 391 -14.02 -29.13 11.10
N ASP A 392 -14.49 -29.38 12.30
CA ASP A 392 -15.88 -29.77 12.47
C ASP A 392 -16.78 -28.65 13.05
N ILE A 393 -16.33 -27.42 13.04
CA ILE A 393 -17.18 -26.31 13.43
C ILE A 393 -18.51 -26.38 12.66
N ARG A 394 -19.59 -26.08 13.36
CA ARG A 394 -20.93 -26.41 12.92
C ARG A 394 -21.88 -25.31 13.37
N PRO A 395 -23.02 -25.11 12.65
CA PRO A 395 -24.01 -24.14 13.13
C PRO A 395 -24.48 -24.59 14.50
N GLY A 396 -24.66 -23.61 15.39
CA GLY A 396 -25.07 -23.86 16.76
C GLY A 396 -23.90 -23.87 17.74
N ASP A 397 -22.69 -24.04 17.24
CA ASP A 397 -21.50 -23.81 18.05
C ASP A 397 -21.41 -22.34 18.49
N LEU A 398 -20.86 -22.11 19.67
CA LEU A 398 -20.57 -20.77 20.10
C LEU A 398 -19.08 -20.47 20.01
N VAL A 399 -18.79 -19.29 19.52
CA VAL A 399 -17.45 -18.75 19.41
C VAL A 399 -17.42 -17.43 20.16
N ALA A 400 -16.26 -17.07 20.65
CA ALA A 400 -16.13 -15.76 21.29
C ALA A 400 -14.92 -15.07 20.70
N VAL A 401 -15.05 -13.76 20.54
CA VAL A 401 -13.95 -12.88 20.12
C VAL A 401 -13.50 -12.11 21.33
N ALA A 402 -12.18 -12.15 21.60
CA ALA A 402 -11.64 -11.57 22.82
C ALA A 402 -11.33 -10.07 22.69
N ALA A 403 -11.27 -9.41 23.85
CA ALA A 403 -10.85 -8.00 23.97
C ALA A 403 -11.72 -7.08 23.10
N THR A 404 -13.04 -7.29 23.19
CA THR A 404 -13.98 -6.41 22.53
C THR A 404 -14.57 -5.36 23.44
N GLY A 405 -13.95 -5.12 24.58
CA GLY A 405 -14.49 -4.24 25.60
C GLY A 405 -14.31 -2.75 25.33
N ALA A 406 -13.46 -2.41 24.35
CA ALA A 406 -13.09 -1.03 24.06
C ALA A 406 -13.46 -0.76 22.60
N TYR A 407 -14.24 0.31 22.40
CA TYR A 407 -14.53 0.81 21.09
C TYR A 407 -15.25 -0.17 20.16
N CYS A 408 -15.93 -1.20 20.66
CA CYS A 408 -16.75 -2.02 19.72
C CYS A 408 -18.22 -1.60 19.86
N TYR A 409 -18.76 -1.74 21.08
CA TYR A 409 -20.04 -1.16 21.42
C TYR A 409 -20.10 0.39 21.20
N SER A 410 -19.08 1.12 21.66
CA SER A 410 -19.03 2.60 21.41
C SER A 410 -19.28 2.94 19.94
N LEU A 411 -18.74 2.10 19.04
CA LEU A 411 -18.95 2.28 17.61
C LEU A 411 -20.14 1.56 16.99
N SER A 412 -20.97 0.87 17.78
CA SER A 412 -22.07 0.08 17.21
C SER A 412 -23.06 0.91 16.38
N SER A 413 -23.59 0.31 15.31
CA SER A 413 -24.61 0.93 14.45
C SER A 413 -25.81 -0.03 14.27
N ARG A 414 -26.85 0.45 13.63
CA ARG A 414 -28.00 -0.41 13.29
C ARG A 414 -27.96 -0.75 11.80
N TYR A 415 -26.75 -0.90 11.26
CA TYR A 415 -26.59 -1.29 9.85
C TYR A 415 -27.37 -2.54 9.54
N ASN A 416 -28.14 -2.50 8.46
CA ASN A 416 -29.18 -3.53 8.17
C ASN A 416 -30.27 -3.75 9.20
N MET A 417 -30.57 -2.71 9.98
CA MET A 417 -31.57 -2.85 11.03
C MET A 417 -31.19 -3.98 12.01
N VAL A 418 -29.90 -4.08 12.28
CA VAL A 418 -29.44 -5.07 13.24
C VAL A 418 -29.29 -4.31 14.59
N GLY A 419 -30.16 -4.62 15.55
CA GLY A 419 -30.14 -3.94 16.84
C GLY A 419 -28.86 -4.20 17.63
N ARG A 420 -28.48 -3.25 18.47
CA ARG A 420 -27.39 -3.45 19.42
C ARG A 420 -27.56 -4.72 20.29
N PRO A 421 -26.47 -5.48 20.47
CA PRO A 421 -26.47 -6.65 21.39
C PRO A 421 -26.64 -6.24 22.85
N ALA A 422 -27.11 -7.18 23.64
CA ALA A 422 -27.19 -6.99 25.07
C ALA A 422 -25.77 -7.04 25.64
N VAL A 423 -25.59 -6.35 26.76
CA VAL A 423 -24.34 -6.34 27.43
C VAL A 423 -24.62 -6.77 28.86
N VAL A 424 -23.85 -7.77 29.27
CA VAL A 424 -24.04 -8.38 30.59
C VAL A 424 -22.71 -8.31 31.39
N ALA A 425 -22.84 -8.05 32.69
CA ALA A 425 -21.70 -8.11 33.59
C ALA A 425 -21.76 -9.36 34.48
N VAL A 426 -20.62 -10.04 34.58
CA VAL A 426 -20.49 -11.18 35.48
C VAL A 426 -19.49 -10.86 36.62
N HIS A 427 -19.88 -11.34 37.80
CA HIS A 427 -19.09 -11.17 38.99
C HIS A 427 -19.35 -12.31 39.94
N ALA A 428 -18.29 -13.03 40.30
CA ALA A 428 -18.35 -14.07 41.35
C ALA A 428 -19.48 -15.11 41.14
N GLY A 429 -19.65 -15.56 39.89
CA GLY A 429 -20.67 -16.54 39.59
C GLY A 429 -22.08 -16.00 39.37
N ASN A 430 -22.21 -14.69 39.31
CA ASN A 430 -23.50 -14.03 39.12
C ASN A 430 -23.44 -13.14 37.89
N ALA A 431 -24.47 -13.25 37.04
CA ALA A 431 -24.62 -12.44 35.80
C ALA A 431 -25.77 -11.46 35.98
N ARG A 432 -25.63 -10.27 35.41
CA ARG A 432 -26.72 -9.30 35.46
C ARG A 432 -26.71 -8.56 34.13
N LEU A 433 -27.89 -8.28 33.59
CA LEU A 433 -28.03 -7.47 32.38
C LEU A 433 -27.65 -6.06 32.72
N VAL A 434 -26.84 -5.44 31.87
CA VAL A 434 -26.41 -4.07 32.13
C VAL A 434 -27.05 -3.13 31.06
N LEU A 435 -26.88 -3.53 29.80
CA LEU A 435 -27.50 -2.89 28.67
C LEU A 435 -28.33 -3.89 27.91
N ARG A 436 -29.61 -3.56 27.70
CA ARG A 436 -30.50 -4.51 27.06
C ARG A 436 -30.30 -4.47 25.55
N ARG A 437 -30.62 -5.58 24.91
CA ARG A 437 -30.56 -5.63 23.45
C ARG A 437 -31.68 -4.81 22.83
N GLU A 438 -31.39 -4.15 21.71
CA GLU A 438 -32.39 -3.36 20.94
C GLU A 438 -33.41 -4.26 20.26
N THR A 439 -34.62 -3.72 20.20
CA THR A 439 -35.78 -4.39 19.58
C THR A 439 -36.17 -3.65 18.26
N VAL A 440 -37.15 -4.23 17.56
CA VAL A 440 -37.83 -3.59 16.44
C VAL A 440 -38.41 -2.24 16.81
N ASP A 441 -39.04 -2.14 17.99
CA ASP A 441 -39.54 -0.86 18.51
C ASP A 441 -38.42 0.16 18.60
N ASP A 442 -37.24 -0.25 19.07
CA ASP A 442 -36.10 0.67 19.16
C ASP A 442 -35.73 1.20 17.76
N LEU A 443 -35.59 0.25 16.84
CA LEU A 443 -35.39 0.54 15.42
C LEU A 443 -36.36 1.55 14.85
N LEU A 444 -37.62 1.51 15.25
CA LEU A 444 -38.67 2.33 14.67
C LEU A 444 -38.91 3.62 15.46
N SER A 445 -38.14 3.84 16.51
CA SER A 445 -38.57 4.82 17.55
C SER A 445 -38.38 6.26 17.14
N LEU A 446 -37.52 6.53 16.19
CA LEU A 446 -37.26 7.90 15.72
C LEU A 446 -38.23 8.34 14.63
N GLU A 447 -39.00 7.39 14.11
CA GLU A 447 -39.96 7.63 13.04
C GLU A 447 -41.12 8.49 13.52
N VAL A 448 -41.47 9.44 12.67
CA VAL A 448 -42.50 10.44 12.98
C VAL A 448 -43.92 9.94 12.65
N ARG A 449 -44.93 10.68 13.11
CA ARG A 449 -46.33 10.52 12.71
C ARG A 449 -47.21 11.69 13.21
N ASN B 4 -16.35 32.29 -6.42
CA ASN B 4 -16.24 32.21 -7.91
C ASN B 4 -16.52 30.79 -8.47
N GLU B 5 -15.53 29.89 -8.39
CA GLU B 5 -15.73 28.47 -8.82
C GLU B 5 -16.01 27.55 -7.62
N LEU B 6 -15.75 28.10 -6.43
CA LEU B 6 -15.97 27.43 -5.15
C LEU B 6 -17.45 27.52 -4.74
N LEU B 7 -18.18 28.31 -5.51
CA LEU B 7 -19.59 28.59 -5.32
C LEU B 7 -20.39 27.49 -6.04
N HIS B 8 -19.82 26.93 -7.11
CA HIS B 8 -20.57 26.11 -8.05
C HIS B 8 -21.02 24.82 -7.39
N LEU B 9 -22.27 24.46 -7.67
CA LEU B 9 -22.82 23.21 -7.24
C LEU B 9 -23.04 22.37 -8.49
N ALA B 10 -22.10 21.46 -8.76
CA ALA B 10 -22.15 20.63 -9.96
C ALA B 10 -23.50 19.89 -10.00
N PRO B 11 -24.31 20.17 -11.03
CA PRO B 11 -25.61 19.50 -11.14
C PRO B 11 -25.62 17.98 -11.21
N ASN B 12 -24.51 17.36 -11.62
CA ASN B 12 -24.42 15.89 -11.60
C ASN B 12 -24.20 15.39 -10.14
N VAL B 13 -23.71 16.28 -9.28
CA VAL B 13 -23.45 15.93 -7.87
C VAL B 13 -24.64 16.26 -6.91
N TRP B 14 -25.21 17.45 -7.05
CA TRP B 14 -26.15 17.99 -6.06
C TRP B 14 -27.56 17.48 -6.37
N PRO B 15 -28.48 17.53 -5.37
CA PRO B 15 -29.82 17.05 -5.68
C PRO B 15 -30.43 17.84 -6.83
N ARG B 16 -31.30 17.20 -7.58
CA ARG B 16 -31.88 17.79 -8.79
C ARG B 16 -32.58 19.14 -8.60
N ASN B 17 -33.13 19.36 -7.40
CA ASN B 17 -33.91 20.56 -7.10
C ASN B 17 -33.14 21.60 -6.25
N THR B 18 -31.81 21.58 -6.40
CA THR B 18 -30.93 22.56 -5.81
C THR B 18 -30.90 23.85 -6.65
N THR B 19 -31.03 24.98 -5.96
CA THR B 19 -30.88 26.31 -6.55
C THR B 19 -30.07 27.20 -5.61
N ARG B 20 -29.73 28.39 -6.09
CA ARG B 20 -29.21 29.39 -5.16
C ARG B 20 -30.06 30.67 -5.09
N ASP B 21 -30.36 31.10 -3.84
CA ASP B 21 -31.00 32.40 -3.47
C ASP B 21 -30.49 33.59 -4.26
N GLU B 22 -31.21 34.71 -4.19
CA GLU B 22 -30.62 36.01 -4.54
C GLU B 22 -29.80 36.68 -3.40
N VAL B 23 -29.87 36.07 -2.22
CA VAL B 23 -29.06 36.44 -1.02
C VAL B 23 -27.86 35.46 -0.86
N GLY B 24 -27.84 34.47 -1.75
CA GLY B 24 -26.70 33.56 -1.90
C GLY B 24 -26.80 32.33 -1.03
N VAL B 25 -28.02 31.94 -0.68
CA VAL B 25 -28.23 30.73 0.09
C VAL B 25 -28.78 29.68 -0.87
N VAL B 26 -28.20 28.52 -0.73
CA VAL B 26 -28.57 27.36 -1.44
C VAL B 26 -29.93 26.94 -0.88
N CYS B 27 -30.88 26.80 -1.80
CA CYS B 27 -32.15 26.16 -1.49
C CYS B 27 -32.25 24.72 -2.02
N ILE B 28 -33.01 23.91 -1.28
CA ILE B 28 -33.40 22.60 -1.79
C ILE B 28 -34.90 22.56 -1.86
N ALA B 29 -35.39 22.15 -3.03
CA ALA B 29 -36.82 22.13 -3.35
C ALA B 29 -37.46 23.43 -2.94
N GLY B 30 -36.74 24.55 -3.13
CA GLY B 30 -37.30 25.88 -2.85
C GLY B 30 -37.15 26.38 -1.41
N ILE B 31 -36.52 25.62 -0.53
CA ILE B 31 -36.35 26.05 0.87
C ILE B 31 -34.88 26.38 1.14
N PRO B 32 -34.60 27.61 1.63
CA PRO B 32 -33.23 27.94 2.03
C PRO B 32 -32.72 26.97 3.08
N LEU B 33 -31.49 26.51 2.89
CA LEU B 33 -30.82 25.63 3.82
C LEU B 33 -30.64 26.26 5.20
N THR B 34 -30.49 27.59 5.22
CA THR B 34 -30.38 28.34 6.49
C THR B 34 -31.66 28.22 7.35
N GLN B 35 -32.83 28.23 6.68
CA GLN B 35 -34.10 28.04 7.35
C GLN B 35 -34.22 26.65 7.93
N LEU B 36 -33.77 25.63 7.18
CA LEU B 36 -33.83 24.27 7.66
C LEU B 36 -32.96 24.07 8.93
N ALA B 37 -31.76 24.64 8.91
CA ALA B 37 -30.89 24.58 10.09
C ALA B 37 -31.55 25.30 11.30
N GLN B 38 -32.19 26.44 11.04
CA GLN B 38 -32.91 27.17 12.07
C GLN B 38 -34.11 26.42 12.67
N GLU B 39 -34.93 25.81 11.81
CA GLU B 39 -36.07 25.03 12.26
C GLU B 39 -35.65 23.72 12.92
N TYR B 40 -34.68 23.03 12.34
CA TYR B 40 -34.49 21.64 12.67
C TYR B 40 -33.18 21.32 13.35
N GLY B 41 -32.28 22.33 13.41
CA GLY B 41 -30.93 22.14 13.95
C GLY B 41 -29.99 21.46 12.98
N THR B 42 -28.67 21.46 13.30
CA THR B 42 -27.68 20.69 12.58
C THR B 42 -26.97 19.71 13.55
N PRO B 43 -26.32 18.66 13.03
CA PRO B 43 -26.30 18.23 11.62
C PRO B 43 -27.73 17.83 11.15
N LEU B 44 -27.98 17.89 9.84
CA LEU B 44 -29.28 17.59 9.34
C LEU B 44 -29.15 16.86 8.01
N PHE B 45 -29.79 15.69 7.88
CA PHE B 45 -29.95 15.04 6.59
C PHE B 45 -31.13 15.71 5.90
N VAL B 46 -30.90 16.25 4.70
CA VAL B 46 -31.97 16.90 3.92
C VAL B 46 -32.26 16.05 2.68
N ILE B 47 -33.49 15.52 2.58
CA ILE B 47 -33.86 14.65 1.44
C ILE B 47 -34.68 15.39 0.41
N ASP B 48 -34.14 15.48 -0.80
CA ASP B 48 -34.91 16.04 -1.92
C ASP B 48 -35.85 14.92 -2.39
N GLU B 49 -37.11 14.99 -1.95
CA GLU B 49 -38.04 13.88 -2.22
C GLU B 49 -38.30 13.63 -3.70
N ASP B 50 -38.54 14.70 -4.42
CA ASP B 50 -38.67 14.66 -5.88
C ASP B 50 -37.48 14.03 -6.60
N ASP B 51 -36.27 14.40 -6.18
CA ASP B 51 -35.08 13.81 -6.76
C ASP B 51 -35.13 12.29 -6.61
N PHE B 52 -35.36 11.80 -5.39
CA PHE B 52 -35.40 10.35 -5.06
C PHE B 52 -36.45 9.61 -5.95
N ARG B 53 -37.64 10.21 -6.02
CA ARG B 53 -38.70 9.66 -6.85
C ARG B 53 -38.36 9.63 -8.34
N SER B 54 -37.74 10.71 -8.83
CA SER B 54 -37.25 10.80 -10.21
C SER B 54 -36.29 9.68 -10.61
N ARG B 55 -35.36 9.42 -9.72
CA ARG B 55 -34.39 8.35 -9.83
C ARG B 55 -35.11 6.98 -9.96
N CYS B 56 -36.14 6.78 -9.15
CA CYS B 56 -36.98 5.60 -9.17
C CYS B 56 -37.64 5.47 -10.53
N ARG B 57 -38.28 6.54 -10.96
CA ARG B 57 -39.02 6.61 -12.19
C ARG B 57 -38.11 6.39 -13.41
N GLU B 58 -36.92 6.97 -13.41
CA GLU B 58 -36.11 6.85 -14.63
C GLU B 58 -35.42 5.49 -14.73
N THR B 59 -35.08 4.92 -13.59
CA THR B 59 -34.49 3.62 -13.54
C THR B 59 -35.53 2.59 -13.90
N ALA B 60 -36.77 2.77 -13.41
CA ALA B 60 -37.86 1.86 -13.75
C ALA B 60 -38.06 1.85 -15.24
N ALA B 61 -38.08 3.03 -15.85
CA ALA B 61 -38.32 3.14 -17.27
C ALA B 61 -37.19 2.55 -18.04
N ALA B 62 -35.95 2.81 -17.60
CA ALA B 62 -34.76 2.32 -18.29
C ALA B 62 -34.71 0.81 -18.30
N PHE B 63 -35.20 0.17 -17.24
CA PHE B 63 -35.17 -1.32 -17.18
C PHE B 63 -36.46 -2.01 -17.64
N GLY B 64 -37.38 -1.23 -18.19
CA GLY B 64 -38.60 -1.78 -18.74
C GLY B 64 -39.79 -1.71 -17.82
N SER B 65 -39.56 -1.66 -16.50
CA SER B 65 -40.61 -1.70 -15.48
C SER B 65 -39.98 -1.61 -14.08
N GLY B 66 -40.75 -1.05 -13.14
CA GLY B 66 -40.38 -1.01 -11.72
C GLY B 66 -40.21 -2.41 -11.12
N ALA B 67 -40.89 -3.40 -11.69
CA ALA B 67 -40.73 -4.77 -11.25
C ALA B 67 -39.29 -5.28 -11.48
N ASN B 68 -38.55 -4.67 -12.41
CA ASN B 68 -37.18 -5.12 -12.73
C ASN B 68 -36.11 -4.32 -11.95
N VAL B 69 -36.57 -3.42 -11.07
CA VAL B 69 -35.67 -2.57 -10.31
C VAL B 69 -35.98 -2.74 -8.83
N HIS B 70 -35.05 -3.37 -8.10
CA HIS B 70 -35.25 -3.72 -6.70
C HIS B 70 -34.44 -2.80 -5.84
N TYR B 71 -35.04 -1.87 -5.11
CA TYR B 71 -34.25 -0.94 -4.27
C TYR B 71 -33.59 -1.68 -3.11
N ALA B 72 -32.29 -1.46 -2.98
CA ALA B 72 -31.49 -2.11 -1.92
C ALA B 72 -31.63 -1.26 -0.64
N ALA B 73 -32.43 -1.75 0.31
CA ALA B 73 -32.81 -0.99 1.51
C ALA B 73 -31.60 -0.66 2.41
N ALA B 75 -29.03 0.78 1.66
CA ALA B 75 -28.53 2.12 1.41
C ALA B 75 -29.17 3.13 2.36
N PHE B 76 -30.47 2.96 2.62
CA PHE B 76 -31.20 3.79 3.56
C PHE B 76 -32.65 3.30 3.62
N LEU B 77 -33.12 3.00 4.83
CA LEU B 77 -34.49 2.53 5.00
C LEU B 77 -35.13 3.14 6.23
N CYS B 78 -36.38 3.56 6.07
CA CYS B 78 -37.33 3.87 7.14
C CYS B 78 -38.71 3.64 6.51
N SER B 79 -39.76 3.73 7.31
CA SER B 79 -41.15 3.54 6.80
C SER B 79 -41.49 4.52 5.69
N GLU B 80 -41.08 5.78 5.86
CA GLU B 80 -41.35 6.78 4.83
C GLU B 80 -40.80 6.35 3.46
N VAL B 81 -39.53 5.95 3.47
CA VAL B 81 -38.87 5.52 2.24
C VAL B 81 -39.52 4.25 1.64
N ALA B 82 -39.86 3.27 2.48
CA ALA B 82 -40.54 2.05 2.00
C ALA B 82 -41.83 2.43 1.24
N ARG B 83 -42.56 3.39 1.79
CA ARG B 83 -43.73 3.99 1.14
C ARG B 83 -43.43 4.58 -0.28
N TRP B 84 -42.36 5.37 -0.40
CA TRP B 84 -42.00 5.93 -1.67
C TRP B 84 -41.69 4.83 -2.68
N ILE B 85 -40.88 3.85 -2.28
CA ILE B 85 -40.57 2.73 -3.13
C ILE B 85 -41.85 2.02 -3.61
N SER B 86 -42.73 1.70 -2.68
CA SER B 86 -43.97 1.03 -3.02
C SER B 86 -44.79 1.84 -4.02
N GLU B 87 -44.97 3.14 -3.75
CA GLU B 87 -45.71 4.05 -4.63
C GLU B 87 -45.12 4.23 -6.02
N GLU B 88 -43.79 4.26 -6.11
CA GLU B 88 -43.12 4.39 -7.37
C GLU B 88 -43.10 3.07 -8.17
N GLY B 89 -43.57 1.98 -7.55
CA GLY B 89 -43.75 0.71 -8.27
C GLY B 89 -42.54 -0.21 -8.35
N LEU B 90 -41.53 0.08 -7.50
CA LEU B 90 -40.35 -0.75 -7.49
C LEU B 90 -40.45 -1.89 -6.47
N CYS B 91 -39.53 -2.85 -6.55
CA CYS B 91 -39.36 -3.86 -5.54
C CYS B 91 -38.38 -3.44 -4.47
N LEU B 92 -38.32 -4.23 -3.42
CA LEU B 92 -37.52 -3.89 -2.25
C LEU B 92 -36.70 -5.09 -1.82
N ASP B 93 -35.38 -4.86 -1.67
CA ASP B 93 -34.46 -5.89 -1.20
C ASP B 93 -34.19 -5.67 0.23
N VAL B 94 -34.42 -6.70 1.03
CA VAL B 94 -34.16 -6.63 2.45
C VAL B 94 -33.12 -7.66 2.81
N CYS B 95 -32.38 -7.37 3.87
CA CYS B 95 -31.15 -8.09 4.16
C CYS B 95 -31.20 -8.91 5.46
N THR B 96 -31.77 -8.37 6.53
CA THR B 96 -31.92 -9.22 7.72
C THR B 96 -33.38 -9.15 8.21
N GLY B 97 -33.67 -9.77 9.35
CA GLY B 97 -35.03 -9.72 9.95
C GLY B 97 -35.56 -8.32 10.26
N GLY B 98 -34.67 -7.42 10.68
CA GLY B 98 -35.02 -6.03 11.00
C GLY B 98 -35.47 -5.22 9.79
N GLU B 99 -34.78 -5.40 8.66
CA GLU B 99 -35.21 -4.72 7.43
C GLU B 99 -36.55 -5.24 7.01
N LEU B 100 -36.73 -6.57 7.05
CA LEU B 100 -38.03 -7.15 6.77
C LEU B 100 -39.08 -6.56 7.66
N ALA B 101 -38.86 -6.64 8.97
CA ALA B 101 -39.83 -6.09 9.95
C ALA B 101 -40.17 -4.62 9.67
N VAL B 102 -39.21 -3.81 9.25
CA VAL B 102 -39.51 -2.40 8.99
C VAL B 102 -40.37 -2.29 7.77
N ALA B 103 -40.06 -3.09 6.75
CA ALA B 103 -40.83 -3.14 5.50
C ALA B 103 -42.29 -3.54 5.77
N LEU B 104 -42.45 -4.61 6.54
CA LEU B 104 -43.79 -5.12 6.85
C LEU B 104 -44.54 -4.11 7.71
N HIS B 105 -43.82 -3.47 8.63
CA HIS B 105 -44.37 -2.39 9.43
C HIS B 105 -44.95 -1.25 8.58
N ALA B 106 -44.29 -0.97 7.47
CA ALA B 106 -44.66 0.12 6.58
C ALA B 106 -45.68 -0.35 5.55
N SER B 107 -46.13 -1.59 5.69
CA SER B 107 -47.11 -2.12 4.76
C SER B 107 -46.56 -2.39 3.36
N PHE B 108 -45.26 -2.64 3.23
CA PHE B 108 -44.74 -2.91 1.90
C PHE B 108 -45.27 -4.27 1.42
N PRO B 109 -45.83 -4.32 0.19
CA PRO B 109 -46.32 -5.61 -0.37
C PRO B 109 -45.26 -6.71 -0.39
N PRO B 110 -45.49 -7.78 0.40
CA PRO B 110 -44.55 -8.92 0.58
C PRO B 110 -44.13 -9.58 -0.71
N GLU B 111 -45.02 -9.63 -1.69
CA GLU B 111 -44.70 -10.24 -2.96
C GLU B 111 -43.63 -9.45 -3.73
N ARG B 112 -43.44 -8.19 -3.38
CA ARG B 112 -42.44 -7.34 -4.02
C ARG B 112 -41.16 -7.21 -3.14
N ILE B 113 -41.07 -8.09 -2.14
CA ILE B 113 -39.90 -8.08 -1.30
C ILE B 113 -38.98 -9.24 -1.71
N THR B 114 -37.69 -8.96 -1.72
CA THR B 114 -36.73 -10.05 -1.88
C THR B 114 -35.80 -10.10 -0.65
N LEU B 115 -35.57 -11.31 -0.10
CA LEU B 115 -34.66 -11.45 1.04
C LEU B 115 -33.26 -11.88 0.63
N HIS B 116 -32.27 -11.07 1.06
CA HIS B 116 -30.85 -11.33 0.77
C HIS B 116 -30.13 -11.71 2.06
N GLY B 117 -28.96 -12.34 1.92
CA GLY B 117 -28.02 -12.49 3.06
C GLY B 117 -27.27 -13.80 3.09
N ASN B 118 -26.07 -13.72 3.62
CA ASN B 118 -25.18 -14.89 3.70
C ASN B 118 -25.44 -15.80 4.92
N ASN B 119 -26.15 -15.26 5.92
CA ASN B 119 -26.38 -15.97 7.17
C ASN B 119 -27.84 -15.82 7.68
N LYS B 120 -28.83 -16.09 6.82
CA LYS B 120 -30.23 -16.00 7.24
C LYS B 120 -30.51 -17.09 8.29
N SER B 121 -31.07 -16.69 9.43
CA SER B 121 -31.39 -17.65 10.47
C SER B 121 -32.71 -18.36 10.14
N VAL B 122 -32.91 -19.52 10.75
CA VAL B 122 -34.22 -20.23 10.71
C VAL B 122 -35.39 -19.25 11.02
N SER B 123 -35.22 -18.42 12.04
CA SER B 123 -36.25 -17.47 12.40
C SER B 123 -36.52 -16.40 11.33
N GLU B 124 -35.48 -15.92 10.64
CA GLU B 124 -35.71 -14.96 9.56
C GLU B 124 -36.41 -15.62 8.34
N LEU B 125 -35.93 -16.81 8.00
CA LEU B 125 -36.53 -17.57 6.92
C LEU B 125 -37.98 -17.85 7.21
N THR B 126 -38.25 -18.34 8.45
CA THR B 126 -39.59 -18.61 8.91
C THR B 126 -40.52 -17.35 8.83
N ALA B 127 -40.06 -16.19 9.33
CA ALA B 127 -40.82 -14.96 9.20
C ALA B 127 -41.06 -14.51 7.76
N ALA B 128 -40.08 -14.72 6.88
CA ALA B 128 -40.21 -14.37 5.47
C ALA B 128 -41.31 -15.18 4.77
N VAL B 129 -41.33 -16.49 5.00
CA VAL B 129 -42.40 -17.28 4.38
C VAL B 129 -43.76 -17.03 5.06
N LYS B 130 -43.74 -16.82 6.38
CA LYS B 130 -44.99 -16.49 7.05
C LYS B 130 -45.63 -15.21 6.47
N ALA B 131 -44.80 -14.19 6.22
CA ALA B 131 -45.23 -12.98 5.56
C ALA B 131 -45.61 -13.15 4.06
N GLY B 132 -45.21 -14.24 3.40
CA GLY B 132 -45.45 -14.36 1.95
C GLY B 132 -44.49 -13.54 1.08
N VAL B 133 -43.25 -13.38 1.57
CA VAL B 133 -42.14 -12.78 0.78
C VAL B 133 -41.97 -13.45 -0.58
N GLY B 134 -41.88 -12.66 -1.65
CA GLY B 134 -41.97 -13.23 -3.00
C GLY B 134 -40.74 -14.04 -3.34
N HIS B 135 -39.57 -13.51 -2.99
CA HIS B 135 -38.30 -14.15 -3.37
C HIS B 135 -37.30 -14.25 -2.24
N ILE B 136 -36.57 -15.37 -2.20
CA ILE B 136 -35.43 -15.51 -1.30
C ILE B 136 -34.20 -15.86 -2.15
N VAL B 137 -33.18 -15.02 -2.09
CA VAL B 137 -31.92 -15.33 -2.76
C VAL B 137 -31.05 -16.16 -1.84
N VAL B 138 -31.01 -17.45 -2.12
CA VAL B 138 -30.27 -18.40 -1.30
C VAL B 138 -28.72 -18.33 -1.49
N ASP B 139 -27.97 -18.43 -0.39
CA ASP B 139 -26.54 -18.19 -0.41
C ASP B 139 -25.66 -19.41 -0.03
N SER B 140 -26.26 -20.52 0.41
CA SER B 140 -25.53 -21.68 0.89
C SER B 140 -26.42 -22.93 0.82
N MET B 141 -25.76 -24.09 0.84
CA MET B 141 -26.44 -25.35 0.86
C MET B 141 -27.32 -25.47 2.12
N THR B 142 -26.80 -25.00 3.23
CA THR B 142 -27.51 -24.98 4.52
C THR B 142 -28.82 -24.19 4.45
N GLU B 143 -28.77 -22.99 3.87
CA GLU B 143 -29.98 -22.18 3.72
C GLU B 143 -31.02 -22.96 2.90
N ILE B 144 -30.59 -23.57 1.81
CA ILE B 144 -31.49 -24.36 0.98
C ILE B 144 -32.23 -25.44 1.80
N GLU B 145 -31.48 -26.23 2.59
CA GLU B 145 -32.09 -27.24 3.48
C GLU B 145 -33.04 -26.63 4.52
N ARG B 146 -32.65 -25.50 5.13
CA ARG B 146 -33.53 -24.85 6.06
C ARG B 146 -34.82 -24.42 5.41
N LEU B 147 -34.72 -23.74 4.27
CA LEU B 147 -35.86 -23.12 3.60
C LEU B 147 -36.82 -24.19 3.11
N ASP B 148 -36.30 -25.21 2.45
CA ASP B 148 -37.06 -26.40 2.04
C ASP B 148 -37.98 -26.88 3.17
N ALA B 149 -37.39 -27.08 4.35
CA ALA B 149 -38.17 -27.59 5.49
C ALA B 149 -39.22 -26.54 5.85
N ILE B 150 -38.84 -25.27 5.83
CA ILE B 150 -39.74 -24.22 6.30
C ILE B 150 -40.96 -24.09 5.37
N ALA B 151 -40.68 -24.05 4.05
CA ALA B 151 -41.69 -23.92 3.03
C ALA B 151 -42.68 -25.10 3.05
N GLY B 152 -42.18 -26.32 3.28
CA GLY B 152 -42.99 -27.52 3.35
C GLY B 152 -43.90 -27.51 4.55
N GLU B 153 -43.41 -27.01 5.68
CA GLU B 153 -44.23 -26.87 6.85
C GLU B 153 -45.36 -25.86 6.62
N ALA B 154 -45.08 -24.80 5.85
CA ALA B 154 -46.05 -23.76 5.56
C ALA B 154 -47.06 -24.22 4.54
N GLY B 155 -46.75 -25.30 3.84
CA GLY B 155 -47.62 -25.81 2.75
C GLY B 155 -47.52 -24.94 1.49
N ILE B 156 -46.40 -24.22 1.34
CA ILE B 156 -46.21 -23.41 0.15
C ILE B 156 -44.96 -23.79 -0.67
N VAL B 157 -44.88 -23.24 -1.89
CA VAL B 157 -43.75 -23.38 -2.76
C VAL B 157 -43.09 -22.04 -2.79
N GLN B 158 -41.85 -21.99 -2.26
CA GLN B 158 -41.09 -20.78 -2.21
C GLN B 158 -40.19 -20.54 -3.45
N ASP B 159 -40.41 -19.43 -4.13
CA ASP B 159 -39.55 -18.93 -5.22
C ASP B 159 -38.19 -18.41 -4.76
N VAL B 160 -37.16 -18.97 -5.36
CA VAL B 160 -35.81 -18.61 -4.97
C VAL B 160 -34.94 -18.27 -6.19
N LEU B 161 -33.85 -17.55 -5.93
CA LEU B 161 -32.74 -17.45 -6.82
C LEU B 161 -31.49 -17.86 -6.08
N VAL B 162 -30.51 -18.37 -6.85
CA VAL B 162 -29.23 -18.81 -6.34
C VAL B 162 -28.20 -17.74 -6.63
N ARG B 163 -27.51 -17.31 -5.57
CA ARG B 163 -26.49 -16.28 -5.67
C ARG B 163 -25.19 -16.93 -6.11
N LEU B 164 -24.58 -16.35 -7.15
CA LEU B 164 -23.43 -16.95 -7.80
C LEU B 164 -22.23 -16.07 -7.51
N THR B 165 -21.07 -16.71 -7.40
CA THR B 165 -19.79 -15.99 -7.44
C THR B 165 -19.19 -16.32 -8.80
N VAL B 166 -18.88 -15.30 -9.60
CA VAL B 166 -18.35 -15.54 -10.96
C VAL B 166 -16.97 -14.91 -11.20
N GLY B 167 -16.33 -14.44 -10.13
CA GLY B 167 -14.98 -13.95 -10.22
C GLY B 167 -14.81 -12.62 -10.96
N VAL B 168 -15.77 -11.72 -10.80
CA VAL B 168 -15.73 -10.41 -11.41
C VAL B 168 -15.95 -9.40 -10.30
N GLU B 169 -15.06 -8.42 -10.21
CA GLU B 169 -15.20 -7.34 -9.28
C GLU B 169 -14.99 -6.02 -10.05
N ALA B 170 -16.06 -5.25 -10.22
CA ALA B 170 -15.98 -3.99 -10.96
C ALA B 170 -16.07 -2.78 -10.08
N HIS B 171 -15.28 -1.75 -10.44
CA HIS B 171 -15.39 -0.40 -9.85
C HIS B 171 -15.15 0.64 -10.91
N THR B 172 -15.82 1.80 -10.78
CA THR B 172 -15.69 2.91 -11.75
C THR B 172 -15.48 2.41 -13.17
N HIS B 173 -14.32 2.61 -13.76
CA HIS B 173 -14.17 2.25 -15.19
C HIS B 173 -13.32 1.02 -15.40
N GLU B 174 -13.20 0.18 -14.38
CA GLU B 174 -12.42 -1.01 -14.54
C GLU B 174 -13.08 -2.22 -13.90
N PHE B 175 -12.56 -3.41 -14.23
CA PHE B 175 -12.86 -4.58 -13.47
C PHE B 175 -11.66 -5.56 -13.35
N ILE B 176 -11.74 -6.42 -12.33
CA ILE B 176 -10.84 -7.52 -12.07
C ILE B 176 -11.56 -8.89 -12.18
N SER B 177 -11.01 -9.78 -12.99
CA SER B 177 -11.48 -11.13 -13.00
C SER B 177 -10.47 -11.99 -12.25
N THR B 178 -10.99 -12.80 -11.33
CA THR B 178 -10.20 -13.74 -10.55
C THR B 178 -10.64 -15.17 -10.81
N ALA B 179 -9.69 -16.10 -10.72
CA ALA B 179 -9.95 -17.52 -10.73
C ALA B 179 -10.81 -18.01 -9.55
N HIS B 180 -10.65 -17.40 -8.38
CA HIS B 180 -11.39 -17.73 -7.16
C HIS B 180 -11.64 -16.45 -6.47
N GLU B 181 -12.91 -16.07 -6.36
CA GLU B 181 -13.24 -14.94 -5.52
C GLU B 181 -13.22 -15.49 -4.08
N ASP B 182 -12.50 -14.78 -3.23
CA ASP B 182 -12.30 -15.24 -1.87
C ASP B 182 -13.18 -14.34 -0.98
N GLN B 183 -14.47 -14.67 -0.93
CA GLN B 183 -15.37 -13.90 -0.11
C GLN B 183 -16.60 -14.71 0.32
N LYS B 184 -17.44 -14.08 1.11
CA LYS B 184 -18.47 -14.83 1.84
C LYS B 184 -19.71 -15.26 1.04
N PHE B 185 -20.06 -14.55 -0.02
CA PHE B 185 -21.36 -14.73 -0.64
C PHE B 185 -21.35 -15.69 -1.79
N GLY B 186 -22.50 -16.30 -2.02
CA GLY B 186 -22.70 -17.07 -3.24
C GLY B 186 -21.96 -18.38 -3.32
N LEU B 187 -22.21 -19.07 -4.43
CA LEU B 187 -21.60 -20.38 -4.74
C LEU B 187 -20.93 -20.28 -6.08
N SER B 188 -19.78 -20.94 -6.17
CA SER B 188 -18.93 -20.82 -7.29
C SER B 188 -19.46 -21.61 -8.48
N VAL B 189 -19.64 -20.92 -9.60
CA VAL B 189 -19.97 -21.55 -10.88
C VAL B 189 -18.83 -22.46 -11.28
N ALA B 190 -17.62 -21.89 -11.29
CA ALA B 190 -16.44 -22.64 -11.75
C ALA B 190 -16.16 -23.96 -10.95
N SER B 191 -16.38 -23.98 -9.64
CA SER B 191 -15.99 -25.16 -8.84
C SER B 191 -17.02 -26.26 -8.91
N GLY B 192 -18.19 -25.94 -9.45
CA GLY B 192 -19.32 -26.88 -9.49
C GLY B 192 -20.24 -26.70 -8.30
N ALA B 193 -19.89 -25.79 -7.38
CA ALA B 193 -20.76 -25.58 -6.17
C ALA B 193 -22.14 -24.99 -6.52
N ALA B 194 -22.20 -24.12 -7.52
CA ALA B 194 -23.45 -23.56 -7.98
C ALA B 194 -24.40 -24.64 -8.53
N MET B 195 -23.87 -25.54 -9.37
CA MET B 195 -24.67 -26.56 -9.97
C MET B 195 -25.20 -27.54 -8.88
N ALA B 196 -24.36 -27.86 -7.89
CA ALA B 196 -24.79 -28.69 -6.76
C ALA B 196 -25.98 -28.09 -6.02
N ALA B 197 -26.02 -26.76 -5.93
CA ALA B 197 -27.10 -26.05 -5.27
C ALA B 197 -28.36 -26.09 -6.12
N VAL B 198 -28.22 -25.90 -7.44
CA VAL B 198 -29.34 -25.97 -8.34
C VAL B 198 -29.96 -27.35 -8.24
N ARG B 199 -29.13 -28.41 -8.30
CA ARG B 199 -29.63 -29.77 -8.21
C ARG B 199 -30.45 -29.91 -6.93
N ARG B 200 -29.95 -29.33 -5.85
CA ARG B 200 -30.58 -29.49 -4.55
C ARG B 200 -31.99 -28.86 -4.52
N VAL B 201 -32.10 -27.63 -5.04
CA VAL B 201 -33.39 -26.99 -5.21
C VAL B 201 -34.33 -27.80 -6.12
N PHE B 202 -33.82 -28.28 -7.24
CA PHE B 202 -34.59 -29.12 -8.12
C PHE B 202 -35.04 -30.42 -7.42
N ALA B 203 -34.23 -30.93 -6.48
CA ALA B 203 -34.61 -32.17 -5.73
C ALA B 203 -35.89 -32.05 -4.93
N THR B 204 -36.18 -30.83 -4.49
CA THR B 204 -37.31 -30.69 -3.61
C THR B 204 -38.50 -30.11 -4.29
N ASP B 205 -39.62 -30.38 -3.63
CA ASP B 205 -40.95 -30.01 -4.04
C ASP B 205 -41.31 -28.61 -3.54
N HIS B 206 -40.69 -28.15 -2.45
CA HIS B 206 -41.17 -26.95 -1.74
C HIS B 206 -40.50 -25.71 -2.20
N LEU B 207 -39.62 -25.86 -3.19
CA LEU B 207 -38.88 -24.65 -3.66
C LEU B 207 -39.04 -24.55 -5.13
N ARG B 208 -39.04 -23.34 -5.65
CA ARG B 208 -38.98 -23.17 -7.09
C ARG B 208 -37.83 -22.26 -7.56
N LEU B 209 -36.96 -22.78 -8.44
CA LEU B 209 -35.88 -21.93 -8.96
C LEU B 209 -36.42 -21.02 -10.07
N VAL B 210 -36.41 -19.71 -9.79
CA VAL B 210 -36.91 -18.75 -10.78
C VAL B 210 -35.81 -17.90 -11.40
N GLY B 211 -34.58 -17.98 -10.88
CA GLY B 211 -33.56 -17.11 -11.41
C GLY B 211 -32.17 -17.24 -10.83
N LEU B 212 -31.25 -16.43 -11.36
CA LEU B 212 -29.89 -16.51 -10.86
C LEU B 212 -29.39 -15.10 -10.55
N HIS B 213 -28.58 -15.04 -9.49
CA HIS B 213 -28.15 -13.75 -9.02
C HIS B 213 -26.65 -13.59 -8.96
N SER B 214 -26.18 -12.41 -9.32
CA SER B 214 -24.79 -12.02 -9.21
C SER B 214 -24.70 -10.53 -8.81
N HIS B 215 -23.74 -10.19 -7.96
CA HIS B 215 -23.49 -8.82 -7.54
C HIS B 215 -21.99 -8.60 -7.65
N ILE B 216 -21.58 -7.57 -8.38
CA ILE B 216 -20.17 -7.50 -8.77
C ILE B 216 -19.35 -6.31 -8.32
N GLY B 217 -19.96 -5.37 -7.60
CA GLY B 217 -19.17 -4.26 -7.06
C GLY B 217 -19.98 -2.99 -6.82
N SER B 218 -19.32 -1.86 -6.96
CA SER B 218 -19.95 -0.61 -6.56
C SER B 218 -19.38 0.56 -7.36
N GLN B 219 -20.18 1.63 -7.51
CA GLN B 219 -19.72 2.79 -8.28
C GLN B 219 -19.33 2.36 -9.67
N ILE B 220 -20.12 1.46 -10.26
CA ILE B 220 -19.76 0.92 -11.57
C ILE B 220 -20.22 1.89 -12.68
N PHE B 221 -19.27 2.38 -13.48
CA PHE B 221 -19.52 3.38 -14.52
C PHE B 221 -19.54 2.80 -15.94
N ASP B 222 -19.00 1.58 -16.13
CA ASP B 222 -18.99 0.89 -17.44
C ASP B 222 -19.70 -0.45 -17.37
N VAL B 223 -19.91 -1.02 -18.53
CA VAL B 223 -20.73 -2.18 -18.67
C VAL B 223 -19.89 -3.47 -18.80
N ASP B 224 -18.58 -3.35 -18.98
CA ASP B 224 -17.75 -4.52 -19.36
C ASP B 224 -17.64 -5.56 -18.25
N GLY B 225 -17.53 -5.11 -17.01
CA GLY B 225 -17.60 -6.06 -15.91
C GLY B 225 -18.87 -6.86 -15.88
N PHE B 226 -20.01 -6.16 -16.04
CA PHE B 226 -21.34 -6.80 -16.16
C PHE B 226 -21.40 -7.82 -17.31
N GLU B 227 -20.74 -7.48 -18.43
CA GLU B 227 -20.80 -8.36 -19.58
C GLU B 227 -20.14 -9.71 -19.29
N LEU B 228 -18.94 -9.66 -18.71
CA LEU B 228 -18.27 -10.85 -18.32
C LEU B 228 -19.05 -11.55 -17.25
N ALA B 229 -19.60 -10.81 -16.31
CA ALA B 229 -20.39 -11.52 -15.30
C ALA B 229 -21.56 -12.24 -15.93
N ALA B 230 -22.26 -11.55 -16.83
CA ALA B 230 -23.47 -12.11 -17.48
C ALA B 230 -23.09 -13.32 -18.29
N HIS B 231 -21.94 -13.24 -18.94
CA HIS B 231 -21.45 -14.37 -19.72
C HIS B 231 -21.31 -15.60 -18.82
N ARG B 232 -20.76 -15.37 -17.65
CA ARG B 232 -20.48 -16.46 -16.73
C ARG B 232 -21.79 -17.01 -16.13
N VAL B 233 -22.71 -16.12 -15.71
CA VAL B 233 -24.00 -16.51 -15.19
C VAL B 233 -24.82 -17.32 -16.20
N ILE B 234 -24.97 -16.79 -17.42
CA ILE B 234 -25.71 -17.45 -18.46
C ILE B 234 -25.06 -18.78 -18.89
N GLY B 235 -23.73 -18.89 -18.75
CA GLY B 235 -23.04 -20.15 -18.94
C GLY B 235 -23.55 -21.25 -18.02
N LEU B 236 -23.74 -20.93 -16.74
CA LEU B 236 -24.39 -21.83 -15.79
C LEU B 236 -25.85 -22.17 -16.22
N LEU B 237 -26.59 -21.15 -16.59
CA LEU B 237 -27.95 -21.33 -17.16
C LEU B 237 -27.96 -22.38 -18.25
N ARG B 238 -27.03 -22.25 -19.20
CA ARG B 238 -26.87 -23.28 -20.23
C ARG B 238 -26.53 -24.65 -19.64
N ASP B 239 -25.65 -24.72 -18.65
CA ASP B 239 -25.31 -26.05 -18.10
C ASP B 239 -26.57 -26.66 -17.45
N VAL B 240 -27.31 -25.83 -16.71
CA VAL B 240 -28.53 -26.23 -16.00
C VAL B 240 -29.60 -26.83 -16.93
N VAL B 241 -30.04 -26.08 -17.96
CA VAL B 241 -31.06 -26.54 -18.93
C VAL B 241 -30.54 -27.71 -19.77
N GLY B 242 -29.23 -27.75 -19.98
CA GLY B 242 -28.57 -28.90 -20.61
C GLY B 242 -28.83 -30.17 -19.79
N GLU B 243 -28.56 -30.10 -18.49
CA GLU B 243 -28.57 -31.29 -17.61
C GLU B 243 -29.98 -31.70 -17.18
N PHE B 244 -30.86 -30.72 -17.02
CA PHE B 244 -32.21 -30.98 -16.58
C PHE B 244 -33.28 -30.81 -17.66
N GLY B 245 -32.89 -30.33 -18.83
CA GLY B 245 -33.81 -30.22 -19.99
C GLY B 245 -34.74 -29.03 -19.88
N PRO B 246 -35.04 -28.35 -21.03
CA PRO B 246 -35.96 -27.16 -21.03
C PRO B 246 -37.39 -27.63 -20.69
N GLU B 247 -37.71 -27.63 -19.39
CA GLU B 247 -38.78 -28.45 -18.84
C GLU B 247 -38.97 -28.12 -17.37
N LYS B 248 -38.05 -28.67 -16.58
CA LYS B 248 -37.88 -28.24 -15.18
C LYS B 248 -37.17 -26.86 -15.12
N THR B 249 -36.76 -26.33 -16.28
CA THR B 249 -35.87 -25.19 -16.35
C THR B 249 -36.57 -23.95 -16.94
N ALA B 250 -37.73 -24.18 -17.53
CA ALA B 250 -38.52 -23.14 -18.18
C ALA B 250 -38.82 -21.94 -17.27
N GLN B 251 -38.97 -22.20 -15.98
CA GLN B 251 -39.29 -21.14 -15.04
C GLN B 251 -38.05 -20.37 -14.50
N ILE B 252 -36.84 -20.74 -14.93
CA ILE B 252 -35.66 -19.94 -14.60
C ILE B 252 -35.59 -18.74 -15.54
N ALA B 253 -36.42 -17.76 -15.22
CA ALA B 253 -36.81 -16.70 -16.13
C ALA B 253 -35.99 -15.42 -15.99
N THR B 254 -35.19 -15.36 -14.93
CA THR B 254 -34.56 -14.13 -14.53
C THR B 254 -33.08 -14.25 -14.30
N VAL B 255 -32.36 -13.28 -14.84
CA VAL B 255 -30.96 -13.05 -14.50
C VAL B 255 -30.87 -11.68 -13.76
N ASP B 256 -30.56 -11.75 -12.47
CA ASP B 256 -30.43 -10.61 -11.66
C ASP B 256 -28.94 -10.27 -11.54
N LEU B 257 -28.53 -9.08 -12.02
CA LEU B 257 -27.11 -8.71 -12.04
C LEU B 257 -26.68 -7.84 -10.86
N GLY B 258 -27.55 -7.77 -9.85
CA GLY B 258 -27.22 -7.04 -8.62
C GLY B 258 -27.19 -5.54 -8.74
N GLY B 259 -26.49 -4.91 -7.78
CA GLY B 259 -26.47 -3.46 -7.67
C GLY B 259 -25.16 -2.88 -8.14
N GLY B 260 -24.78 -1.76 -7.55
CA GLY B 260 -23.50 -1.16 -7.86
C GLY B 260 -23.55 -0.08 -8.92
N LEU B 261 -24.75 0.27 -9.39
CA LEU B 261 -24.88 1.40 -10.31
C LEU B 261 -24.28 2.62 -9.63
N GLY B 262 -23.53 3.39 -10.40
CA GLY B 262 -22.66 4.47 -9.91
C GLY B 262 -23.33 5.82 -9.95
N ILE B 263 -22.96 6.67 -9.01
CA ILE B 263 -23.39 8.11 -8.95
C ILE B 263 -22.14 9.02 -8.97
N SER B 264 -22.37 10.32 -9.06
CA SER B 264 -21.28 11.31 -8.96
C SER B 264 -21.14 11.76 -7.50
N TYR B 265 -20.03 11.43 -6.87
CA TYR B 265 -19.69 12.04 -5.58
C TYR B 265 -18.98 13.40 -5.77
N LEU B 266 -18.21 13.49 -6.86
CA LEU B 266 -17.35 14.58 -7.22
C LEU B 266 -17.74 15.04 -8.60
N PRO B 267 -17.57 16.35 -8.88
CA PRO B 267 -17.93 16.86 -10.23
C PRO B 267 -17.28 16.09 -11.38
N SER B 268 -16.03 15.64 -11.19
CA SER B 268 -15.31 14.83 -12.19
C SER B 268 -15.92 13.43 -12.43
N ASP B 269 -16.72 12.90 -11.50
CA ASP B 269 -17.29 11.56 -11.64
C ASP B 269 -18.21 11.51 -12.87
N ASP B 270 -18.10 10.44 -13.67
CA ASP B 270 -18.88 10.34 -14.92
C ASP B 270 -19.64 9.02 -15.19
N PRO B 271 -20.67 8.73 -14.38
CA PRO B 271 -21.56 7.60 -14.65
C PRO B 271 -22.36 7.86 -15.91
N PRO B 272 -22.65 6.81 -16.67
CA PRO B 272 -23.43 7.08 -17.88
C PRO B 272 -24.90 7.28 -17.51
N PRO B 273 -25.68 7.97 -18.37
CA PRO B 273 -27.15 8.00 -18.18
C PRO B 273 -27.66 6.56 -18.05
N ILE B 274 -28.58 6.34 -17.10
CA ILE B 274 -29.12 5.01 -16.78
C ILE B 274 -29.81 4.37 -18.00
N ALA B 275 -30.50 5.13 -18.81
CA ALA B 275 -31.12 4.61 -20.02
C ALA B 275 -30.11 4.00 -20.99
N GLU B 276 -28.96 4.66 -21.10
CA GLU B 276 -27.84 4.23 -21.93
C GLU B 276 -27.18 2.92 -21.41
N LEU B 277 -26.95 2.84 -20.11
CA LEU B 277 -26.32 1.68 -19.52
C LEU B 277 -27.28 0.47 -19.53
N ALA B 278 -28.56 0.73 -19.20
CA ALA B 278 -29.62 -0.24 -19.19
C ALA B 278 -29.78 -0.87 -20.59
N ALA B 279 -29.73 -0.05 -21.65
CA ALA B 279 -29.84 -0.56 -23.03
C ALA B 279 -28.65 -1.47 -23.40
N LYS B 280 -27.46 -1.08 -22.99
CA LYS B 280 -26.25 -1.92 -23.17
C LYS B 280 -26.38 -3.28 -22.47
N LEU B 281 -26.86 -3.20 -21.24
CA LEU B 281 -27.16 -4.36 -20.41
C LEU B 281 -28.19 -5.28 -21.00
N GLY B 282 -29.22 -4.69 -21.59
CA GLY B 282 -30.26 -5.48 -22.24
C GLY B 282 -29.69 -6.29 -23.41
N THR B 283 -28.85 -5.61 -24.17
CA THR B 283 -28.20 -6.16 -25.37
C THR B 283 -27.23 -7.31 -25.03
N ILE B 284 -26.48 -7.10 -23.96
CA ILE B 284 -25.63 -8.13 -23.37
C ILE B 284 -26.41 -9.41 -23.04
N VAL B 285 -27.49 -9.27 -22.32
CA VAL B 285 -28.27 -10.42 -21.89
C VAL B 285 -28.89 -11.21 -23.08
N SER B 286 -29.44 -10.47 -24.04
CA SER B 286 -30.03 -11.10 -25.20
C SER B 286 -28.94 -11.79 -26.02
N ASP B 287 -27.83 -11.07 -26.28
CA ASP B 287 -26.68 -11.64 -27.02
C ASP B 287 -26.12 -12.89 -26.37
N GLU B 288 -25.89 -12.85 -25.06
CA GLU B 288 -25.32 -14.00 -24.37
C GLU B 288 -26.25 -15.24 -24.35
N SER B 289 -27.56 -15.01 -24.17
CA SER B 289 -28.47 -16.12 -24.12
C SER B 289 -28.62 -16.74 -25.52
N THR B 290 -28.67 -15.89 -26.55
CA THR B 290 -28.77 -16.42 -27.90
C THR B 290 -27.50 -17.18 -28.31
N ALA B 291 -26.34 -16.69 -27.87
CA ALA B 291 -25.08 -17.38 -28.14
C ALA B 291 -25.02 -18.82 -27.61
N VAL B 292 -25.79 -19.11 -26.55
CA VAL B 292 -25.86 -20.46 -25.98
C VAL B 292 -27.23 -21.13 -26.27
N GLY B 293 -28.00 -20.62 -27.23
CA GLY B 293 -29.29 -21.23 -27.65
C GLY B 293 -30.44 -21.11 -26.67
N LEU B 294 -30.41 -20.07 -25.83
CA LEU B 294 -31.44 -19.87 -24.81
C LEU B 294 -32.34 -18.71 -25.17
N PRO B 295 -33.64 -18.75 -24.73
CA PRO B 295 -34.43 -17.50 -24.82
C PRO B 295 -33.88 -16.43 -23.88
N THR B 296 -34.04 -15.16 -24.24
CA THR B 296 -33.60 -14.11 -23.35
C THR B 296 -34.38 -14.00 -22.03
N PRO B 297 -33.62 -14.10 -20.94
CA PRO B 297 -34.10 -13.98 -19.56
C PRO B 297 -34.48 -12.54 -19.23
N LYS B 298 -35.38 -12.39 -18.25
CA LYS B 298 -35.66 -11.09 -17.68
C LYS B 298 -34.39 -10.58 -16.96
N LEU B 299 -34.11 -9.28 -17.10
CA LEU B 299 -33.01 -8.59 -16.45
C LEU B 299 -33.49 -7.75 -15.26
N VAL B 300 -32.93 -8.04 -14.09
CA VAL B 300 -33.27 -7.35 -12.88
C VAL B 300 -31.98 -6.74 -12.37
N VAL B 301 -32.19 -5.62 -11.68
CA VAL B 301 -31.14 -4.80 -11.14
C VAL B 301 -31.53 -4.37 -9.73
N GLU B 302 -30.54 -4.29 -8.83
CA GLU B 302 -30.79 -3.96 -7.40
C GLU B 302 -30.04 -2.70 -6.88
N PRO B 303 -30.31 -1.52 -7.46
CA PRO B 303 -29.55 -0.31 -7.01
C PRO B 303 -29.93 0.17 -5.61
N GLY B 304 -28.95 0.60 -4.79
CA GLY B 304 -29.20 1.32 -3.54
C GLY B 304 -28.77 2.79 -3.71
N ARG B 305 -27.45 2.99 -3.84
CA ARG B 305 -26.84 4.34 -4.03
C ARG B 305 -27.53 5.18 -5.08
N ALA B 306 -27.78 4.56 -6.24
CA ALA B 306 -28.23 5.34 -7.39
C ALA B 306 -29.65 5.80 -7.27
N ILE B 307 -30.36 5.30 -6.26
CA ILE B 307 -31.71 5.78 -5.92
C ILE B 307 -31.61 6.80 -4.78
N ALA B 308 -30.97 6.41 -3.67
CA ALA B 308 -30.97 7.15 -2.41
C ALA B 308 -29.86 8.18 -2.25
N GLY B 309 -28.72 7.91 -2.89
CA GLY B 309 -27.51 8.71 -2.68
C GLY B 309 -27.64 10.18 -3.04
N PRO B 310 -27.88 10.49 -4.32
CA PRO B 310 -27.75 11.91 -4.81
C PRO B 310 -28.75 12.93 -4.29
N GLY B 311 -29.95 12.49 -3.90
CA GLY B 311 -30.99 13.40 -3.47
C GLY B 311 -30.86 13.93 -2.03
N THR B 312 -29.89 13.41 -1.30
CA THR B 312 -29.71 13.88 0.06
C THR B 312 -28.35 14.46 0.34
N ILE B 313 -28.35 15.54 1.12
CA ILE B 313 -27.13 16.19 1.59
C ILE B 313 -27.13 16.18 3.14
N THR B 314 -25.96 16.44 3.73
CA THR B 314 -25.85 16.61 5.16
C THR B 314 -25.41 18.04 5.43
N LEU B 315 -26.22 18.73 6.21
CA LEU B 315 -25.98 20.13 6.52
C LEU B 315 -25.36 20.23 7.91
N TYR B 316 -24.33 21.06 8.00
CA TYR B 316 -23.58 21.20 9.22
C TYR B 316 -23.33 22.66 9.52
N GLU B 317 -23.06 22.93 10.79
CA GLU B 317 -22.55 24.21 11.20
C GLU B 317 -21.07 24.11 11.54
N VAL B 318 -20.30 25.06 11.01
CA VAL B 318 -18.90 25.19 11.33
C VAL B 318 -18.76 25.75 12.78
N GLY B 319 -17.91 25.08 13.58
CA GLY B 319 -17.70 25.44 14.99
C GLY B 319 -16.32 26.00 15.24
N THR B 320 -15.32 25.42 14.62
CA THR B 320 -13.95 25.80 14.82
C THR B 320 -13.25 25.80 13.47
N VAL B 321 -12.33 26.72 13.32
CA VAL B 321 -11.48 26.85 12.16
C VAL B 321 -10.05 27.02 12.68
N LYS B 322 -9.21 26.05 12.31
CA LYS B 322 -7.82 26.07 12.69
C LYS B 322 -6.92 25.93 11.46
N ASP B 323 -5.98 26.85 11.35
CA ASP B 323 -4.94 26.69 10.36
C ASP B 323 -3.74 25.89 10.87
N VAL B 324 -3.49 24.78 10.17
CA VAL B 324 -2.48 23.79 10.55
C VAL B 324 -1.28 23.79 9.60
N ASP B 325 -0.09 24.06 10.12
CA ASP B 325 1.20 24.01 9.38
C ASP B 325 1.48 22.59 8.90
N VAL B 326 1.68 22.38 7.59
CA VAL B 326 1.93 21.01 7.13
C VAL B 326 3.31 20.84 6.57
N SER B 327 3.99 21.94 6.34
CA SER B 327 5.39 21.90 5.97
C SER B 327 5.89 23.27 6.32
N ALA B 328 7.15 23.58 6.02
CA ALA B 328 7.74 24.90 6.33
C ALA B 328 7.07 26.06 5.59
N THR B 329 6.34 25.74 4.52
CA THR B 329 5.75 26.69 3.62
C THR B 329 4.24 26.53 3.46
N ALA B 330 3.71 25.33 3.66
CA ALA B 330 2.28 25.09 3.50
C ALA B 330 1.44 24.80 4.76
N HIS B 331 0.12 24.91 4.59
CA HIS B 331 -0.86 24.96 5.67
C HIS B 331 -2.09 24.30 5.17
N ARG B 332 -2.87 23.76 6.07
CA ARG B 332 -4.15 23.16 5.69
C ARG B 332 -5.19 23.69 6.68
N ARG B 333 -6.36 24.08 6.20
CA ARG B 333 -7.32 24.75 7.04
C ARG B 333 -8.28 23.71 7.56
N TYR B 334 -8.23 23.43 8.88
CA TYR B 334 -9.10 22.44 9.50
C TYR B 334 -10.40 23.10 9.94
N VAL B 335 -11.48 22.61 9.33
CA VAL B 335 -12.79 23.19 9.53
C VAL B 335 -13.58 22.10 10.27
N SER B 336 -13.82 22.35 11.58
CA SER B 336 -14.52 21.42 12.47
C SER B 336 -16.00 21.68 12.43
N VAL B 337 -16.71 20.58 12.40
CA VAL B 337 -18.07 20.60 12.15
C VAL B 337 -18.81 19.87 13.25
N ASP B 338 -20.09 20.03 13.09
CA ASP B 338 -21.15 19.61 13.92
C ASP B 338 -21.36 18.09 14.17
N GLY B 339 -20.76 17.23 13.36
CA GLY B 339 -20.95 15.79 13.50
C GLY B 339 -19.67 15.08 13.23
N GLY B 340 -19.67 14.17 12.27
CA GLY B 340 -18.48 13.38 11.98
C GLY B 340 -18.77 11.94 11.58
N MET B 341 -17.79 11.09 11.93
CA MET B 341 -17.81 9.69 11.62
C MET B 341 -19.07 9.01 12.17
N SER B 342 -19.72 9.61 13.15
CA SER B 342 -21.03 9.10 13.64
C SER B 342 -22.17 9.18 12.61
N ASP B 343 -22.16 10.17 11.72
CA ASP B 343 -23.24 10.34 10.71
C ASP B 343 -22.67 10.10 9.28
N ASN B 344 -21.35 10.03 9.15
CA ASN B 344 -20.72 9.73 7.86
C ASN B 344 -19.34 9.12 8.07
N ILE B 345 -19.35 7.81 8.25
CA ILE B 345 -18.17 7.04 8.49
C ILE B 345 -17.43 6.60 7.21
N ARG B 346 -18.01 6.95 6.07
CA ARG B 346 -17.54 6.48 4.75
C ARG B 346 -16.15 6.91 4.36
N THR B 347 -15.75 8.11 4.76
CA THR B 347 -14.42 8.60 4.44
C THR B 347 -13.41 7.75 5.16
N ALA B 348 -13.63 7.59 6.47
CA ALA B 348 -12.80 6.76 7.30
C ALA B 348 -12.83 5.28 6.83
N LEU B 349 -14.02 4.79 6.50
CA LEU B 349 -14.25 3.36 6.34
C LEU B 349 -13.74 2.86 4.98
N TYR B 350 -14.07 3.61 3.93
CA TYR B 350 -13.80 3.18 2.58
C TYR B 350 -12.92 4.15 1.82
N GLY B 351 -12.44 5.19 2.46
CA GLY B 351 -11.68 6.22 1.72
C GLY B 351 -12.61 7.01 0.80
N ALA B 352 -13.90 7.11 1.14
CA ALA B 352 -14.82 7.90 0.29
C ALA B 352 -14.30 9.30 0.04
N GLN B 353 -14.57 9.86 -1.15
CA GLN B 353 -14.37 11.29 -1.45
C GLN B 353 -15.72 12.01 -1.66
N TYR B 354 -15.88 13.16 -1.00
CA TYR B 354 -17.10 13.95 -1.04
C TYR B 354 -16.86 15.39 -1.55
N ASP B 355 -17.92 16.02 -2.06
CA ASP B 355 -17.98 17.41 -2.39
C ASP B 355 -18.59 18.19 -1.17
N VAL B 356 -17.92 19.27 -0.76
CA VAL B 356 -18.36 20.10 0.36
C VAL B 356 -18.41 21.53 -0.10
N ARG B 357 -19.45 22.25 0.29
CA ARG B 357 -19.65 23.60 -0.17
C ARG B 357 -20.24 24.46 0.95
N LEU B 358 -19.76 25.69 1.01
CA LEU B 358 -20.36 26.74 1.84
C LEU B 358 -21.72 27.15 1.25
N VAL B 359 -22.76 27.08 2.08
CA VAL B 359 -24.15 27.19 1.59
C VAL B 359 -24.99 28.31 2.22
N SER B 360 -24.45 28.98 3.23
CA SER B 360 -25.23 29.99 3.93
C SER B 360 -24.98 31.39 3.44
N ARG B 361 -23.90 31.57 2.69
CA ARG B 361 -23.51 32.87 2.13
C ARG B 361 -22.65 32.64 0.92
N VAL B 362 -22.48 33.73 0.17
CA VAL B 362 -21.53 33.79 -0.94
C VAL B 362 -20.26 34.41 -0.40
N SER B 363 -19.16 33.69 -0.52
CA SER B 363 -17.85 34.27 -0.17
C SER B 363 -17.15 34.81 -1.42
N ASP B 364 -16.45 35.94 -1.24
CA ASP B 364 -15.48 36.47 -2.19
C ASP B 364 -14.01 36.06 -1.88
N ALA B 365 -13.83 35.33 -0.78
CA ALA B 365 -12.50 35.03 -0.28
C ALA B 365 -11.87 34.01 -1.23
N PRO B 366 -10.54 34.07 -1.41
CA PRO B 366 -9.94 33.03 -2.25
C PRO B 366 -10.04 31.61 -1.68
N PRO B 367 -9.94 30.59 -2.55
CA PRO B 367 -9.91 29.23 -2.01
C PRO B 367 -8.55 28.84 -1.38
N VAL B 368 -8.62 27.87 -0.50
CA VAL B 368 -7.56 27.55 0.42
C VAL B 368 -7.72 26.02 0.71
N PRO B 369 -6.61 25.23 0.60
CA PRO B 369 -6.70 23.78 0.90
C PRO B 369 -7.14 23.53 2.33
N ALA B 370 -8.01 22.55 2.48
CA ALA B 370 -8.81 22.39 3.71
C ALA B 370 -9.02 20.90 3.95
N ARG B 371 -9.41 20.58 5.18
CA ARG B 371 -9.86 19.26 5.56
C ARG B 371 -11.11 19.50 6.43
N LEU B 372 -12.21 18.75 6.13
CA LEU B 372 -13.43 18.83 6.93
C LEU B 372 -13.46 17.67 7.91
N VAL B 373 -13.58 18.05 9.19
CA VAL B 373 -13.43 17.12 10.29
C VAL B 373 -14.59 17.26 11.24
N GLY B 374 -14.89 16.16 11.93
CA GLY B 374 -15.97 16.17 12.92
C GLY B 374 -15.52 16.61 14.31
N LYS B 375 -16.32 16.25 15.32
CA LYS B 375 -16.09 16.69 16.68
C LYS B 375 -15.71 15.52 17.62
N HIS B 376 -15.53 14.33 17.03
CA HIS B 376 -15.17 13.14 17.81
C HIS B 376 -13.71 13.16 18.21
N CYS B 377 -13.44 12.47 19.32
CA CYS B 377 -12.14 12.47 19.99
C CYS B 377 -11.18 11.40 19.41
N GLU B 378 -11.06 11.39 18.07
CA GLU B 378 -10.02 10.67 17.38
C GLU B 378 -9.60 11.36 16.11
N SER B 379 -8.29 11.33 15.88
CA SER B 379 -7.63 11.90 14.69
C SER B 379 -8.28 11.54 13.37
N GLY B 380 -8.67 10.29 13.22
CA GLY B 380 -9.22 9.80 11.96
C GLY B 380 -10.67 10.20 11.70
N ASP B 381 -11.27 11.01 12.60
CA ASP B 381 -12.67 11.47 12.42
C ASP B 381 -12.68 12.64 11.42
N ILE B 382 -12.53 12.24 10.16
CA ILE B 382 -12.38 13.13 9.03
C ILE B 382 -13.62 12.88 8.12
N ILE B 383 -14.27 13.97 7.68
CA ILE B 383 -15.46 13.87 6.82
C ILE B 383 -15.14 14.04 5.36
N VAL B 384 -14.28 14.99 5.04
CA VAL B 384 -13.80 15.19 3.69
C VAL B 384 -12.34 15.49 3.85
N ARG B 385 -11.55 14.54 3.42
CA ARG B 385 -10.12 14.60 3.61
C ARG B 385 -9.44 15.78 2.88
N ASP B 386 -9.70 15.92 1.59
CA ASP B 386 -9.06 16.97 0.82
C ASP B 386 -10.09 17.78 0.06
N THR B 387 -10.20 19.05 0.42
CA THR B 387 -11.15 19.95 -0.20
C THR B 387 -10.60 21.37 -0.18
N TRP B 388 -11.41 22.30 -0.68
CA TRP B 388 -11.05 23.71 -0.72
C TRP B 388 -12.23 24.46 -0.10
N VAL B 389 -11.94 25.48 0.69
CA VAL B 389 -12.95 26.31 1.30
C VAL B 389 -12.51 27.75 1.10
N PRO B 390 -13.46 28.71 1.14
CA PRO B 390 -13.08 30.14 1.18
C PRO B 390 -12.22 30.50 2.40
N ASP B 391 -11.26 31.36 2.14
CA ASP B 391 -10.35 31.88 3.17
C ASP B 391 -11.07 32.49 4.40
N ASP B 392 -12.30 33.00 4.24
CA ASP B 392 -13.02 33.61 5.35
C ASP B 392 -14.04 32.73 6.02
N ILE B 393 -13.92 31.41 5.82
CA ILE B 393 -14.82 30.50 6.47
C ILE B 393 -14.67 30.68 7.98
N ARG B 394 -15.81 30.65 8.67
CA ARG B 394 -15.86 31.06 10.05
C ARG B 394 -16.95 30.28 10.81
N PRO B 395 -16.79 30.17 12.15
CA PRO B 395 -17.83 29.59 13.03
C PRO B 395 -19.19 30.19 12.74
N GLY B 396 -20.24 29.39 12.72
CA GLY B 396 -21.54 29.91 12.34
C GLY B 396 -21.95 29.75 10.88
N ASP B 397 -20.99 29.71 9.95
CA ASP B 397 -21.29 29.36 8.54
C ASP B 397 -21.83 27.95 8.46
N LEU B 398 -22.73 27.70 7.50
CA LEU B 398 -23.21 26.38 7.17
C LEU B 398 -22.55 25.85 5.92
N VAL B 399 -22.17 24.58 6.00
CA VAL B 399 -21.66 23.85 4.86
C VAL B 399 -22.49 22.60 4.64
N ALA B 400 -22.49 22.14 3.41
CA ALA B 400 -23.22 20.93 3.03
C ALA B 400 -22.29 19.96 2.31
N VAL B 401 -22.40 18.69 2.67
CA VAL B 401 -21.69 17.60 2.00
C VAL B 401 -22.69 16.90 1.11
N ALA B 402 -22.34 16.75 -0.16
CA ALA B 402 -23.28 16.23 -1.11
C ALA B 402 -23.33 14.69 -1.11
N ALA B 403 -24.46 14.15 -1.62
CA ALA B 403 -24.61 12.69 -1.90
C ALA B 403 -24.41 11.81 -0.68
N THR B 404 -25.01 12.26 0.44
CA THR B 404 -24.95 11.49 1.68
C THR B 404 -26.20 10.64 1.93
N GLY B 405 -27.04 10.45 0.91
CA GLY B 405 -28.27 9.68 1.05
C GLY B 405 -28.11 8.16 1.11
N ALA B 406 -26.91 7.64 0.84
CA ALA B 406 -26.75 6.17 0.84
C ALA B 406 -25.63 5.80 1.74
N TYR B 407 -25.91 4.86 2.62
CA TYR B 407 -24.90 4.34 3.54
C TYR B 407 -24.30 5.34 4.53
N CYS B 408 -24.96 6.44 4.85
CA CYS B 408 -24.35 7.32 5.82
C CYS B 408 -25.17 7.19 7.11
N TYR B 409 -26.46 7.49 7.01
CA TYR B 409 -27.38 7.26 8.12
C TYR B 409 -27.46 5.76 8.46
N SER B 410 -27.54 4.91 7.43
CA SER B 410 -27.56 3.46 7.59
C SER B 410 -26.48 2.99 8.59
N LEU B 411 -25.34 3.66 8.51
CA LEU B 411 -24.15 3.23 9.22
C LEU B 411 -23.90 4.09 10.44
N SER B 412 -24.82 5.02 10.75
CA SER B 412 -24.64 5.93 11.90
C SER B 412 -24.49 5.19 13.21
N SER B 413 -23.72 5.80 14.11
CA SER B 413 -23.42 5.21 15.41
C SER B 413 -23.67 6.27 16.52
N ARG B 414 -23.55 5.87 17.77
CA ARG B 414 -23.55 6.85 18.86
C ARG B 414 -22.12 7.03 19.43
N TYR B 415 -21.10 7.04 18.57
CA TYR B 415 -19.75 7.23 19.03
C TYR B 415 -19.68 8.56 19.78
N ASN B 416 -18.98 8.55 20.92
CA ASN B 416 -18.96 9.69 21.88
C ASN B 416 -20.32 10.16 22.36
N MET B 417 -21.31 9.23 22.43
CA MET B 417 -22.66 9.63 22.83
C MET B 417 -23.19 10.78 21.99
N VAL B 418 -22.92 10.73 20.69
CA VAL B 418 -23.42 11.76 19.76
C VAL B 418 -24.65 11.13 19.08
N GLY B 419 -25.82 11.66 19.39
CA GLY B 419 -27.08 11.08 18.91
C GLY B 419 -27.26 11.26 17.43
N ARG B 420 -27.99 10.34 16.80
CA ARG B 420 -28.29 10.45 15.36
C ARG B 420 -28.91 11.82 14.97
N PRO B 421 -28.47 12.40 13.83
CA PRO B 421 -29.15 13.65 13.45
C PRO B 421 -30.57 13.41 12.93
N ALA B 422 -31.35 14.47 12.96
CA ALA B 422 -32.67 14.54 12.35
C ALA B 422 -32.57 14.39 10.81
N VAL B 423 -33.60 13.82 10.22
CA VAL B 423 -33.71 13.63 8.77
C VAL B 423 -35.05 14.26 8.40
N VAL B 424 -34.97 15.15 7.44
CA VAL B 424 -36.08 15.92 6.92
C VAL B 424 -36.21 15.68 5.41
N ALA B 425 -37.46 15.70 4.96
CA ALA B 425 -37.82 15.51 3.57
C ALA B 425 -38.43 16.84 3.09
N VAL B 426 -37.99 17.29 1.91
CA VAL B 426 -38.45 18.54 1.37
C VAL B 426 -39.05 18.23 0.01
N HIS B 427 -40.20 18.86 -0.24
CA HIS B 427 -40.97 18.62 -1.45
C HIS B 427 -41.78 19.88 -1.77
N ALA B 428 -41.50 20.49 -2.93
CA ALA B 428 -42.31 21.64 -3.43
C ALA B 428 -42.42 22.81 -2.47
N GLY B 429 -41.33 23.15 -1.80
CA GLY B 429 -41.35 24.30 -0.87
C GLY B 429 -41.82 23.94 0.53
N ASN B 430 -42.07 22.66 0.79
CA ASN B 430 -42.44 22.20 2.14
C ASN B 430 -41.47 21.17 2.72
N ALA B 431 -41.17 21.32 4.00
CA ALA B 431 -40.24 20.44 4.74
C ALA B 431 -41.04 19.72 5.80
N ARG B 432 -40.68 18.47 6.07
CA ARG B 432 -41.33 17.75 7.16
C ARG B 432 -40.27 16.87 7.76
N LEU B 433 -40.34 16.75 9.08
CA LEU B 433 -39.46 15.90 9.84
C LEU B 433 -39.83 14.42 9.56
N VAL B 434 -38.85 13.60 9.17
CA VAL B 434 -39.14 12.21 8.86
C VAL B 434 -38.63 11.31 9.99
N LEU B 435 -37.38 11.54 10.37
CA LEU B 435 -36.74 10.85 11.47
C LEU B 435 -36.24 11.92 12.44
N ARG B 436 -36.65 11.80 13.70
CA ARG B 436 -36.24 12.79 14.69
C ARG B 436 -34.81 12.52 15.19
N ARG B 437 -34.21 13.56 15.67
CA ARG B 437 -32.89 13.52 16.20
C ARG B 437 -32.92 12.82 17.57
N GLU B 438 -31.86 12.06 17.84
CA GLU B 438 -31.75 11.40 19.13
C GLU B 438 -31.57 12.39 20.27
N THR B 439 -32.10 12.06 21.46
CA THR B 439 -31.85 12.80 22.69
C THR B 439 -31.03 11.98 23.70
N VAL B 440 -30.71 12.62 24.82
CA VAL B 440 -30.06 11.97 25.94
C VAL B 440 -30.85 10.77 26.48
N ASP B 441 -32.19 10.89 26.52
CA ASP B 441 -33.06 9.77 26.89
C ASP B 441 -32.90 8.57 25.94
N ASP B 442 -32.82 8.79 24.64
CA ASP B 442 -32.44 7.72 23.70
C ASP B 442 -31.11 7.04 24.09
N LEU B 443 -30.10 7.87 24.37
CA LEU B 443 -28.78 7.41 24.74
C LEU B 443 -28.81 6.53 25.99
N LEU B 444 -29.62 6.93 26.95
CA LEU B 444 -29.78 6.14 28.18
C LEU B 444 -30.80 4.99 28.13
N SER B 445 -31.54 4.84 27.03
CA SER B 445 -32.73 3.95 27.05
C SER B 445 -32.49 2.40 27.17
N LEU B 446 -31.31 1.91 26.82
CA LEU B 446 -31.00 0.50 26.94
C LEU B 446 -30.44 0.13 28.32
N GLU B 447 -30.23 1.14 29.18
CA GLU B 447 -29.74 0.95 30.54
C GLU B 447 -30.78 0.36 31.49
N VAL B 448 -30.35 -0.69 32.19
CA VAL B 448 -31.11 -1.38 33.22
C VAL B 448 -30.95 -0.52 34.50
N ARG B 449 -30.69 -1.05 35.68
CA ARG B 449 -30.38 -0.09 36.79
C ARG B 449 -29.67 -0.77 37.98
N ASN C 4 7.87 29.43 -20.49
CA ASN C 4 7.49 30.45 -19.47
C ASN C 4 7.99 30.03 -18.05
N GLU C 5 7.26 29.13 -17.42
CA GLU C 5 7.59 28.55 -16.13
C GLU C 5 8.31 27.21 -16.34
N LEU C 6 8.09 26.64 -17.52
CA LEU C 6 8.58 25.35 -17.92
C LEU C 6 10.03 25.46 -18.37
N LEU C 7 10.45 26.71 -18.51
CA LEU C 7 11.78 27.12 -18.88
C LEU C 7 12.73 27.10 -17.69
N HIS C 8 12.18 27.41 -16.50
CA HIS C 8 12.97 27.70 -15.31
C HIS C 8 13.75 26.49 -14.88
N LEU C 9 15.00 26.76 -14.51
CA LEU C 9 15.87 25.76 -13.97
C LEU C 9 16.15 26.15 -12.53
N ALA C 10 15.40 25.54 -11.61
CA ALA C 10 15.55 25.75 -10.17
C ALA C 10 16.99 25.62 -9.75
N PRO C 11 17.57 26.71 -9.18
CA PRO C 11 19.01 26.75 -8.86
C PRO C 11 19.39 25.77 -7.73
N ASN C 12 18.41 25.35 -6.90
CA ASN C 12 18.70 24.29 -5.91
C ASN C 12 18.75 22.90 -6.57
N VAL C 13 18.06 22.74 -7.70
CA VAL C 13 18.08 21.45 -8.43
C VAL C 13 19.27 21.28 -9.39
N TRP C 14 19.51 22.31 -10.24
CA TRP C 14 20.45 22.20 -11.39
C TRP C 14 21.90 22.46 -11.00
N PRO C 15 22.89 21.93 -11.77
CA PRO C 15 24.29 22.23 -11.45
C PRO C 15 24.58 23.71 -11.18
N ARG C 16 25.50 23.97 -10.26
CA ARG C 16 25.83 25.34 -9.88
C ARG C 16 26.19 26.22 -11.11
N ASN C 17 26.83 25.63 -12.12
CA ASN C 17 27.28 26.42 -13.29
C ASN C 17 26.37 26.30 -14.52
N THR C 18 25.07 26.13 -14.27
CA THR C 18 24.05 26.15 -15.31
C THR C 18 23.64 27.59 -15.68
N THR C 19 23.59 27.85 -16.98
CA THR C 19 23.05 29.08 -17.53
C THR C 19 22.17 28.75 -18.72
N ARG C 20 21.52 29.78 -19.29
CA ARG C 20 20.92 29.63 -20.61
C ARG C 20 21.48 30.65 -21.60
N ASP C 21 21.79 30.15 -22.81
CA ASP C 21 22.12 30.95 -24.01
C ASP C 21 21.26 32.17 -24.35
N GLU C 22 21.72 32.91 -25.33
CA GLU C 22 20.94 33.93 -25.98
C GLU C 22 20.02 33.32 -27.06
N VAL C 23 20.32 32.08 -27.46
CA VAL C 23 19.48 31.34 -28.42
C VAL C 23 18.62 30.30 -27.68
N GLY C 24 18.69 30.35 -26.36
CA GLY C 24 17.87 29.52 -25.47
C GLY C 24 18.37 28.12 -25.17
N VAL C 25 19.67 27.90 -25.34
CA VAL C 25 20.27 26.60 -25.09
C VAL C 25 20.89 26.65 -23.72
N VAL C 26 20.57 25.62 -22.93
CA VAL C 26 21.10 25.47 -21.61
C VAL C 26 22.57 25.10 -21.73
N CYS C 27 23.42 25.83 -21.02
CA CYS C 27 24.85 25.59 -20.95
C CYS C 27 25.25 25.03 -19.58
N ILE C 28 26.20 24.11 -19.55
CA ILE C 28 26.87 23.80 -18.30
C ILE C 28 28.35 24.15 -18.38
N ALA C 29 28.82 24.85 -17.34
CA ALA C 29 30.14 25.53 -17.35
C ALA C 29 30.50 26.20 -18.66
N GLY C 30 29.53 26.88 -19.25
CA GLY C 30 29.79 27.67 -20.45
C GLY C 30 29.61 26.91 -21.76
N ILE C 31 29.35 25.60 -21.71
CA ILE C 31 29.18 24.81 -22.93
C ILE C 31 27.72 24.52 -23.21
N PRO C 32 27.23 24.90 -24.41
CA PRO C 32 25.86 24.51 -24.75
C PRO C 32 25.71 23.00 -24.79
N LEU C 33 24.62 22.52 -24.23
CA LEU C 33 24.35 21.09 -24.15
C LEU C 33 24.14 20.43 -25.53
N THR C 34 23.60 21.23 -26.46
CA THR C 34 23.55 20.99 -27.89
C THR C 34 24.90 20.53 -28.48
N GLN C 35 25.94 21.26 -28.14
CA GLN C 35 27.27 20.99 -28.62
C GLN C 35 27.81 19.69 -28.04
N LEU C 36 27.52 19.45 -26.78
CA LEU C 36 27.94 18.21 -26.14
C LEU C 36 27.26 16.99 -26.74
N ALA C 37 25.99 17.10 -27.06
CA ALA C 37 25.27 16.00 -27.72
C ALA C 37 25.88 15.73 -29.10
N GLN C 38 26.19 16.79 -29.85
CA GLN C 38 26.80 16.63 -31.15
C GLN C 38 28.20 16.02 -31.09
N GLU C 39 29.02 16.43 -30.13
CA GLU C 39 30.37 15.94 -29.98
C GLU C 39 30.41 14.51 -29.43
N TYR C 40 29.54 14.22 -28.45
CA TYR C 40 29.69 13.02 -27.64
C TYR C 40 28.59 11.99 -27.76
N GLY C 41 27.48 12.36 -28.42
CA GLY C 41 26.29 11.50 -28.56
C GLY C 41 25.40 11.53 -27.31
N THR C 42 24.19 10.98 -27.44
CA THR C 42 23.33 10.80 -26.29
C THR C 42 22.97 9.29 -26.19
N PRO C 43 22.52 8.83 -24.99
CA PRO C 43 22.44 9.59 -23.73
C PRO C 43 23.86 10.02 -23.25
N LEU C 44 23.95 11.07 -22.43
CA LEU C 44 25.24 11.54 -21.97
C LEU C 44 25.14 12.02 -20.51
N PHE C 45 26.03 11.51 -19.64
CA PHE C 45 26.18 12.06 -18.29
C PHE C 45 27.15 13.22 -18.40
N VAL C 46 26.68 14.40 -17.99
CA VAL C 46 27.49 15.60 -18.04
C VAL C 46 27.78 16.02 -16.61
N ILE C 47 29.05 16.07 -16.26
CA ILE C 47 29.48 16.39 -14.91
C ILE C 47 30.04 17.81 -14.79
N ASP C 48 29.40 18.64 -13.98
CA ASP C 48 29.86 20.00 -13.68
C ASP C 48 30.97 19.89 -12.63
N GLU C 49 32.22 19.90 -13.09
CA GLU C 49 33.33 19.53 -12.21
C GLU C 49 33.56 20.54 -11.06
N ASP C 50 33.39 21.83 -11.33
CA ASP C 50 33.44 22.86 -10.29
C ASP C 50 32.33 22.70 -9.28
N ASP C 51 31.13 22.36 -9.76
CA ASP C 51 30.05 22.05 -8.85
C ASP C 51 30.44 20.93 -7.86
N PHE C 52 30.92 19.80 -8.38
CA PHE C 52 31.38 18.69 -7.57
C PHE C 52 32.43 19.11 -6.54
N ARG C 53 33.45 19.82 -7.00
CA ARG C 53 34.53 20.27 -6.11
C ARG C 53 34.05 21.22 -5.02
N SER C 54 33.13 22.09 -5.43
CA SER C 54 32.42 23.05 -4.60
C SER C 54 31.77 22.39 -3.39
N ARG C 55 31.07 21.28 -3.67
CA ARG C 55 30.33 20.55 -2.63
C ARG C 55 31.33 19.85 -1.68
N CYS C 56 32.47 19.45 -2.23
CA CYS C 56 33.59 18.94 -1.46
C CYS C 56 34.09 19.96 -0.49
N ARG C 57 34.35 21.16 -1.01
CA ARG C 57 34.96 22.20 -0.20
C ARG C 57 33.99 22.67 0.86
N GLU C 58 32.73 22.85 0.49
CA GLU C 58 31.80 23.42 1.47
C GLU C 58 31.42 22.43 2.60
N THR C 59 31.38 21.15 2.25
CA THR C 59 31.14 20.11 3.24
C THR C 59 32.35 19.98 4.15
N ALA C 60 33.56 20.00 3.57
CA ALA C 60 34.82 19.95 4.34
C ALA C 60 34.84 21.08 5.33
N ALA C 61 34.54 22.29 4.85
CA ALA C 61 34.51 23.45 5.72
C ALA C 61 33.46 23.31 6.83
N ALA C 62 32.25 22.87 6.46
CA ALA C 62 31.17 22.77 7.44
C ALA C 62 31.53 21.79 8.58
N PHE C 63 32.19 20.69 8.26
CA PHE C 63 32.54 19.71 9.26
C PHE C 63 33.96 19.89 9.86
N GLY C 64 34.59 21.02 9.54
CA GLY C 64 35.82 21.40 10.21
C GLY C 64 37.05 20.95 9.45
N SER C 65 36.90 19.90 8.63
CA SER C 65 38.01 19.40 7.83
C SER C 65 37.57 18.33 6.83
N GLY C 66 38.30 18.25 5.72
CA GLY C 66 38.15 17.16 4.76
C GLY C 66 38.28 15.79 5.39
N ALA C 67 39.11 15.67 6.43
CA ALA C 67 39.29 14.43 7.17
C ALA C 67 38.01 13.89 7.81
N ASN C 68 37.06 14.81 8.05
CA ASN C 68 35.80 14.50 8.70
C ASN C 68 34.71 14.13 7.70
N VAL C 69 35.06 14.17 6.40
CA VAL C 69 34.08 14.02 5.34
C VAL C 69 34.57 12.90 4.44
N HIS C 70 33.81 11.79 4.44
CA HIS C 70 34.22 10.56 3.76
C HIS C 70 33.28 10.40 2.59
N TYR C 71 33.78 10.56 1.36
CA TYR C 71 32.93 10.37 0.18
C TYR C 71 32.60 8.90 0.00
N ALA C 72 31.31 8.64 -0.15
CA ALA C 72 30.74 7.31 -0.33
C ALA C 72 30.80 6.95 -1.81
N ALA C 73 31.83 6.19 -2.18
CA ALA C 73 32.18 5.89 -3.59
C ALA C 73 31.06 5.15 -4.35
N ALA C 75 28.11 6.05 -4.63
CA ALA C 75 27.31 7.02 -5.37
C ALA C 75 27.77 7.15 -6.85
N PHE C 76 29.09 7.17 -7.08
CA PHE C 76 29.71 7.15 -8.38
C PHE C 76 31.21 7.09 -8.14
N LEU C 77 31.86 6.13 -8.78
CA LEU C 77 33.30 5.99 -8.68
C LEU C 77 33.92 5.71 -10.06
N CYS C 78 35.02 6.41 -10.34
CA CYS C 78 35.95 6.07 -11.41
C CYS C 78 37.30 6.69 -10.99
N SER C 79 38.38 6.42 -11.72
CA SER C 79 39.68 6.98 -11.42
C SER C 79 39.70 8.50 -11.34
N GLU C 80 38.97 9.15 -12.25
CA GLU C 80 38.95 10.64 -12.28
C GLU C 80 38.34 11.18 -10.97
N VAL C 81 37.21 10.63 -10.58
CA VAL C 81 36.58 11.07 -9.35
C VAL C 81 37.43 10.79 -8.09
N ALA C 82 38.02 9.59 -7.97
CA ALA C 82 38.99 9.33 -6.86
C ALA C 82 40.04 10.44 -6.76
N ARG C 83 40.57 10.84 -7.89
CA ARG C 83 41.52 11.96 -7.99
C ARG C 83 40.99 13.31 -7.46
N TRP C 84 39.73 13.62 -7.76
CA TRP C 84 39.12 14.84 -7.29
C TRP C 84 38.96 14.81 -5.79
N ILE C 85 38.33 13.74 -5.29
CA ILE C 85 38.22 13.51 -3.86
C ILE C 85 39.58 13.63 -3.17
N SER C 86 40.64 13.05 -3.75
CA SER C 86 41.98 13.13 -3.14
C SER C 86 42.50 14.56 -3.07
N GLU C 87 42.46 15.27 -4.20
CA GLU C 87 42.85 16.70 -4.28
C GLU C 87 42.05 17.61 -3.37
N GLU C 88 40.77 17.30 -3.17
CA GLU C 88 39.90 18.11 -2.32
C GLU C 88 40.10 17.83 -0.82
N GLY C 89 40.94 16.84 -0.52
CA GLY C 89 41.33 16.57 0.86
C GLY C 89 40.30 15.78 1.66
N LEU C 90 39.35 15.13 0.99
CA LEU C 90 38.40 14.29 1.65
C LEU C 90 38.93 12.85 1.76
N CYS C 91 38.24 12.05 2.58
CA CYS C 91 38.45 10.60 2.66
C CYS C 91 37.54 9.86 1.69
N LEU C 92 37.81 8.57 1.49
CA LEU C 92 37.02 7.79 0.58
C LEU C 92 36.56 6.50 1.21
N ASP C 93 35.25 6.25 1.11
CA ASP C 93 34.61 5.04 1.61
C ASP C 93 34.33 4.07 0.49
N VAL C 94 34.84 2.85 0.65
CA VAL C 94 34.73 1.83 -0.37
C VAL C 94 34.05 0.60 0.22
N CYS C 95 33.39 -0.16 -0.63
CA CYS C 95 32.45 -1.09 -0.12
C CYS C 95 32.83 -2.53 -0.48
N THR C 96 33.38 -2.76 -1.65
CA THR C 96 33.88 -4.12 -1.93
C THR C 96 35.32 -4.08 -2.42
N GLY C 97 35.83 -5.24 -2.84
CA GLY C 97 37.17 -5.34 -3.39
C GLY C 97 37.38 -4.54 -4.65
N GLY C 98 36.35 -4.50 -5.51
CA GLY C 98 36.33 -3.73 -6.75
C GLY C 98 36.47 -2.23 -6.56
N GLU C 99 35.78 -1.68 -5.58
CA GLU C 99 35.92 -0.25 -5.27
C GLU C 99 37.29 0.03 -4.70
N LEU C 100 37.77 -0.85 -3.81
CA LEU C 100 39.13 -0.71 -3.29
C LEU C 100 40.17 -0.75 -4.44
N ALA C 101 40.07 -1.78 -5.29
CA ALA C 101 40.94 -1.91 -6.48
C ALA C 101 41.01 -0.64 -7.38
N VAL C 102 39.85 -0.06 -7.65
CA VAL C 102 39.77 1.12 -8.49
C VAL C 102 40.38 2.33 -7.79
N ALA C 103 40.05 2.54 -6.52
CA ALA C 103 40.73 3.53 -5.66
C ALA C 103 42.29 3.43 -5.68
N LEU C 104 42.80 2.24 -5.47
CA LEU C 104 44.22 1.96 -5.45
C LEU C 104 44.83 2.12 -6.82
N HIS C 105 44.10 1.69 -7.84
CA HIS C 105 44.51 1.94 -9.22
C HIS C 105 44.72 3.44 -9.50
N ALA C 106 43.89 4.29 -8.90
CA ALA C 106 43.94 5.74 -9.08
C ALA C 106 44.92 6.40 -8.12
N SER C 107 45.72 5.58 -7.43
CA SER C 107 46.65 6.04 -6.40
C SER C 107 46.00 6.87 -5.25
N PHE C 108 44.75 6.52 -4.88
CA PHE C 108 44.14 7.14 -3.71
C PHE C 108 44.93 6.71 -2.46
N PRO C 109 45.32 7.67 -1.57
CA PRO C 109 46.08 7.39 -0.36
C PRO C 109 45.33 6.44 0.59
N PRO C 110 45.83 5.21 0.75
CA PRO C 110 45.13 4.17 1.50
C PRO C 110 44.80 4.55 2.94
N GLU C 111 45.65 5.33 3.63
CA GLU C 111 45.34 5.84 4.97
C GLU C 111 44.04 6.68 5.06
N ARG C 112 43.57 7.24 3.93
CA ARG C 112 42.31 7.99 3.88
C ARG C 112 41.16 7.11 3.29
N ILE C 113 41.36 5.80 3.24
CA ILE C 113 40.32 4.93 2.74
C ILE C 113 39.69 4.21 3.95
N THR C 114 38.38 4.05 3.89
CA THR C 114 37.64 3.23 4.84
C THR C 114 36.85 2.15 4.12
N LEU C 115 36.94 0.92 4.62
CA LEU C 115 36.27 -0.18 3.98
C LEU C 115 35.00 -0.54 4.75
N HIS C 116 33.88 -0.55 4.02
CA HIS C 116 32.56 -0.93 4.54
C HIS C 116 32.10 -2.24 3.96
N GLY C 117 31.07 -2.81 4.56
CA GLY C 117 30.38 -3.95 3.98
C GLY C 117 29.91 -5.00 4.98
N ASN C 118 28.74 -5.56 4.72
CA ASN C 118 28.16 -6.59 5.61
C ASN C 118 28.74 -8.00 5.39
N ASN C 119 29.44 -8.20 4.26
CA ASN C 119 29.97 -9.55 3.95
C ASN C 119 31.35 -9.48 3.30
N LYS C 120 32.29 -8.79 3.97
CA LYS C 120 33.69 -8.70 3.51
C LYS C 120 34.33 -10.08 3.51
N SER C 121 34.87 -10.51 2.37
CA SER C 121 35.51 -11.80 2.29
C SER C 121 36.92 -11.74 2.88
N VAL C 122 37.49 -12.90 3.19
CA VAL C 122 38.85 -13.00 3.64
C VAL C 122 39.81 -12.27 2.63
N SER C 123 39.55 -12.51 1.36
CA SER C 123 40.32 -11.93 0.29
C SER C 123 40.25 -10.39 0.28
N GLU C 124 39.08 -9.83 0.56
CA GLU C 124 38.93 -8.36 0.56
C GLU C 124 39.63 -7.74 1.78
N LEU C 125 39.41 -8.38 2.92
CA LEU C 125 40.10 -8.07 4.17
C LEU C 125 41.61 -8.06 3.98
N THR C 126 42.08 -9.14 3.36
CA THR C 126 43.50 -9.38 3.18
C THR C 126 44.07 -8.27 2.33
N ALA C 127 43.36 -7.90 1.26
CA ALA C 127 43.83 -6.87 0.34
C ALA C 127 43.83 -5.49 0.99
N ALA C 128 42.87 -5.28 1.88
CA ALA C 128 42.73 -4.00 2.54
C ALA C 128 43.90 -3.74 3.48
N VAL C 129 44.28 -4.74 4.27
CA VAL C 129 45.43 -4.55 5.18
C VAL C 129 46.75 -4.61 4.42
N LYS C 130 46.85 -5.39 3.35
CA LYS C 130 48.06 -5.38 2.54
C LYS C 130 48.28 -3.96 1.95
N ALA C 131 47.18 -3.36 1.50
CA ALA C 131 47.21 -2.02 0.94
C ALA C 131 47.43 -0.91 2.00
N GLY C 132 47.26 -1.27 3.27
CA GLY C 132 47.42 -0.30 4.37
C GLY C 132 46.23 0.66 4.52
N VAL C 133 45.06 0.19 4.16
CA VAL C 133 43.79 0.88 4.41
C VAL C 133 43.66 1.38 5.87
N GLY C 134 43.36 2.67 6.03
CA GLY C 134 43.36 3.30 7.36
C GLY C 134 42.36 2.63 8.31
N HIS C 135 41.12 2.43 7.85
CA HIS C 135 40.05 1.93 8.72
C HIS C 135 39.17 0.91 8.04
N ILE C 136 38.65 0.01 8.86
CA ILE C 136 37.68 -0.94 8.43
C ILE C 136 36.53 -0.87 9.41
N VAL C 137 35.33 -0.67 8.89
CA VAL C 137 34.18 -0.66 9.74
C VAL C 137 33.60 -2.07 9.82
N VAL C 138 33.83 -2.74 10.94
CA VAL C 138 33.36 -4.13 11.12
C VAL C 138 31.85 -4.28 11.37
N ASP C 139 31.28 -5.31 10.76
CA ASP C 139 29.85 -5.51 10.70
C ASP C 139 29.36 -6.78 11.39
N SER C 140 30.25 -7.62 11.85
CA SER C 140 29.85 -8.92 12.41
C SER C 140 30.96 -9.51 13.22
N MET C 141 30.58 -10.44 14.09
CA MET C 141 31.52 -11.12 14.97
C MET C 141 32.54 -11.90 14.14
N THR C 142 32.03 -12.54 13.10
CA THR C 142 32.83 -13.31 12.15
C THR C 142 33.90 -12.45 11.47
N GLU C 143 33.51 -11.21 11.09
CA GLU C 143 34.44 -10.28 10.45
C GLU C 143 35.59 -9.98 11.40
N ILE C 144 35.24 -9.72 12.66
CA ILE C 144 36.24 -9.36 13.65
C ILE C 144 37.28 -10.49 13.79
N GLU C 145 36.80 -11.74 13.93
CA GLU C 145 37.65 -12.92 14.01
C GLU C 145 38.59 -13.04 12.78
N ARG C 146 38.01 -12.93 11.58
CA ARG C 146 38.81 -12.95 10.33
C ARG C 146 39.83 -11.80 10.25
N LEU C 147 39.43 -10.59 10.61
CA LEU C 147 40.33 -9.45 10.49
C LEU C 147 41.51 -9.53 11.48
N ASP C 148 41.21 -9.89 12.73
CA ASP C 148 42.28 -10.06 13.70
C ASP C 148 43.37 -11.02 13.21
N ALA C 149 42.96 -12.19 12.69
CA ALA C 149 43.88 -13.17 12.13
C ALA C 149 44.67 -12.54 11.00
N ILE C 150 44.00 -11.76 10.15
CA ILE C 150 44.71 -11.12 9.03
C ILE C 150 45.75 -10.05 9.45
N ALA C 151 45.37 -9.22 10.41
CA ALA C 151 46.21 -8.16 10.94
C ALA C 151 47.42 -8.73 11.63
N GLY C 152 47.22 -9.80 12.42
CA GLY C 152 48.29 -10.46 13.14
C GLY C 152 49.30 -11.06 12.19
N GLU C 153 48.81 -11.71 11.13
CA GLU C 153 49.66 -12.26 10.08
C GLU C 153 50.52 -11.19 9.38
N ALA C 154 49.95 -10.00 9.18
CA ALA C 154 50.67 -8.91 8.57
C ALA C 154 51.58 -8.16 9.56
N GLY C 155 51.46 -8.45 10.85
CA GLY C 155 52.32 -7.83 11.87
C GLY C 155 51.90 -6.38 12.17
N ILE C 156 50.66 -6.06 11.85
CA ILE C 156 50.12 -4.71 12.04
C ILE C 156 48.94 -4.70 13.06
N VAL C 157 48.63 -3.52 13.62
CA VAL C 157 47.39 -3.35 14.35
C VAL C 157 46.46 -2.53 13.49
N GLN C 158 45.28 -3.10 13.21
CA GLN C 158 44.33 -2.49 12.33
C GLN C 158 43.29 -1.69 13.12
N ASP C 159 43.20 -0.38 12.83
CA ASP C 159 42.13 0.47 13.35
C ASP C 159 40.80 0.10 12.76
N VAL C 160 39.82 -0.01 13.64
CA VAL C 160 38.49 -0.38 13.23
C VAL C 160 37.45 0.50 13.92
N LEU C 161 36.28 0.55 13.29
CA LEU C 161 35.06 1.04 13.90
C LEU C 161 34.03 -0.09 13.93
N VAL C 162 33.07 0.00 14.86
CA VAL C 162 31.95 -0.95 14.92
C VAL C 162 30.71 -0.28 14.40
N ARG C 163 30.10 -0.97 13.43
CA ARG C 163 28.82 -0.54 12.88
C ARG C 163 27.67 -0.95 13.79
N LEU C 164 26.86 0.07 14.12
CA LEU C 164 25.82 -0.04 15.10
C LEU C 164 24.48 0.03 14.40
N THR C 165 23.50 -0.58 15.02
CA THR C 165 22.08 -0.48 14.63
C THR C 165 21.45 0.14 15.85
N VAL C 166 20.86 1.34 15.71
CA VAL C 166 20.24 2.07 16.83
C VAL C 166 18.72 2.26 16.72
N GLY C 167 18.11 1.73 15.66
CA GLY C 167 16.65 1.69 15.54
C GLY C 167 16.08 3.01 15.10
N VAL C 168 16.85 3.74 14.27
CA VAL C 168 16.43 5.00 13.70
C VAL C 168 16.47 4.89 12.18
N GLU C 169 15.38 5.28 11.52
CA GLU C 169 15.43 5.40 10.07
C GLU C 169 14.89 6.74 9.69
N ALA C 170 15.75 7.61 9.13
CA ALA C 170 15.31 8.94 8.72
C ALA C 170 15.20 9.13 7.23
N HIS C 171 14.14 9.84 6.81
CA HIS C 171 14.08 10.38 5.44
C HIS C 171 13.42 11.72 5.45
N THR C 172 13.84 12.57 4.50
CA THR C 172 13.29 13.95 4.33
C THR C 172 13.09 14.68 5.66
N HIS C 173 11.85 14.92 6.03
CA HIS C 173 11.53 15.69 7.26
C HIS C 173 10.94 14.80 8.39
N GLU C 174 11.19 13.49 8.32
CA GLU C 174 10.74 12.62 9.41
C GLU C 174 11.74 11.54 9.74
N PHE C 175 11.46 10.80 10.81
CA PHE C 175 12.12 9.56 11.10
C PHE C 175 11.22 8.63 11.91
N ILE C 176 11.60 7.37 11.90
CA ILE C 176 10.95 6.34 12.63
C ILE C 176 11.98 5.73 13.57
N SER C 177 11.56 5.49 14.81
CA SER C 177 12.36 4.77 15.77
C SER C 177 11.67 3.43 16.02
N THR C 178 12.44 2.34 15.89
CA THR C 178 11.93 0.99 16.13
C THR C 178 12.66 0.33 17.30
N ALA C 179 12.00 -0.63 17.93
CA ALA C 179 12.64 -1.41 19.00
C ALA C 179 13.68 -2.41 18.44
N HIS C 180 13.49 -2.82 17.17
CA HIS C 180 14.34 -3.79 16.49
C HIS C 180 14.43 -3.40 15.03
N GLU C 181 15.58 -2.91 14.60
CA GLU C 181 15.83 -2.76 13.18
C GLU C 181 16.01 -4.18 12.57
N ASP C 182 15.19 -4.51 11.58
CA ASP C 182 15.21 -5.82 11.00
C ASP C 182 15.94 -5.66 9.66
N GLN C 183 17.28 -5.66 9.73
CA GLN C 183 18.07 -5.49 8.54
C GLN C 183 19.49 -6.06 8.70
N LYS C 184 20.26 -6.05 7.61
CA LYS C 184 21.50 -6.83 7.54
C LYS C 184 22.76 -6.17 8.18
N PHE C 185 22.79 -4.85 8.26
CA PHE C 185 23.99 -4.19 8.77
C PHE C 185 24.04 -4.01 10.28
N GLY C 186 25.26 -3.98 10.78
CA GLY C 186 25.54 -3.52 12.17
C GLY C 186 25.11 -4.48 13.24
N LEU C 187 25.37 -4.04 14.48
CA LEU C 187 25.13 -4.79 15.69
C LEU C 187 24.26 -3.95 16.60
N SER C 188 23.21 -4.57 17.12
CA SER C 188 22.26 -3.86 17.94
C SER C 188 22.85 -3.46 19.31
N VAL C 189 22.88 -2.15 19.54
CA VAL C 189 23.12 -1.58 20.86
C VAL C 189 22.16 -2.17 21.93
N ALA C 190 20.86 -2.11 21.66
CA ALA C 190 19.83 -2.55 22.64
C ALA C 190 19.88 -4.07 23.02
N SER C 191 20.27 -4.91 22.07
CA SER C 191 20.36 -6.35 22.36
C SER C 191 21.60 -6.77 23.15
N GLY C 192 22.62 -5.90 23.15
CA GLY C 192 23.92 -6.22 23.76
C GLY C 192 24.92 -6.70 22.72
N ALA C 193 24.45 -6.92 21.49
CA ALA C 193 25.33 -7.43 20.45
C ALA C 193 26.50 -6.48 20.09
N ALA C 194 26.23 -5.18 20.14
CA ALA C 194 27.26 -4.16 19.96
C ALA C 194 28.35 -4.19 21.05
N MET C 195 27.93 -4.27 22.32
CA MET C 195 28.85 -4.42 23.41
C MET C 195 29.70 -5.70 23.26
N ALA C 196 29.08 -6.81 22.81
CA ALA C 196 29.79 -8.06 22.57
C ALA C 196 30.99 -7.81 21.61
N ALA C 197 30.67 -7.09 20.56
CA ALA C 197 31.65 -6.77 19.50
C ALA C 197 32.77 -5.84 19.99
N VAL C 198 32.40 -4.86 20.81
CA VAL C 198 33.38 -4.00 21.47
C VAL C 198 34.36 -4.82 22.34
N ARG C 199 33.81 -5.70 23.14
CA ARG C 199 34.59 -6.55 24.04
C ARG C 199 35.58 -7.37 23.25
N ARG C 200 35.10 -7.90 22.12
CA ARG C 200 35.87 -8.80 21.29
C ARG C 200 37.08 -8.10 20.69
N VAL C 201 36.81 -6.91 20.13
CA VAL C 201 37.85 -6.04 19.60
C VAL C 201 38.89 -5.68 20.64
N PHE C 202 38.45 -5.31 21.85
CA PHE C 202 39.36 -5.04 22.97
C PHE C 202 40.19 -6.26 23.36
N ALA C 203 39.63 -7.47 23.29
CA ALA C 203 40.30 -8.67 23.76
C ALA C 203 41.43 -9.10 22.82
N THR C 204 41.38 -8.51 21.61
CA THR C 204 42.32 -8.70 20.53
C THR C 204 43.63 -7.92 20.69
N ASP C 205 44.72 -8.48 20.15
CA ASP C 205 46.07 -7.87 20.15
C ASP C 205 46.28 -7.04 18.87
N HIS C 206 45.69 -7.50 17.78
CA HIS C 206 45.95 -6.96 16.45
C HIS C 206 44.91 -5.96 15.86
N LEU C 207 43.94 -5.52 16.66
CA LEU C 207 42.90 -4.63 16.20
C LEU C 207 42.77 -3.49 17.22
N ARG C 208 42.42 -2.29 16.74
CA ARG C 208 42.26 -1.17 17.66
C ARG C 208 40.95 -0.44 17.40
N LEU C 209 40.12 -0.32 18.43
CA LEU C 209 38.82 0.33 18.32
C LEU C 209 39.00 1.84 18.42
N VAL C 210 38.69 2.53 17.33
CA VAL C 210 38.92 3.99 17.29
C VAL C 210 37.63 4.76 17.08
N GLY C 211 36.50 4.06 16.98
CA GLY C 211 35.23 4.75 16.76
C GLY C 211 34.00 3.89 16.56
N LEU C 212 32.87 4.57 16.40
CA LEU C 212 31.59 3.91 16.26
C LEU C 212 30.84 4.50 15.06
N HIS C 213 30.13 3.63 14.37
CA HIS C 213 29.48 4.02 13.16
C HIS C 213 27.97 3.72 13.17
N SER C 214 27.22 4.69 12.66
CA SER C 214 25.79 4.56 12.44
C SER C 214 25.42 5.13 11.08
N HIS C 215 24.53 4.49 10.35
CA HIS C 215 23.97 5.06 9.12
C HIS C 215 22.46 4.93 9.22
N ILE C 216 21.73 6.02 9.01
CA ILE C 216 20.32 5.99 9.40
C ILE C 216 19.28 6.31 8.31
N GLY C 217 19.72 6.64 7.09
CA GLY C 217 18.80 6.82 5.98
C GLY C 217 19.35 7.58 4.80
N SER C 218 18.46 8.24 4.08
CA SER C 218 18.81 8.90 2.84
C SER C 218 17.90 10.11 2.67
N GLN C 219 18.38 11.13 1.95
CA GLN C 219 17.59 12.30 1.67
C GLN C 219 17.10 12.93 2.98
N ILE C 220 17.99 13.02 3.96
CA ILE C 220 17.62 13.52 5.27
C ILE C 220 17.75 15.06 5.27
N PHE C 221 16.64 15.73 5.60
CA PHE C 221 16.55 17.18 5.54
C PHE C 221 16.57 17.82 6.93
N ASP C 222 16.29 17.03 7.97
CA ASP C 222 16.27 17.50 9.37
C ASP C 222 17.37 16.85 10.20
N VAL C 223 17.68 17.45 11.32
CA VAL C 223 18.68 16.93 12.28
C VAL C 223 18.13 15.93 13.32
N ASP C 224 16.82 15.86 13.49
CA ASP C 224 16.24 15.17 14.66
C ASP C 224 16.48 13.65 14.69
N GLY C 225 16.42 12.99 13.55
CA GLY C 225 16.81 11.57 13.48
C GLY C 225 18.27 11.38 13.89
N PHE C 226 19.16 12.22 13.37
CA PHE C 226 20.59 12.24 13.73
C PHE C 226 20.79 12.41 15.19
N GLU C 227 19.95 13.25 15.79
CA GLU C 227 20.03 13.53 17.21
C GLU C 227 19.73 12.31 18.07
N LEU C 228 18.60 11.64 17.79
CA LEU C 228 18.31 10.37 18.47
C LEU C 228 19.39 9.34 18.21
N ALA C 229 19.82 9.19 16.97
CA ALA C 229 20.84 8.19 16.67
C ALA C 229 22.13 8.49 17.49
N ALA C 230 22.59 9.75 17.43
CA ALA C 230 23.74 10.21 18.20
C ALA C 230 23.55 9.92 19.69
N HIS C 231 22.36 10.15 20.22
CA HIS C 231 22.09 9.85 21.64
C HIS C 231 22.32 8.37 21.96
N ARG C 232 21.78 7.54 21.08
CA ARG C 232 21.84 6.10 21.20
C ARG C 232 23.26 5.54 21.06
N VAL C 233 24.00 6.02 20.07
CA VAL C 233 25.41 5.71 19.85
C VAL C 233 26.27 6.12 21.03
N ILE C 234 26.09 7.35 21.49
CA ILE C 234 26.90 7.86 22.60
C ILE C 234 26.58 7.15 23.94
N GLY C 235 25.36 6.67 24.07
CA GLY C 235 24.97 5.79 25.18
C GLY C 235 25.75 4.48 25.25
N LEU C 236 25.98 3.83 24.13
CA LEU C 236 26.91 2.70 24.10
C LEU C 236 28.30 3.17 24.58
N LEU C 237 28.79 4.28 24.04
CA LEU C 237 30.08 4.86 24.45
C LEU C 237 30.23 4.91 25.95
N ARG C 238 29.19 5.47 26.60
CA ARG C 238 29.09 5.54 28.02
C ARG C 238 29.11 4.13 28.65
N ASP C 239 28.43 3.16 28.05
CA ASP C 239 28.46 1.78 28.58
C ASP C 239 29.91 1.25 28.51
N VAL C 240 30.58 1.48 27.38
CA VAL C 240 31.93 1.00 27.17
C VAL C 240 32.91 1.53 28.23
N VAL C 241 33.23 2.82 28.16
CA VAL C 241 34.24 3.42 29.03
C VAL C 241 33.82 3.21 30.51
N GLY C 242 32.53 2.93 30.73
CA GLY C 242 32.04 2.49 32.03
C GLY C 242 32.71 1.19 32.44
N GLU C 243 32.61 0.21 31.54
CA GLU C 243 33.03 -1.19 31.79
C GLU C 243 34.55 -1.38 31.71
N PHE C 244 35.19 -0.63 30.83
CA PHE C 244 36.59 -0.81 30.55
C PHE C 244 37.47 0.31 31.10
N GLY C 245 36.83 1.39 31.52
CA GLY C 245 37.60 2.50 32.07
C GLY C 245 38.19 3.43 31.02
N PRO C 246 38.17 4.75 31.30
CA PRO C 246 38.83 5.76 30.43
C PRO C 246 40.36 5.55 30.39
N GLU C 247 40.80 4.61 29.54
CA GLU C 247 42.21 4.15 29.47
C GLU C 247 42.37 3.21 28.29
N LYS C 248 41.59 2.13 28.30
CA LYS C 248 41.46 1.25 27.12
C LYS C 248 40.54 1.89 26.08
N THR C 249 39.84 2.97 26.49
CA THR C 249 38.81 3.62 25.67
C THR C 249 39.21 5.01 25.16
N ALA C 250 40.32 5.52 25.68
CA ALA C 250 40.82 6.84 25.30
C ALA C 250 40.83 7.03 23.76
N GLN C 251 41.06 5.92 23.07
CA GLN C 251 41.25 5.98 21.63
C GLN C 251 39.94 5.84 20.85
N ILE C 252 38.81 5.60 21.53
CA ILE C 252 37.53 5.64 20.84
C ILE C 252 37.10 7.10 20.55
N ALA C 253 37.82 7.73 19.63
CA ALA C 253 37.77 9.16 19.52
C ALA C 253 36.77 9.72 18.46
N THR C 254 36.10 8.82 17.74
CA THR C 254 35.27 9.14 16.57
C THR C 254 33.86 8.59 16.67
N VAL C 255 32.90 9.48 16.47
CA VAL C 255 31.50 9.07 16.18
C VAL C 255 31.16 9.43 14.73
N ASP C 256 30.92 8.39 13.96
CA ASP C 256 30.66 8.51 12.55
C ASP C 256 29.15 8.26 12.38
N LEU C 257 28.43 9.32 11.96
CA LEU C 257 26.97 9.28 11.81
C LEU C 257 26.48 8.94 10.40
N GLY C 258 27.39 8.55 9.52
CA GLY C 258 27.03 7.94 8.25
C GLY C 258 26.70 8.99 7.21
N GLY C 259 25.99 8.57 6.16
CA GLY C 259 25.65 9.44 5.06
C GLY C 259 24.20 9.83 5.12
N GLY C 260 23.62 10.09 3.95
CA GLY C 260 22.21 10.35 3.82
C GLY C 260 21.86 11.82 3.78
N LEU C 261 22.87 12.68 3.74
CA LEU C 261 22.62 14.14 3.60
C LEU C 261 21.87 14.35 2.29
N GLY C 262 20.86 15.21 2.36
CA GLY C 262 19.85 15.31 1.29
C GLY C 262 20.14 16.39 0.28
N ILE C 263 19.70 16.16 -0.95
CA ILE C 263 19.84 17.15 -2.03
C ILE C 263 18.43 17.47 -2.58
N SER C 264 18.35 18.42 -3.49
CA SER C 264 17.07 18.73 -4.16
C SER C 264 16.91 18.01 -5.49
N TYR C 265 16.03 17.02 -5.54
CA TYR C 265 15.67 16.41 -6.82
C TYR C 265 14.64 17.24 -7.57
N LEU C 266 13.75 17.86 -6.80
CA LEU C 266 12.63 18.66 -7.27
C LEU C 266 12.78 20.04 -6.71
N PRO C 267 12.25 21.04 -7.40
CA PRO C 267 12.39 22.44 -6.89
C PRO C 267 11.87 22.60 -5.44
N SER C 268 10.79 21.88 -5.11
CA SER C 268 10.19 21.92 -3.77
C SER C 268 11.03 21.24 -2.67
N ASP C 269 11.99 20.41 -3.06
CA ASP C 269 12.89 19.78 -2.09
C ASP C 269 13.66 20.87 -1.33
N ASP C 270 13.72 20.77 -0.01
CA ASP C 270 14.35 21.82 0.81
C ASP C 270 15.38 21.41 1.88
N PRO C 271 16.51 20.79 1.48
CA PRO C 271 17.54 20.43 2.45
C PRO C 271 18.19 21.72 2.99
N PRO C 272 18.68 21.72 4.23
CA PRO C 272 19.21 23.01 4.69
C PRO C 272 20.63 23.22 4.18
N PRO C 273 21.14 24.46 4.23
CA PRO C 273 22.56 24.60 3.89
C PRO C 273 23.43 23.69 4.79
N ILE C 274 24.38 22.98 4.20
CA ILE C 274 25.25 22.07 4.98
C ILE C 274 25.94 22.72 6.23
N ALA C 275 26.32 24.01 6.13
CA ALA C 275 26.90 24.76 7.26
C ALA C 275 25.98 24.71 8.48
N GLU C 276 24.70 25.00 8.24
CA GLU C 276 23.66 25.00 9.24
C GLU C 276 23.44 23.62 9.89
N LEU C 277 23.31 22.60 9.07
CA LEU C 277 23.09 21.24 9.59
C LEU C 277 24.31 20.71 10.36
N ALA C 278 25.52 20.91 9.82
CA ALA C 278 26.75 20.46 10.48
C ALA C 278 26.94 21.10 11.82
N ALA C 279 26.70 22.41 11.95
CA ALA C 279 26.74 23.08 13.26
C ALA C 279 25.77 22.49 14.28
N LYS C 280 24.54 22.20 13.87
CA LYS C 280 23.57 21.54 14.75
C LYS C 280 24.08 20.16 15.20
N LEU C 281 24.52 19.40 14.22
CA LEU C 281 25.21 18.12 14.41
C LEU C 281 26.38 18.19 15.41
N GLY C 282 27.19 19.25 15.29
CA GLY C 282 28.33 19.47 16.19
C GLY C 282 27.87 19.74 17.62
N THR C 283 26.82 20.53 17.77
CA THR C 283 26.28 20.85 19.09
C THR C 283 25.65 19.64 19.74
N ILE C 284 24.91 18.83 18.98
CA ILE C 284 24.38 17.58 19.49
C ILE C 284 25.48 16.68 20.07
N VAL C 285 26.53 16.46 19.28
CA VAL C 285 27.62 15.55 19.64
C VAL C 285 28.33 15.98 20.92
N SER C 286 28.58 17.28 21.02
CA SER C 286 29.16 17.83 22.24
C SER C 286 28.18 17.75 23.43
N ASP C 287 26.94 18.16 23.22
CA ASP C 287 25.91 18.07 24.25
C ASP C 287 25.69 16.64 24.74
N GLU C 288 25.57 15.66 23.82
CA GLU C 288 25.33 14.28 24.22
C GLU C 288 26.49 13.71 25.02
N SER C 289 27.70 14.02 24.61
CA SER C 289 28.87 13.43 25.25
C SER C 289 29.10 14.02 26.65
N THR C 290 28.87 15.32 26.79
CA THR C 290 28.91 15.96 28.13
C THR C 290 27.79 15.48 29.06
N ALA C 291 26.58 15.24 28.53
CA ALA C 291 25.47 14.69 29.33
C ALA C 291 25.85 13.40 30.05
N VAL C 292 26.72 12.59 29.44
CA VAL C 292 27.16 11.31 29.99
C VAL C 292 28.61 11.37 30.46
N GLY C 293 29.14 12.58 30.60
CA GLY C 293 30.43 12.79 31.22
C GLY C 293 31.61 12.34 30.40
N LEU C 294 31.47 12.38 29.08
CA LEU C 294 32.59 12.04 28.19
C LEU C 294 33.14 13.28 27.46
N PRO C 295 34.42 13.26 27.05
CA PRO C 295 34.92 14.30 26.13
C PRO C 295 34.26 14.19 24.77
N THR C 296 34.14 15.32 24.06
CA THR C 296 33.43 15.28 22.82
C THR C 296 34.26 14.58 21.72
N PRO C 297 33.67 13.53 21.11
CA PRO C 297 34.33 12.80 20.04
C PRO C 297 34.33 13.60 18.74
N LYS C 298 35.24 13.25 17.85
CA LYS C 298 35.24 13.77 16.50
C LYS C 298 33.98 13.25 15.78
N LEU C 299 33.35 14.14 15.01
CA LEU C 299 32.19 13.79 14.16
C LEU C 299 32.64 13.60 12.71
N VAL C 300 32.29 12.45 12.18
CA VAL C 300 32.57 12.06 10.81
C VAL C 300 31.24 11.82 10.13
N VAL C 301 31.22 12.14 8.85
CA VAL C 301 30.02 12.06 8.03
C VAL C 301 30.45 11.44 6.70
N GLU C 302 29.55 10.67 6.08
CA GLU C 302 29.84 9.89 4.84
C GLU C 302 28.92 10.20 3.61
N PRO C 303 28.87 11.46 3.14
CA PRO C 303 27.93 11.71 2.04
C PRO C 303 28.33 11.12 0.68
N GLY C 304 27.39 10.52 -0.03
CA GLY C 304 27.60 10.23 -1.42
C GLY C 304 26.86 11.24 -2.28
N ARG C 305 25.55 11.13 -2.25
CA ARG C 305 24.62 11.91 -3.05
C ARG C 305 24.86 13.43 -2.96
N ALA C 306 25.19 13.93 -1.78
CA ALA C 306 25.35 15.36 -1.58
C ALA C 306 26.65 15.91 -2.11
N ILE C 307 27.57 15.01 -2.48
CA ILE C 307 28.76 15.39 -3.24
C ILE C 307 28.53 15.21 -4.76
N ALA C 308 28.12 14.00 -5.16
CA ALA C 308 28.08 13.57 -6.58
C ALA C 308 26.79 13.90 -7.35
N GLY C 309 25.67 13.95 -6.63
CA GLY C 309 24.37 14.01 -7.28
C GLY C 309 24.08 15.28 -8.07
N PRO C 310 24.08 16.45 -7.39
CA PRO C 310 23.63 17.73 -8.03
C PRO C 310 24.42 18.24 -9.20
N GLY C 311 25.70 17.88 -9.26
CA GLY C 311 26.55 18.45 -10.34
C GLY C 311 26.39 17.79 -11.69
N THR C 312 25.61 16.71 -11.77
CA THR C 312 25.51 16.02 -13.04
C THR C 312 24.10 15.80 -13.49
N ILE C 313 23.95 15.86 -14.80
CA ILE C 313 22.67 15.72 -15.44
C ILE C 313 22.78 14.63 -16.51
N THR C 314 21.64 14.16 -16.98
CA THR C 314 21.64 13.19 -18.08
C THR C 314 20.96 13.79 -19.28
N LEU C 315 21.68 13.82 -20.38
CA LEU C 315 21.19 14.47 -21.58
C LEU C 315 20.70 13.40 -22.52
N TYR C 316 19.48 13.60 -23.04
CA TYR C 316 18.81 12.64 -23.92
C TYR C 316 18.29 13.32 -25.17
N GLU C 317 18.12 12.51 -26.22
CA GLU C 317 17.41 12.93 -27.40
C GLU C 317 16.01 12.30 -27.44
N VAL C 318 15.02 13.14 -27.72
CA VAL C 318 13.67 12.67 -27.92
C VAL C 318 13.59 11.94 -29.25
N GLY C 319 13.05 10.72 -29.21
CA GLY C 319 12.86 9.92 -30.42
C GLY C 319 11.41 9.76 -30.81
N THR C 320 10.52 9.62 -29.82
CA THR C 320 9.09 9.40 -30.10
C THR C 320 8.22 10.14 -29.13
N VAL C 321 7.16 10.72 -29.65
CA VAL C 321 6.20 11.45 -28.85
C VAL C 321 4.81 10.89 -29.18
N LYS C 322 4.12 10.38 -28.15
CA LYS C 322 2.87 9.68 -28.36
C LYS C 322 1.87 10.20 -27.37
N ASP C 323 0.76 10.68 -27.90
CA ASP C 323 -0.33 11.03 -27.03
C ASP C 323 -1.21 9.83 -26.63
N VAL C 324 -1.22 9.54 -25.32
CA VAL C 324 -2.00 8.42 -24.76
C VAL C 324 -3.27 8.81 -23.98
N ASP C 325 -4.42 8.25 -24.37
CA ASP C 325 -5.71 8.48 -23.71
C ASP C 325 -5.73 7.84 -22.37
N VAL C 326 -6.00 8.60 -21.31
CA VAL C 326 -5.92 8.00 -19.97
C VAL C 326 -7.26 8.02 -19.24
N SER C 327 -8.25 8.64 -19.88
CA SER C 327 -9.61 8.67 -19.40
C SER C 327 -10.40 9.05 -20.64
N ALA C 328 -11.70 9.32 -20.52
CA ALA C 328 -12.51 9.71 -21.66
C ALA C 328 -12.24 11.14 -22.11
N THR C 329 -11.53 11.90 -21.29
CA THR C 329 -11.28 13.33 -21.54
C THR C 329 -9.80 13.70 -21.47
N ALA C 330 -9.04 12.93 -20.73
CA ALA C 330 -7.66 13.22 -20.40
C ALA C 330 -6.65 12.40 -21.21
N HIS C 331 -5.43 12.91 -21.34
CA HIS C 331 -4.36 12.32 -22.13
C HIS C 331 -3.08 12.51 -21.36
N ARG C 332 -2.06 11.70 -21.66
CA ARG C 332 -0.75 11.89 -21.11
C ARG C 332 0.22 11.77 -22.27
N ARG C 333 1.20 12.66 -22.33
CA ARG C 333 2.12 12.76 -23.47
C ARG C 333 3.35 11.90 -23.18
N TYR C 334 3.46 10.73 -23.84
CA TYR C 334 4.62 9.85 -23.61
C TYR C 334 5.80 10.27 -24.48
N VAL C 335 6.88 10.63 -23.83
CA VAL C 335 8.02 11.14 -24.57
C VAL C 335 9.12 10.10 -24.43
N SER C 336 9.37 9.37 -25.52
CA SER C 336 10.40 8.32 -25.51
C SER C 336 11.76 8.86 -25.84
N VAL C 337 12.71 8.33 -25.14
CA VAL C 337 13.99 8.89 -25.08
C VAL C 337 15.00 7.77 -25.29
N ASP C 338 16.21 8.25 -25.31
CA ASP C 338 17.37 7.66 -25.79
C ASP C 338 18.01 6.53 -24.88
N GLY C 339 17.55 6.38 -23.65
CA GLY C 339 18.09 5.38 -22.76
C GLY C 339 16.95 4.81 -21.96
N GLY C 340 17.05 4.90 -20.64
CA GLY C 340 16.00 4.40 -19.76
C GLY C 340 16.56 3.76 -18.51
N MET C 341 15.86 2.74 -18.03
CA MET C 341 16.24 2.03 -16.82
C MET C 341 17.68 1.50 -16.80
N SER C 342 18.29 1.36 -17.98
CA SER C 342 19.72 1.02 -18.09
C SER C 342 20.64 2.11 -17.53
N ASP C 343 20.30 3.38 -17.67
CA ASP C 343 21.18 4.45 -17.17
C ASP C 343 20.57 5.13 -15.92
N ASN C 344 19.29 4.87 -15.66
CA ASN C 344 18.62 5.44 -14.50
C ASN C 344 17.46 4.57 -14.07
N ILE C 345 17.80 3.60 -13.23
CA ILE C 345 16.87 2.60 -12.71
C ILE C 345 16.11 3.08 -11.48
N ARG C 346 16.41 4.29 -11.00
CA ARG C 346 15.95 4.77 -9.69
C ARG C 346 14.46 5.04 -9.58
N THR C 347 13.85 5.50 -10.68
CA THR C 347 12.41 5.71 -10.69
C THR C 347 11.73 4.37 -10.51
N ALA C 348 12.07 3.40 -11.34
CA ALA C 348 11.53 2.07 -11.19
C ALA C 348 11.92 1.46 -9.84
N LEU C 349 13.18 1.67 -9.43
CA LEU C 349 13.70 0.90 -8.28
C LEU C 349 13.20 1.45 -6.95
N TYR C 350 13.22 2.78 -6.80
CA TYR C 350 12.94 3.40 -5.53
C TYR C 350 11.73 4.33 -5.55
N GLY C 351 11.02 4.41 -6.69
CA GLY C 351 10.00 5.44 -6.87
C GLY C 351 10.61 6.84 -6.92
N ALA C 352 11.88 6.94 -7.30
CA ALA C 352 12.52 8.26 -7.35
C ALA C 352 11.78 9.29 -8.22
N GLN C 353 11.90 10.56 -7.89
CA GLN C 353 11.27 11.60 -8.66
C GLN C 353 12.31 12.59 -9.14
N TYR C 354 12.28 12.90 -10.44
CA TYR C 354 13.28 13.75 -11.07
C TYR C 354 12.66 14.94 -11.77
N ASP C 355 13.45 16.00 -12.00
CA ASP C 355 13.05 17.19 -12.77
C ASP C 355 13.64 17.01 -14.19
N VAL C 356 12.81 17.15 -15.21
CA VAL C 356 13.27 17.08 -16.59
C VAL C 356 12.84 18.36 -17.30
N ARG C 357 13.73 18.83 -18.16
CA ARG C 357 13.59 20.10 -18.84
C ARG C 357 14.03 19.98 -20.29
N LEU C 358 13.35 20.69 -21.17
CA LEU C 358 13.77 20.87 -22.56
C LEU C 358 14.95 21.85 -22.57
N VAL C 359 16.08 21.47 -23.17
CA VAL C 359 17.32 22.26 -23.07
C VAL C 359 17.92 22.71 -24.41
N SER C 360 17.30 22.31 -25.52
CA SER C 360 17.87 22.57 -26.82
C SER C 360 17.29 23.82 -27.46
N ARG C 361 16.15 24.25 -26.93
CA ARG C 361 15.38 25.38 -27.48
C ARG C 361 14.53 25.96 -26.36
N VAL C 362 14.00 27.14 -26.60
CA VAL C 362 12.91 27.67 -25.78
C VAL C 362 11.61 27.47 -26.55
N SER C 363 10.68 26.75 -25.93
CA SER C 363 9.33 26.62 -26.45
C SER C 363 8.41 27.71 -25.88
N ASP C 364 7.49 28.18 -26.74
CA ASP C 364 6.39 29.01 -26.27
C ASP C 364 5.10 28.20 -26.16
N ALA C 365 5.18 26.90 -26.40
CA ALA C 365 4.00 26.05 -26.41
C ALA C 365 3.53 25.82 -24.96
N PRO C 366 2.22 25.68 -24.75
CA PRO C 366 1.76 25.54 -23.35
C PRO C 366 2.18 24.18 -22.75
N PRO C 367 2.33 24.11 -21.41
CA PRO C 367 2.67 22.80 -20.79
C PRO C 367 1.55 21.76 -20.87
N VAL C 368 1.96 20.50 -20.85
CA VAL C 368 1.07 19.39 -21.11
C VAL C 368 1.56 18.24 -20.21
N PRO C 369 0.61 17.53 -19.53
CA PRO C 369 0.98 16.42 -18.64
C PRO C 369 1.73 15.34 -19.42
N ALA C 370 2.80 14.79 -18.84
CA ALA C 370 3.70 13.94 -19.60
C ALA C 370 4.27 12.84 -18.75
N ARG C 371 4.85 11.84 -19.42
CA ARG C 371 5.66 10.81 -18.76
C ARG C 371 6.92 10.66 -19.63
N LEU C 372 8.11 10.70 -19.01
CA LEU C 372 9.35 10.45 -19.73
C LEU C 372 9.69 8.98 -19.61
N VAL C 373 9.83 8.32 -20.77
CA VAL C 373 10.06 6.90 -20.82
C VAL C 373 11.30 6.57 -21.65
N GLY C 374 11.92 5.43 -21.38
CA GLY C 374 13.08 4.99 -22.16
C GLY C 374 12.64 4.11 -23.32
N LYS C 375 13.60 3.40 -23.91
CA LYS C 375 13.43 2.61 -25.14
C LYS C 375 13.40 1.08 -24.89
N HIS C 376 13.42 0.69 -23.61
CA HIS C 376 13.43 -0.73 -23.22
C HIS C 376 12.09 -1.35 -23.35
N CYS C 377 12.10 -2.65 -23.66
CA CYS C 377 10.93 -3.44 -23.96
C CYS C 377 10.21 -3.92 -22.70
N GLU C 378 9.86 -2.95 -21.86
CA GLU C 378 9.20 -3.18 -20.58
C GLU C 378 8.37 -1.94 -20.26
N SER C 379 7.07 -2.12 -19.97
CA SER C 379 6.16 -1.02 -19.55
C SER C 379 6.72 -0.14 -18.42
N GLY C 380 7.36 -0.80 -17.43
CA GLY C 380 7.89 -0.12 -16.25
C GLY C 380 9.17 0.65 -16.48
N ASP C 381 9.69 0.68 -17.73
CA ASP C 381 10.87 1.49 -18.10
C ASP C 381 10.50 2.98 -18.23
N ILE C 382 10.38 3.62 -17.08
CA ILE C 382 9.88 4.97 -16.93
C ILE C 382 10.98 5.74 -16.22
N ILE C 383 11.37 6.90 -16.80
CA ILE C 383 12.46 7.73 -16.25
C ILE C 383 11.88 8.82 -15.34
N VAL C 384 10.83 9.50 -15.78
CA VAL C 384 10.14 10.45 -14.96
C VAL C 384 8.67 10.14 -15.13
N ARG C 385 8.07 9.68 -14.05
CA ARG C 385 6.64 9.31 -14.04
C ARG C 385 5.73 10.46 -14.40
N ASP C 386 5.81 11.55 -13.64
CA ASP C 386 4.85 12.63 -13.82
C ASP C 386 5.58 13.95 -13.95
N THR C 387 5.43 14.56 -15.11
CA THR C 387 6.15 15.76 -15.43
C THR C 387 5.32 16.50 -16.44
N TRP C 388 5.87 17.62 -16.90
CA TRP C 388 5.19 18.51 -17.81
C TRP C 388 6.16 18.88 -18.90
N VAL C 389 5.66 18.89 -20.14
CA VAL C 389 6.51 19.21 -21.28
C VAL C 389 5.75 20.21 -22.11
N PRO C 390 6.48 20.99 -22.96
CA PRO C 390 5.84 21.86 -23.95
C PRO C 390 5.01 21.02 -24.90
N ASP C 391 3.86 21.56 -25.30
CA ASP C 391 2.98 20.92 -26.24
C ASP C 391 3.65 20.62 -27.61
N ASP C 392 4.71 21.35 -27.95
CA ASP C 392 5.37 21.12 -29.24
C ASP C 392 6.66 20.28 -29.17
N ILE C 393 6.90 19.63 -28.04
CA ILE C 393 8.01 18.70 -27.96
C ILE C 393 7.97 17.70 -29.13
N ARG C 394 9.15 17.41 -29.65
CA ARG C 394 9.25 16.74 -30.94
C ARG C 394 10.52 15.92 -30.99
N PRO C 395 10.55 14.88 -31.85
CA PRO C 395 11.79 14.13 -32.03
C PRO C 395 12.94 15.04 -32.40
N GLY C 396 14.10 14.80 -31.81
CA GLY C 396 15.25 15.63 -32.12
C GLY C 396 15.49 16.71 -31.08
N ASP C 397 14.47 17.08 -30.31
CA ASP C 397 14.69 17.96 -29.14
C ASP C 397 15.58 17.24 -28.15
N LEU C 398 16.39 18.00 -27.43
CA LEU C 398 17.11 17.48 -26.27
C LEU C 398 16.47 17.89 -24.92
N VAL C 399 16.33 16.90 -24.06
CA VAL C 399 15.93 17.11 -22.68
C VAL C 399 17.04 16.61 -21.76
N ALA C 400 17.09 17.19 -20.57
CA ALA C 400 18.00 16.77 -19.53
C ALA C 400 17.27 16.50 -18.23
N VAL C 401 17.70 15.43 -17.56
CA VAL C 401 17.16 15.02 -16.29
C VAL C 401 18.18 15.44 -15.27
N ALA C 402 17.72 16.22 -14.29
CA ALA C 402 18.62 16.82 -13.28
C ALA C 402 19.05 15.85 -12.18
N ALA C 403 20.21 16.14 -11.56
CA ALA C 403 20.66 15.40 -10.35
C ALA C 403 20.82 13.87 -10.53
N THR C 404 21.40 13.46 -11.65
CA THR C 404 21.63 12.02 -11.89
C THR C 404 23.03 11.59 -11.57
N GLY C 405 23.79 12.47 -10.91
CA GLY C 405 25.20 12.21 -10.53
C GLY C 405 25.46 11.10 -9.51
N ALA C 406 24.43 10.72 -8.75
CA ALA C 406 24.56 9.74 -7.71
C ALA C 406 23.65 8.54 -8.01
N TYR C 407 24.29 7.37 -8.01
CA TYR C 407 23.57 6.09 -8.11
C TYR C 407 22.88 5.84 -9.47
N CYS C 408 23.20 6.54 -10.54
CA CYS C 408 22.47 6.26 -11.75
C CYS C 408 23.42 5.42 -12.60
N TYR C 409 24.59 6.00 -12.90
CA TYR C 409 25.63 5.26 -13.55
C TYR C 409 26.09 4.05 -12.72
N SER C 410 26.33 4.23 -11.41
CA SER C 410 26.70 3.10 -10.52
C SER C 410 25.81 1.88 -10.72
N LEU C 411 24.52 2.14 -11.00
CA LEU C 411 23.54 1.08 -11.11
C LEU C 411 23.22 0.72 -12.60
N SER C 412 23.99 1.27 -13.55
CA SER C 412 23.78 0.98 -14.97
C SER C 412 23.92 -0.50 -15.32
N SER C 413 23.11 -0.93 -16.28
CA SER C 413 23.10 -2.30 -16.76
C SER C 413 23.18 -2.32 -18.30
N ARG C 414 23.28 -3.50 -18.89
CA ARG C 414 23.16 -3.60 -20.34
C ARG C 414 21.80 -4.24 -20.73
N TYR C 415 20.75 -3.90 -20.01
CA TYR C 415 19.40 -4.40 -20.31
C TYR C 415 19.08 -4.14 -21.76
N ASN C 416 18.60 -5.16 -22.46
CA ASN C 416 18.41 -5.10 -23.94
C ASN C 416 19.68 -4.78 -24.72
N MET C 417 20.86 -5.15 -24.17
CA MET C 417 22.13 -4.87 -24.86
C MET C 417 22.25 -3.37 -25.15
N VAL C 418 21.82 -2.55 -24.20
CA VAL C 418 21.96 -1.13 -24.32
C VAL C 418 23.25 -0.78 -23.56
N GLY C 419 24.29 -0.36 -24.28
CA GLY C 419 25.56 -0.10 -23.64
C GLY C 419 25.53 1.14 -22.77
N ARG C 420 26.46 1.22 -21.84
CA ARG C 420 26.58 2.38 -20.94
C ARG C 420 26.81 3.68 -21.70
N PRO C 421 26.14 4.78 -21.28
CA PRO C 421 26.42 6.08 -21.89
C PRO C 421 27.83 6.61 -21.60
N ALA C 422 28.32 7.50 -22.45
CA ALA C 422 29.55 8.23 -22.16
C ALA C 422 29.36 9.17 -20.97
N VAL C 423 30.45 9.48 -20.29
CA VAL C 423 30.44 10.40 -19.21
C VAL C 423 31.49 11.42 -19.52
N VAL C 424 31.07 12.68 -19.50
CA VAL C 424 31.90 13.81 -19.86
C VAL C 424 31.98 14.75 -18.64
N ALA C 425 33.14 15.38 -18.44
CA ALA C 425 33.36 16.36 -17.41
C ALA C 425 33.57 17.72 -18.06
N VAL C 426 32.93 18.75 -17.51
CA VAL C 426 33.05 20.08 -18.09
C VAL C 426 33.59 21.02 -17.04
N HIS C 427 34.48 21.91 -17.47
CA HIS C 427 35.14 22.84 -16.59
C HIS C 427 35.58 24.07 -17.38
N ALA C 428 35.08 25.23 -16.93
CA ALA C 428 35.47 26.53 -17.46
C ALA C 428 35.44 26.61 -18.99
N GLY C 429 34.40 26.02 -19.59
CA GLY C 429 34.23 26.07 -21.05
C GLY C 429 34.91 24.96 -21.82
N ASN C 430 35.51 24.02 -21.11
CA ASN C 430 36.19 22.87 -21.72
C ASN C 430 35.60 21.55 -21.26
N ALA C 431 35.32 20.66 -22.22
CA ALA C 431 34.78 19.33 -21.93
C ALA C 431 35.81 18.28 -22.26
N ARG C 432 35.80 17.20 -21.49
CA ARG C 432 36.69 16.08 -21.75
C ARG C 432 35.95 14.81 -21.43
N LEU C 433 36.16 13.80 -22.26
CA LEU C 433 35.53 12.50 -22.07
C LEU C 433 36.21 11.84 -20.90
N VAL C 434 35.43 11.28 -20.00
CA VAL C 434 35.93 10.69 -18.76
C VAL C 434 35.78 9.19 -18.88
N LEU C 435 34.54 8.74 -19.12
CA LEU C 435 34.24 7.32 -19.35
C LEU C 435 33.62 7.23 -20.73
N ARG C 436 34.17 6.35 -21.57
CA ARG C 436 33.63 6.21 -22.93
C ARG C 436 32.36 5.37 -22.93
N ARG C 437 31.53 5.61 -23.92
CA ARG C 437 30.37 4.85 -24.22
C ARG C 437 30.76 3.42 -24.60
N GLU C 438 29.98 2.47 -24.08
CA GLU C 438 30.10 1.06 -24.48
C GLU C 438 29.73 0.77 -25.95
N THR C 439 30.40 -0.22 -26.53
CA THR C 439 30.22 -0.59 -27.94
C THR C 439 29.72 -2.06 -28.05
N VAL C 440 29.33 -2.47 -29.24
CA VAL C 440 29.02 -3.90 -29.50
C VAL C 440 30.16 -4.84 -29.08
N ASP C 441 31.41 -4.45 -29.32
CA ASP C 441 32.56 -5.21 -28.83
C ASP C 441 32.58 -5.39 -27.31
N ASP C 442 32.27 -4.35 -26.56
CA ASP C 442 32.06 -4.46 -25.11
C ASP C 442 30.95 -5.48 -24.73
N LEU C 443 29.78 -5.32 -25.33
CA LEU C 443 28.66 -6.25 -25.21
C LEU C 443 29.03 -7.70 -25.46
N LEU C 444 29.95 -7.94 -26.41
CA LEU C 444 30.35 -9.31 -26.72
C LEU C 444 31.60 -9.77 -25.99
N SER C 445 32.20 -8.94 -25.14
CA SER C 445 33.55 -9.23 -24.66
C SER C 445 33.71 -10.37 -23.69
N LEU C 446 32.64 -10.76 -23.03
CA LEU C 446 32.72 -11.83 -22.04
C LEU C 446 32.46 -13.20 -22.68
N GLU C 447 32.15 -13.17 -23.97
CA GLU C 447 31.79 -14.37 -24.68
C GLU C 447 33.00 -15.19 -24.97
N VAL C 448 32.84 -16.49 -24.78
CA VAL C 448 33.92 -17.43 -24.81
C VAL C 448 33.89 -18.17 -26.17
N ARG C 449 34.31 -19.45 -26.11
CA ARG C 449 34.27 -20.43 -27.23
C ARG C 449 35.02 -21.70 -26.81
N ASN D 4 15.24 -32.34 6.12
CA ASN D 4 13.95 -33.13 5.95
C ASN D 4 13.07 -32.57 4.81
N GLU D 5 12.34 -31.48 5.06
CA GLU D 5 11.53 -30.82 4.00
C GLU D 5 12.24 -29.58 3.40
N LEU D 6 13.31 -29.15 4.07
CA LEU D 6 14.16 -28.09 3.58
C LEU D 6 15.17 -28.62 2.56
N LEU D 7 15.28 -29.94 2.49
CA LEU D 7 16.14 -30.54 1.48
C LEU D 7 15.45 -30.72 0.11
N HIS D 8 14.11 -30.73 0.12
CA HIS D 8 13.27 -30.97 -1.06
C HIS D 8 13.47 -29.93 -2.12
N LEU D 9 13.58 -30.41 -3.36
CA LEU D 9 13.82 -29.55 -4.48
C LEU D 9 12.62 -29.76 -5.41
N ALA D 10 11.60 -28.92 -5.23
CA ALA D 10 10.35 -29.01 -5.99
C ALA D 10 10.59 -29.10 -7.49
N PRO D 11 10.18 -30.23 -8.11
CA PRO D 11 10.41 -30.50 -9.53
C PRO D 11 9.90 -29.41 -10.46
N ASN D 12 8.81 -28.77 -10.09
CA ASN D 12 8.29 -27.73 -10.93
C ASN D 12 9.19 -26.48 -10.90
N VAL D 13 9.92 -26.28 -9.79
CA VAL D 13 10.83 -25.15 -9.64
C VAL D 13 12.27 -25.36 -10.20
N TRP D 14 12.87 -26.50 -9.91
CA TRP D 14 14.29 -26.71 -10.13
C TRP D 14 14.49 -27.16 -11.57
N PRO D 15 15.71 -26.97 -12.13
CA PRO D 15 15.99 -27.48 -13.49
C PRO D 15 15.61 -28.94 -13.65
N ARG D 16 15.19 -29.31 -14.87
CA ARG D 16 14.72 -30.67 -15.15
C ARG D 16 15.69 -31.80 -14.77
N ASN D 17 16.98 -31.50 -14.89
CA ASN D 17 18.01 -32.50 -14.71
C ASN D 17 18.78 -32.32 -13.41
N THR D 18 18.05 -31.88 -12.39
CA THR D 18 18.50 -31.73 -10.99
C THR D 18 18.37 -33.05 -10.27
N THR D 19 19.44 -33.45 -9.59
CA THR D 19 19.44 -34.64 -8.77
C THR D 19 20.16 -34.34 -7.46
N ARG D 20 20.14 -35.29 -6.52
CA ARG D 20 21.03 -35.23 -5.39
C ARG D 20 22.00 -36.41 -5.30
N ASP D 21 23.27 -36.10 -5.03
CA ASP D 21 24.34 -37.09 -4.68
C ASP D 21 23.96 -38.12 -3.66
N GLU D 22 24.86 -39.09 -3.52
CA GLU D 22 24.86 -39.99 -2.37
C GLU D 22 25.54 -39.33 -1.14
N VAL D 23 26.36 -38.30 -1.39
CA VAL D 23 26.93 -37.51 -0.28
C VAL D 23 26.10 -36.22 0.02
N GLY D 24 24.96 -36.09 -0.65
CA GLY D 24 24.04 -34.98 -0.39
C GLY D 24 24.33 -33.69 -1.16
N VAL D 25 25.02 -33.79 -2.28
CA VAL D 25 25.27 -32.62 -3.08
C VAL D 25 24.30 -32.63 -4.26
N VAL D 26 23.69 -31.47 -4.46
CA VAL D 26 22.79 -31.25 -5.59
C VAL D 26 23.60 -31.19 -6.87
N CYS D 27 23.19 -31.94 -7.87
CA CYS D 27 23.88 -31.99 -9.15
C CYS D 27 22.95 -31.42 -10.22
N ILE D 28 23.56 -30.78 -11.21
CA ILE D 28 22.86 -30.33 -12.38
C ILE D 28 23.47 -31.07 -13.58
N ALA D 29 22.63 -31.72 -14.38
CA ALA D 29 23.06 -32.55 -15.51
C ALA D 29 24.19 -33.51 -15.12
N GLY D 30 24.11 -34.03 -13.90
CA GLY D 30 25.08 -35.01 -13.42
C GLY D 30 26.32 -34.44 -12.78
N ILE D 31 26.41 -33.11 -12.68
CA ILE D 31 27.61 -32.45 -12.13
C ILE D 31 27.31 -31.87 -10.75
N PRO D 32 28.08 -32.31 -9.73
CA PRO D 32 27.99 -31.69 -8.38
C PRO D 32 28.22 -30.19 -8.42
N LEU D 33 27.36 -29.47 -7.72
CA LEU D 33 27.37 -28.01 -7.71
C LEU D 33 28.65 -27.52 -6.99
N THR D 34 29.05 -28.28 -6.00
CA THR D 34 30.36 -28.12 -5.33
C THR D 34 31.60 -28.07 -6.28
N GLN D 35 31.61 -28.95 -7.28
CA GLN D 35 32.67 -29.02 -8.27
C GLN D 35 32.63 -27.80 -9.20
N LEU D 36 31.42 -27.37 -9.60
CA LEU D 36 31.28 -26.18 -10.41
C LEU D 36 31.79 -24.97 -9.65
N ALA D 37 31.50 -24.89 -8.35
CA ALA D 37 31.96 -23.74 -7.56
C ALA D 37 33.49 -23.73 -7.48
N GLN D 38 34.06 -24.90 -7.27
CA GLN D 38 35.48 -25.13 -7.24
C GLN D 38 36.15 -24.69 -8.54
N GLU D 39 35.62 -25.19 -9.66
CA GLU D 39 36.17 -24.95 -10.99
C GLU D 39 36.01 -23.51 -11.45
N TYR D 40 34.83 -22.92 -11.19
CA TYR D 40 34.43 -21.70 -11.86
C TYR D 40 34.32 -20.49 -10.96
N GLY D 41 34.33 -20.75 -9.65
CA GLY D 41 34.07 -19.72 -8.59
C GLY D 41 32.58 -19.41 -8.43
N THR D 42 32.24 -18.59 -7.43
CA THR D 42 30.87 -18.10 -7.20
C THR D 42 30.91 -16.56 -7.11
N PRO D 43 29.78 -15.88 -7.34
CA PRO D 43 28.48 -16.46 -7.77
C PRO D 43 28.58 -17.08 -9.18
N LEU D 44 27.70 -18.01 -9.50
CA LEU D 44 27.81 -18.67 -10.77
C LEU D 44 26.42 -18.93 -11.32
N PHE D 45 26.16 -18.53 -12.58
CA PHE D 45 24.93 -18.90 -13.26
C PHE D 45 25.19 -20.24 -13.90
N VAL D 46 24.35 -21.21 -13.59
CA VAL D 46 24.47 -22.57 -14.06
C VAL D 46 23.25 -22.93 -14.93
N ILE D 47 23.50 -23.12 -16.22
CA ILE D 47 22.42 -23.38 -17.17
C ILE D 47 22.33 -24.88 -17.49
N ASP D 48 21.18 -25.47 -17.17
CA ASP D 48 20.89 -26.85 -17.54
C ASP D 48 20.44 -26.75 -19.00
N GLU D 49 21.33 -27.06 -19.94
CA GLU D 49 21.09 -26.81 -21.38
C GLU D 49 19.97 -27.70 -21.92
N ASP D 50 19.95 -28.94 -21.53
CA ASP D 50 18.88 -29.84 -21.97
C ASP D 50 17.53 -29.34 -21.48
N ASP D 51 17.47 -28.79 -20.27
CA ASP D 51 16.21 -28.17 -19.77
C ASP D 51 15.70 -27.03 -20.71
N PHE D 52 16.62 -26.14 -21.08
CA PHE D 52 16.36 -24.99 -21.95
C PHE D 52 15.82 -25.46 -23.33
N ARG D 53 16.48 -26.46 -23.90
CA ARG D 53 16.10 -27.07 -25.16
C ARG D 53 14.75 -27.78 -25.07
N SER D 54 14.53 -28.46 -23.94
CA SER D 54 13.27 -29.17 -23.68
C SER D 54 12.07 -28.22 -23.71
N ARG D 55 12.28 -27.07 -23.10
CA ARG D 55 11.29 -26.00 -23.08
C ARG D 55 11.00 -25.51 -24.48
N CYS D 56 12.07 -25.35 -25.28
CA CYS D 56 11.94 -24.94 -26.69
C CYS D 56 11.07 -25.92 -27.44
N ARG D 57 11.46 -27.20 -27.32
CA ARG D 57 10.79 -28.27 -28.02
C ARG D 57 9.34 -28.46 -27.60
N GLU D 58 9.06 -28.33 -26.31
CA GLU D 58 7.67 -28.61 -25.88
C GLU D 58 6.69 -27.48 -26.20
N THR D 59 7.20 -26.25 -26.16
CA THR D 59 6.47 -25.07 -26.59
C THR D 59 6.28 -25.04 -28.11
N ALA D 60 7.30 -25.45 -28.90
CA ALA D 60 7.19 -25.55 -30.34
C ALA D 60 6.08 -26.51 -30.71
N ALA D 61 6.05 -27.64 -30.01
CA ALA D 61 5.08 -28.67 -30.31
C ALA D 61 3.67 -28.18 -29.90
N ALA D 62 3.61 -27.52 -28.73
CA ALA D 62 2.38 -26.98 -28.18
C ALA D 62 1.71 -26.04 -29.19
N PHE D 63 2.50 -25.19 -29.85
CA PHE D 63 1.94 -24.18 -30.75
C PHE D 63 2.02 -24.55 -32.23
N GLY D 64 2.28 -25.82 -32.48
CA GLY D 64 2.13 -26.34 -33.83
C GLY D 64 3.43 -26.31 -34.58
N SER D 65 4.34 -25.41 -34.20
CA SER D 65 5.62 -25.23 -34.91
C SER D 65 6.51 -24.25 -34.17
N GLY D 66 7.81 -24.40 -34.32
CA GLY D 66 8.76 -23.45 -33.75
C GLY D 66 8.63 -22.07 -34.35
N ALA D 67 8.18 -22.02 -35.59
CA ALA D 67 7.89 -20.74 -36.26
C ALA D 67 6.84 -19.91 -35.49
N ASN D 68 6.01 -20.58 -34.70
CA ASN D 68 4.95 -19.91 -33.92
C ASN D 68 5.38 -19.44 -32.54
N VAL D 69 6.65 -19.66 -32.22
CA VAL D 69 7.15 -19.43 -30.87
C VAL D 69 8.37 -18.55 -31.04
N HIS D 70 8.29 -17.32 -30.53
CA HIS D 70 9.33 -16.35 -30.74
C HIS D 70 10.00 -16.11 -29.41
N TYR D 71 11.25 -16.51 -29.28
CA TYR D 71 11.91 -16.31 -28.00
C TYR D 71 12.25 -14.84 -27.78
N ALA D 72 11.86 -14.37 -26.62
CA ALA D 72 12.02 -13.01 -26.18
C ALA D 72 13.43 -12.82 -25.59
N ALA D 73 14.34 -12.30 -26.41
CA ALA D 73 15.79 -12.28 -26.12
C ALA D 73 16.13 -11.45 -24.87
N ALA D 75 14.99 -11.75 -22.04
CA ALA D 75 15.07 -12.65 -20.88
C ALA D 75 16.54 -12.98 -20.60
N PHE D 76 17.28 -13.28 -21.66
CA PHE D 76 18.71 -13.61 -21.61
C PHE D 76 19.17 -13.83 -23.03
N LEU D 77 20.20 -13.11 -23.42
CA LEU D 77 20.82 -13.31 -24.75
C LEU D 77 22.35 -13.28 -24.66
N CYS D 78 22.95 -14.20 -25.39
CA CYS D 78 24.35 -14.15 -25.80
C CYS D 78 24.41 -14.99 -27.07
N SER D 79 25.57 -15.04 -27.73
CA SER D 79 25.72 -15.83 -28.96
C SER D 79 25.35 -17.31 -28.78
N GLU D 80 25.67 -17.88 -27.63
CA GLU D 80 25.47 -19.30 -27.43
C GLU D 80 23.97 -19.56 -27.41
N VAL D 81 23.23 -18.73 -26.68
CA VAL D 81 21.78 -18.87 -26.65
C VAL D 81 21.11 -18.64 -28.04
N ALA D 82 21.55 -17.61 -28.76
CA ALA D 82 21.13 -17.40 -30.16
C ALA D 82 21.22 -18.68 -31.00
N ARG D 83 22.36 -19.36 -30.87
CA ARG D 83 22.62 -20.66 -31.49
C ARG D 83 21.63 -21.75 -31.07
N TRP D 84 21.31 -21.85 -29.78
CA TRP D 84 20.35 -22.86 -29.32
C TRP D 84 18.95 -22.59 -29.86
N ILE D 85 18.52 -21.34 -29.78
CA ILE D 85 17.24 -20.91 -30.36
C ILE D 85 17.18 -21.24 -31.86
N SER D 86 18.25 -20.93 -32.58
CA SER D 86 18.36 -21.28 -34.01
C SER D 86 18.14 -22.77 -34.27
N GLU D 87 18.95 -23.57 -33.57
CA GLU D 87 18.93 -25.04 -33.65
C GLU D 87 17.56 -25.68 -33.35
N GLU D 88 16.83 -25.07 -32.42
CA GLU D 88 15.56 -25.61 -31.92
C GLU D 88 14.39 -25.13 -32.76
N GLY D 89 14.71 -24.31 -33.79
CA GLY D 89 13.74 -23.91 -34.83
C GLY D 89 12.80 -22.78 -34.41
N LEU D 90 13.13 -22.13 -33.30
CA LEU D 90 12.35 -20.99 -32.85
C LEU D 90 12.73 -19.66 -33.54
N CYS D 91 11.80 -18.71 -33.51
CA CYS D 91 12.11 -17.36 -33.92
C CYS D 91 12.70 -16.58 -32.74
N LEU D 92 13.25 -15.41 -33.04
CA LEU D 92 13.91 -14.61 -32.04
C LEU D 92 13.44 -13.17 -32.10
N ASP D 93 12.93 -12.67 -30.96
CA ASP D 93 12.49 -11.29 -30.83
C ASP D 93 13.59 -10.47 -30.21
N VAL D 94 13.96 -9.40 -30.91
CA VAL D 94 15.00 -8.49 -30.43
C VAL D 94 14.43 -7.09 -30.29
N CYS D 95 15.08 -6.30 -29.47
CA CYS D 95 14.43 -5.17 -28.89
C CYS D 95 15.15 -3.87 -29.19
N THR D 96 16.47 -3.86 -29.13
CA THR D 96 17.18 -2.66 -29.58
C THR D 96 18.26 -3.06 -30.59
N GLY D 97 19.03 -2.10 -31.06
CA GLY D 97 20.12 -2.38 -32.04
C GLY D 97 21.18 -3.37 -31.54
N GLY D 98 21.45 -3.36 -30.23
CA GLY D 98 22.44 -4.25 -29.62
C GLY D 98 21.99 -5.71 -29.65
N GLU D 99 20.71 -5.97 -29.45
CA GLU D 99 20.21 -7.33 -29.46
C GLU D 99 20.32 -7.82 -30.89
N LEU D 100 19.95 -6.99 -31.85
CA LEU D 100 20.03 -7.38 -33.25
C LEU D 100 21.49 -7.71 -33.57
N ALA D 101 22.39 -6.79 -33.18
CA ALA D 101 23.80 -6.93 -33.50
C ALA D 101 24.38 -8.23 -32.92
N VAL D 102 23.92 -8.62 -31.75
CA VAL D 102 24.43 -9.84 -31.12
C VAL D 102 23.84 -11.03 -31.87
N ALA D 103 22.55 -10.98 -32.23
CA ALA D 103 21.98 -12.10 -33.02
C ALA D 103 22.68 -12.25 -34.38
N LEU D 104 22.87 -11.16 -35.10
CA LEU D 104 23.51 -11.22 -36.38
C LEU D 104 24.96 -11.70 -36.23
N HIS D 105 25.62 -11.27 -35.18
CA HIS D 105 26.97 -11.74 -34.89
C HIS D 105 26.99 -13.24 -34.69
N ALA D 106 25.89 -13.80 -34.18
CA ALA D 106 25.83 -15.23 -33.95
C ALA D 106 25.31 -15.99 -35.18
N SER D 107 25.19 -15.29 -36.31
CA SER D 107 24.60 -15.80 -37.54
C SER D 107 23.15 -16.30 -37.41
N PHE D 108 22.37 -15.67 -36.54
CA PHE D 108 20.97 -15.97 -36.50
C PHE D 108 20.29 -15.56 -37.82
N PRO D 109 19.49 -16.47 -38.43
CA PRO D 109 18.82 -16.11 -39.68
C PRO D 109 17.83 -14.98 -39.52
N PRO D 110 18.04 -13.86 -40.28
CA PRO D 110 17.28 -12.60 -40.15
C PRO D 110 15.81 -12.76 -40.52
N GLU D 111 15.50 -13.68 -41.40
CA GLU D 111 14.10 -13.94 -41.67
C GLU D 111 13.37 -14.49 -40.43
N ARG D 112 14.12 -14.99 -39.44
CA ARG D 112 13.46 -15.54 -38.27
C ARG D 112 13.52 -14.56 -37.11
N ILE D 113 13.84 -13.30 -37.45
CA ILE D 113 13.98 -12.26 -36.46
C ILE D 113 12.81 -11.29 -36.52
N THR D 114 12.30 -10.92 -35.35
CA THR D 114 11.36 -9.81 -35.22
C THR D 114 11.92 -8.72 -34.30
N LEU D 115 11.72 -7.47 -34.73
CA LEU D 115 12.19 -6.29 -34.01
C LEU D 115 11.04 -5.64 -33.26
N HIS D 116 11.22 -5.51 -31.93
CA HIS D 116 10.28 -4.84 -30.99
C HIS D 116 10.81 -3.51 -30.49
N GLY D 117 9.91 -2.71 -29.92
CA GLY D 117 10.31 -1.48 -29.23
C GLY D 117 9.48 -0.25 -29.46
N ASN D 118 9.37 0.55 -28.41
CA ASN D 118 8.55 1.76 -28.42
C ASN D 118 9.27 3.00 -28.99
N ASN D 119 10.59 2.93 -29.10
CA ASN D 119 11.37 4.06 -29.60
C ASN D 119 12.49 3.61 -30.52
N LYS D 120 12.19 2.83 -31.56
CA LYS D 120 13.25 2.42 -32.52
C LYS D 120 13.80 3.65 -33.25
N SER D 121 15.11 3.82 -33.27
CA SER D 121 15.69 4.93 -34.01
C SER D 121 15.74 4.66 -35.53
N VAL D 122 15.96 5.73 -36.31
CA VAL D 122 16.19 5.57 -37.73
C VAL D 122 17.34 4.56 -37.98
N SER D 123 18.41 4.64 -37.18
CA SER D 123 19.55 3.78 -37.40
C SER D 123 19.28 2.29 -37.07
N GLU D 124 18.44 2.02 -36.07
CA GLU D 124 18.03 0.64 -35.83
C GLU D 124 17.10 0.09 -36.91
N LEU D 125 16.12 0.89 -37.31
CA LEU D 125 15.21 0.52 -38.39
C LEU D 125 16.00 0.26 -39.68
N THR D 126 16.94 1.17 -40.00
CA THR D 126 17.86 1.07 -41.14
C THR D 126 18.69 -0.23 -41.11
N ALA D 127 19.31 -0.56 -39.97
CA ALA D 127 20.07 -1.79 -39.83
C ALA D 127 19.19 -3.04 -39.95
N ALA D 128 17.98 -2.96 -39.42
CA ALA D 128 17.02 -4.04 -39.47
C ALA D 128 16.69 -4.45 -40.91
N VAL D 129 16.40 -3.48 -41.77
CA VAL D 129 16.05 -3.81 -43.12
C VAL D 129 17.28 -4.13 -43.94
N LYS D 130 18.42 -3.52 -43.61
CA LYS D 130 19.65 -3.83 -44.29
C LYS D 130 19.97 -5.32 -44.08
N ALA D 131 19.75 -5.81 -42.86
CA ALA D 131 19.99 -7.20 -42.51
C ALA D 131 18.94 -8.16 -43.10
N GLY D 132 17.78 -7.64 -43.47
CA GLY D 132 16.71 -8.49 -44.00
C GLY D 132 15.83 -9.09 -42.91
N VAL D 133 15.71 -8.37 -41.80
CA VAL D 133 14.86 -8.76 -40.68
C VAL D 133 13.41 -9.03 -41.19
N GLY D 134 12.87 -10.20 -40.81
CA GLY D 134 11.60 -10.65 -41.33
C GLY D 134 10.46 -9.74 -40.96
N HIS D 135 10.34 -9.40 -39.69
CA HIS D 135 9.18 -8.62 -39.23
C HIS D 135 9.60 -7.50 -38.33
N ILE D 136 8.86 -6.41 -38.40
CA ILE D 136 9.03 -5.33 -37.46
C ILE D 136 7.65 -5.03 -36.86
N VAL D 137 7.58 -5.09 -35.53
CA VAL D 137 6.33 -4.76 -34.84
C VAL D 137 6.31 -3.28 -34.58
N VAL D 138 5.52 -2.54 -35.36
CA VAL D 138 5.49 -1.07 -35.24
C VAL D 138 4.66 -0.58 -34.04
N ASP D 139 5.19 0.48 -33.40
CA ASP D 139 4.60 0.93 -32.15
C ASP D 139 3.99 2.34 -32.16
N SER D 140 4.18 3.06 -33.27
CA SER D 140 3.76 4.45 -33.36
C SER D 140 3.66 4.88 -34.83
N MET D 141 2.89 5.95 -35.05
CA MET D 141 2.74 6.60 -36.34
C MET D 141 4.08 7.03 -36.93
N THR D 142 4.88 7.64 -36.06
CA THR D 142 6.21 8.10 -36.34
C THR D 142 7.11 6.97 -36.87
N GLU D 143 7.09 5.81 -36.24
CA GLU D 143 7.86 4.68 -36.70
C GLU D 143 7.41 4.25 -38.08
N ILE D 144 6.10 4.16 -38.27
CA ILE D 144 5.55 3.81 -39.56
C ILE D 144 6.09 4.72 -40.70
N GLU D 145 6.04 6.04 -40.51
CA GLU D 145 6.60 7.00 -41.48
C GLU D 145 8.08 6.81 -41.74
N ARG D 146 8.85 6.62 -40.66
CA ARG D 146 10.29 6.33 -40.75
C ARG D 146 10.59 5.02 -41.49
N LEU D 147 9.88 3.94 -41.14
CA LEU D 147 10.09 2.63 -41.76
C LEU D 147 9.78 2.61 -43.24
N ASP D 148 8.65 3.22 -43.57
CA ASP D 148 8.18 3.34 -44.94
C ASP D 148 9.25 3.98 -45.82
N ALA D 149 9.85 5.05 -45.31
CA ALA D 149 10.90 5.78 -46.01
C ALA D 149 12.14 4.87 -46.18
N ILE D 150 12.46 4.11 -45.13
CA ILE D 150 13.64 3.25 -45.16
C ILE D 150 13.46 2.07 -46.12
N ALA D 151 12.29 1.44 -46.11
CA ALA D 151 11.98 0.30 -46.97
C ALA D 151 12.01 0.69 -48.42
N GLY D 152 11.43 1.85 -48.72
CA GLY D 152 11.43 2.40 -50.07
C GLY D 152 12.82 2.68 -50.61
N GLU D 153 13.68 3.27 -49.79
CA GLU D 153 15.06 3.49 -50.15
C GLU D 153 15.81 2.18 -50.45
N ALA D 154 15.48 1.13 -49.68
CA ALA D 154 16.08 -0.19 -49.84
C ALA D 154 15.56 -0.93 -51.04
N GLY D 155 14.39 -0.53 -51.53
CA GLY D 155 13.74 -1.18 -52.69
C GLY D 155 13.00 -2.45 -52.29
N ILE D 156 12.62 -2.51 -51.02
CA ILE D 156 11.99 -3.70 -50.46
C ILE D 156 10.60 -3.35 -49.90
N VAL D 157 9.76 -4.38 -49.75
CA VAL D 157 8.52 -4.29 -48.97
C VAL D 157 8.69 -5.01 -47.62
N GLN D 158 8.64 -4.21 -46.54
CA GLN D 158 8.84 -4.72 -45.21
C GLN D 158 7.51 -5.21 -44.61
N ASP D 159 7.52 -6.46 -44.15
CA ASP D 159 6.40 -6.99 -43.37
C ASP D 159 6.37 -6.43 -41.96
N VAL D 160 5.21 -5.96 -41.57
CA VAL D 160 5.04 -5.40 -40.25
C VAL D 160 3.82 -5.99 -39.54
N LEU D 161 3.84 -5.88 -38.23
CA LEU D 161 2.67 -6.03 -37.38
C LEU D 161 2.44 -4.72 -36.63
N VAL D 162 1.18 -4.41 -36.38
CA VAL D 162 0.84 -3.31 -35.50
C VAL D 162 0.61 -3.80 -34.05
N ARG D 163 1.34 -3.21 -33.10
CA ARG D 163 1.13 -3.41 -31.68
C ARG D 163 -0.06 -2.63 -31.13
N LEU D 164 -0.91 -3.35 -30.41
CA LEU D 164 -2.19 -2.86 -29.98
C LEU D 164 -2.16 -2.81 -28.46
N THR D 165 -2.96 -1.89 -27.91
CA THR D 165 -3.26 -1.85 -26.49
C THR D 165 -4.76 -2.16 -26.43
N VAL D 166 -5.14 -3.24 -25.76
CA VAL D 166 -6.55 -3.64 -25.65
C VAL D 166 -7.11 -3.55 -24.22
N GLY D 167 -6.34 -2.97 -23.31
CA GLY D 167 -6.81 -2.72 -21.94
C GLY D 167 -6.92 -3.94 -21.05
N VAL D 168 -6.05 -4.92 -21.29
CA VAL D 168 -5.98 -6.14 -20.47
C VAL D 168 -4.60 -6.21 -19.85
N GLU D 169 -4.55 -6.33 -18.52
CA GLU D 169 -3.32 -6.64 -17.84
C GLU D 169 -3.47 -7.89 -16.99
N ALA D 170 -2.76 -8.95 -17.32
CA ALA D 170 -2.93 -10.24 -16.63
C ALA D 170 -1.69 -10.62 -15.82
N HIS D 171 -1.86 -11.09 -14.60
CA HIS D 171 -0.78 -11.83 -13.88
C HIS D 171 -1.38 -13.04 -13.15
N THR D 172 -0.55 -14.04 -12.93
CA THR D 172 -0.93 -15.26 -12.22
C THR D 172 -2.35 -15.74 -12.59
N HIS D 173 -3.28 -15.74 -11.63
CA HIS D 173 -4.61 -16.26 -11.87
C HIS D 173 -5.66 -15.13 -11.94
N GLU D 174 -5.22 -13.90 -12.20
CA GLU D 174 -6.16 -12.82 -12.43
C GLU D 174 -5.83 -11.90 -13.63
N PHE D 175 -6.75 -10.99 -13.93
CA PHE D 175 -6.54 -9.92 -14.89
C PHE D 175 -7.40 -8.68 -14.58
N ILE D 176 -6.92 -7.54 -15.04
CA ILE D 176 -7.59 -6.26 -14.96
C ILE D 176 -7.92 -5.77 -16.38
N SER D 177 -9.16 -5.37 -16.57
CA SER D 177 -9.57 -4.74 -17.80
C SER D 177 -9.77 -3.23 -17.53
N THR D 178 -9.07 -2.39 -18.28
CA THR D 178 -9.24 -0.95 -18.23
C THR D 178 -9.94 -0.42 -19.45
N ALA D 179 -10.55 0.73 -19.27
CA ALA D 179 -11.07 1.48 -20.40
C ALA D 179 -9.92 2.17 -21.20
N HIS D 180 -8.80 2.44 -20.54
CA HIS D 180 -7.69 3.24 -21.10
C HIS D 180 -6.44 2.77 -20.42
N GLU D 181 -5.62 2.01 -21.14
CA GLU D 181 -4.32 1.54 -20.67
C GLU D 181 -3.31 2.74 -20.75
N ASP D 182 -2.75 3.10 -19.59
CA ASP D 182 -1.92 4.27 -19.41
C ASP D 182 -0.46 3.82 -19.43
N GLN D 183 0.04 3.46 -20.61
CA GLN D 183 1.44 3.06 -20.78
C GLN D 183 1.98 3.32 -22.19
N LYS D 184 3.27 3.07 -22.38
CA LYS D 184 4.02 3.54 -23.53
C LYS D 184 3.85 2.76 -24.85
N PHE D 185 3.49 1.49 -24.78
CA PHE D 185 3.38 0.65 -25.94
C PHE D 185 2.07 0.65 -26.70
N GLY D 186 2.16 0.47 -28.01
CA GLY D 186 1.01 0.18 -28.85
C GLY D 186 0.09 1.35 -29.06
N LEU D 187 -0.97 1.07 -29.80
CA LEU D 187 -1.98 2.04 -30.15
C LEU D 187 -3.32 1.44 -29.75
N SER D 188 -4.16 2.31 -29.23
CA SER D 188 -5.45 1.91 -28.70
C SER D 188 -6.46 1.57 -29.79
N VAL D 189 -6.97 0.36 -29.68
CA VAL D 189 -8.08 -0.09 -30.54
C VAL D 189 -9.26 0.81 -30.27
N ALA D 190 -9.59 0.95 -28.98
CA ALA D 190 -10.80 1.65 -28.58
C ALA D 190 -10.88 3.14 -29.00
N SER D 191 -9.73 3.81 -29.09
CA SER D 191 -9.70 5.24 -29.42
C SER D 191 -9.76 5.51 -30.91
N GLY D 192 -9.54 4.46 -31.71
CA GLY D 192 -9.38 4.61 -33.16
C GLY D 192 -7.91 4.78 -33.59
N ALA D 193 -6.97 4.88 -32.65
CA ALA D 193 -5.56 5.07 -32.97
C ALA D 193 -4.95 3.86 -33.70
N ALA D 194 -5.37 2.67 -33.30
CA ALA D 194 -4.97 1.44 -33.99
C ALA D 194 -5.48 1.37 -35.47
N MET D 195 -6.74 1.73 -35.69
CA MET D 195 -7.28 1.82 -37.05
C MET D 195 -6.56 2.85 -37.95
N ALA D 196 -6.25 4.03 -37.37
CA ALA D 196 -5.52 5.06 -38.10
C ALA D 196 -4.14 4.57 -38.56
N ALA D 197 -3.50 3.76 -37.72
CA ALA D 197 -2.22 3.15 -38.02
C ALA D 197 -2.33 2.10 -39.10
N VAL D 198 -3.38 1.29 -39.05
CA VAL D 198 -3.61 0.29 -40.10
C VAL D 198 -3.77 0.97 -41.48
N ARG D 199 -4.56 2.04 -41.51
CA ARG D 199 -4.82 2.79 -42.73
C ARG D 199 -3.51 3.33 -43.28
N ARG D 200 -2.66 3.85 -42.38
CA ARG D 200 -1.38 4.44 -42.78
C ARG D 200 -0.50 3.38 -43.49
N VAL D 201 -0.40 2.20 -42.88
CA VAL D 201 0.34 1.08 -43.45
C VAL D 201 -0.23 0.65 -44.82
N PHE D 202 -1.55 0.56 -44.91
CA PHE D 202 -2.19 0.28 -46.21
C PHE D 202 -1.95 1.38 -47.25
N ALA D 203 -1.77 2.62 -46.80
CA ALA D 203 -1.55 3.71 -47.75
C ALA D 203 -0.17 3.62 -48.42
N THR D 204 0.73 2.86 -47.82
CA THR D 204 2.12 2.81 -48.28
C THR D 204 2.34 1.61 -49.18
N ASP D 205 3.26 1.79 -50.12
CA ASP D 205 3.67 0.74 -51.05
C ASP D 205 4.79 -0.13 -50.46
N HIS D 206 5.56 0.44 -49.52
CA HIS D 206 6.78 -0.19 -49.04
C HIS D 206 6.61 -1.02 -47.79
N LEU D 207 5.39 -1.06 -47.23
CA LEU D 207 5.09 -1.88 -46.02
C LEU D 207 4.03 -2.87 -46.34
N ARG D 208 4.03 -3.98 -45.61
CA ARG D 208 2.95 -4.95 -45.71
C ARG D 208 2.47 -5.37 -44.35
N LEU D 209 1.19 -5.14 -44.05
CA LEU D 209 0.61 -5.58 -42.80
C LEU D 209 0.35 -7.07 -42.81
N VAL D 210 1.09 -7.81 -41.98
CA VAL D 210 0.92 -9.25 -41.91
C VAL D 210 0.28 -9.77 -40.60
N GLY D 211 0.05 -8.86 -39.65
CA GLY D 211 -0.48 -9.30 -38.37
C GLY D 211 -0.69 -8.25 -37.33
N LEU D 212 -1.29 -8.69 -36.23
CA LEU D 212 -1.57 -7.82 -35.07
C LEU D 212 -0.90 -8.38 -33.84
N HIS D 213 -0.43 -7.47 -32.99
CA HIS D 213 0.33 -7.86 -31.84
C HIS D 213 -0.29 -7.28 -30.59
N SER D 214 -0.34 -8.08 -29.51
CA SER D 214 -0.66 -7.61 -28.18
C SER D 214 0.18 -8.34 -27.15
N HIS D 215 0.59 -7.63 -26.11
CA HIS D 215 1.31 -8.24 -24.98
C HIS D 215 0.60 -7.80 -23.69
N ILE D 216 0.18 -8.77 -22.86
CA ILE D 216 -0.74 -8.43 -21.77
C ILE D 216 -0.25 -8.64 -20.35
N GLY D 217 0.93 -9.19 -20.15
CA GLY D 217 1.46 -9.29 -18.79
C GLY D 217 2.60 -10.28 -18.62
N SER D 218 2.63 -10.94 -17.46
CA SER D 218 3.80 -11.58 -16.92
C SER D 218 3.29 -12.66 -15.95
N GLN D 219 3.95 -13.81 -15.90
CA GLN D 219 3.61 -14.90 -14.97
C GLN D 219 2.14 -15.23 -15.07
N ILE D 220 1.65 -15.37 -16.30
CA ILE D 220 0.23 -15.66 -16.51
C ILE D 220 -0.02 -17.17 -16.40
N PHE D 221 -0.90 -17.54 -15.47
CA PHE D 221 -1.27 -18.92 -15.21
C PHE D 221 -2.61 -19.35 -15.80
N ASP D 222 -3.47 -18.40 -16.20
CA ASP D 222 -4.79 -18.72 -16.80
C ASP D 222 -4.92 -18.21 -18.21
N VAL D 223 -5.92 -18.73 -18.92
CA VAL D 223 -6.19 -18.35 -20.28
C VAL D 223 -7.15 -17.12 -20.40
N ASP D 224 -7.83 -16.75 -19.33
CA ASP D 224 -8.94 -15.78 -19.41
C ASP D 224 -8.53 -14.38 -19.87
N GLY D 225 -7.39 -13.89 -19.40
CA GLY D 225 -6.88 -12.61 -19.87
C GLY D 225 -6.63 -12.64 -21.38
N PHE D 226 -5.99 -13.73 -21.85
CA PHE D 226 -5.69 -13.92 -23.27
C PHE D 226 -6.92 -13.98 -24.08
N GLU D 227 -8.00 -14.50 -23.50
CA GLU D 227 -9.25 -14.61 -24.24
C GLU D 227 -9.85 -13.25 -24.54
N LEU D 228 -9.92 -12.44 -23.48
CA LEU D 228 -10.44 -11.10 -23.61
C LEU D 228 -9.54 -10.26 -24.56
N ALA D 229 -8.24 -10.38 -24.37
CA ALA D 229 -7.31 -9.71 -25.28
C ALA D 229 -7.50 -10.20 -26.74
N ALA D 230 -7.58 -11.51 -26.95
CA ALA D 230 -7.81 -12.05 -28.30
C ALA D 230 -9.17 -11.64 -28.89
N HIS D 231 -10.17 -11.48 -28.04
CA HIS D 231 -11.45 -11.00 -28.54
C HIS D 231 -11.33 -9.54 -29.06
N ARG D 232 -10.60 -8.74 -28.32
CA ARG D 232 -10.45 -7.34 -28.65
C ARG D 232 -9.55 -7.17 -29.86
N VAL D 233 -8.48 -7.94 -29.95
CA VAL D 233 -7.61 -7.91 -31.12
C VAL D 233 -8.36 -8.28 -32.41
N ILE D 234 -9.13 -9.37 -32.33
CA ILE D 234 -9.86 -9.87 -33.50
C ILE D 234 -11.00 -8.95 -33.85
N GLY D 235 -11.50 -8.19 -32.87
CA GLY D 235 -12.50 -7.12 -33.12
C GLY D 235 -11.98 -6.04 -34.08
N LEU D 236 -10.80 -5.54 -33.81
CA LEU D 236 -10.10 -4.70 -34.78
C LEU D 236 -9.95 -5.39 -36.16
N LEU D 237 -9.52 -6.65 -36.17
CA LEU D 237 -9.38 -7.37 -37.46
C LEU D 237 -10.69 -7.31 -38.27
N ARG D 238 -11.80 -7.63 -37.61
CA ARG D 238 -13.15 -7.43 -38.14
C ARG D 238 -13.37 -5.98 -38.65
N ASP D 239 -12.99 -4.98 -37.87
CA ASP D 239 -13.10 -3.59 -38.31
C ASP D 239 -12.33 -3.37 -39.64
N VAL D 240 -11.08 -3.80 -39.67
CA VAL D 240 -10.17 -3.64 -40.81
C VAL D 240 -10.73 -4.24 -42.08
N VAL D 241 -10.84 -5.59 -42.13
CA VAL D 241 -11.35 -6.24 -43.37
C VAL D 241 -12.77 -5.79 -43.72
N GLY D 242 -13.51 -5.28 -42.76
CA GLY D 242 -14.77 -4.60 -43.02
C GLY D 242 -14.59 -3.34 -43.86
N GLU D 243 -13.62 -2.52 -43.49
CA GLU D 243 -13.36 -1.21 -44.14
C GLU D 243 -12.61 -1.34 -45.46
N PHE D 244 -11.74 -2.34 -45.54
CA PHE D 244 -10.82 -2.47 -46.65
C PHE D 244 -11.14 -3.66 -47.56
N GLY D 245 -12.05 -4.51 -47.11
CA GLY D 245 -12.41 -5.68 -47.88
C GLY D 245 -11.42 -6.83 -47.74
N PRO D 246 -11.94 -8.08 -47.70
CA PRO D 246 -11.13 -9.33 -47.75
C PRO D 246 -10.34 -9.41 -49.08
N GLU D 247 -9.21 -8.70 -49.16
CA GLU D 247 -8.45 -8.57 -50.38
C GLU D 247 -7.16 -7.82 -50.14
N LYS D 248 -7.30 -6.58 -49.63
CA LYS D 248 -6.18 -5.82 -49.08
C LYS D 248 -5.75 -6.42 -47.73
N THR D 249 -6.59 -7.30 -47.19
CA THR D 249 -6.45 -7.78 -45.82
C THR D 249 -6.18 -9.28 -45.70
N ALA D 250 -6.24 -9.99 -46.84
CA ALA D 250 -6.01 -11.44 -46.88
C ALA D 250 -4.69 -11.82 -46.16
N GLN D 251 -3.75 -10.89 -46.27
CA GLN D 251 -2.37 -11.01 -45.84
C GLN D 251 -2.21 -10.84 -44.33
N ILE D 252 -3.23 -10.30 -43.66
CA ILE D 252 -3.18 -10.19 -42.20
C ILE D 252 -3.48 -11.55 -41.57
N ALA D 253 -2.47 -12.40 -41.55
CA ALA D 253 -2.65 -13.82 -41.29
C ALA D 253 -2.32 -14.25 -39.89
N THR D 254 -1.77 -13.32 -39.09
CA THR D 254 -1.20 -13.62 -37.77
C THR D 254 -1.73 -12.77 -36.63
N VAL D 255 -2.10 -13.46 -35.56
CA VAL D 255 -2.45 -12.84 -34.29
C VAL D 255 -1.39 -13.28 -33.27
N ASP D 256 -0.57 -12.32 -32.87
CA ASP D 256 0.54 -12.55 -31.94
C ASP D 256 0.11 -12.03 -30.57
N LEU D 257 -0.01 -12.95 -29.60
CA LEU D 257 -0.57 -12.61 -28.27
C LEU D 257 0.49 -12.32 -27.24
N GLY D 258 1.73 -12.19 -27.72
CA GLY D 258 2.85 -11.73 -26.90
C GLY D 258 3.34 -12.82 -25.97
N GLY D 259 3.96 -12.39 -24.87
CA GLY D 259 4.64 -13.30 -23.97
C GLY D 259 3.91 -13.38 -22.65
N GLY D 260 4.67 -13.63 -21.58
CA GLY D 260 4.11 -13.66 -20.26
C GLY D 260 3.68 -15.04 -19.81
N LEU D 261 3.94 -16.07 -20.62
CA LEU D 261 3.75 -17.46 -20.11
C LEU D 261 4.49 -17.65 -18.76
N GLY D 262 3.80 -18.24 -17.78
CA GLY D 262 4.25 -18.30 -16.39
C GLY D 262 5.07 -19.53 -16.11
N ILE D 263 5.95 -19.41 -15.13
CA ILE D 263 6.82 -20.50 -14.61
C ILE D 263 6.65 -20.57 -13.10
N SER D 264 7.20 -21.62 -12.48
CA SER D 264 7.20 -21.72 -10.98
C SER D 264 8.47 -21.16 -10.37
N TYR D 265 8.37 -20.03 -9.69
CA TYR D 265 9.44 -19.54 -8.82
C TYR D 265 9.40 -20.21 -7.44
N LEU D 266 8.19 -20.42 -6.91
CA LEU D 266 7.96 -21.09 -5.65
C LEU D 266 7.23 -22.44 -5.88
N PRO D 267 7.47 -23.45 -5.00
CA PRO D 267 6.75 -24.74 -5.16
C PRO D 267 5.21 -24.61 -5.35
N SER D 268 4.61 -23.63 -4.66
CA SER D 268 3.18 -23.43 -4.75
C SER D 268 2.72 -22.83 -6.09
N ASP D 269 3.66 -22.27 -6.87
CA ASP D 269 3.29 -21.73 -8.18
C ASP D 269 2.79 -22.81 -9.10
N ASP D 270 1.70 -22.55 -9.84
CA ASP D 270 1.02 -23.62 -10.60
C ASP D 270 0.55 -23.26 -12.02
N PRO D 271 1.49 -22.88 -12.90
CA PRO D 271 1.18 -22.72 -14.30
C PRO D 271 0.75 -24.08 -14.94
N PRO D 272 -0.13 -24.00 -15.94
CA PRO D 272 -0.58 -25.22 -16.56
C PRO D 272 0.49 -25.76 -17.51
N PRO D 273 0.40 -27.06 -17.86
CA PRO D 273 1.27 -27.58 -18.89
C PRO D 273 1.03 -26.74 -20.14
N ILE D 274 2.10 -26.36 -20.81
CA ILE D 274 1.97 -25.54 -22.03
C ILE D 274 1.07 -26.15 -23.11
N ALA D 275 1.12 -27.48 -23.29
CA ALA D 275 0.25 -28.16 -24.27
C ALA D 275 -1.25 -27.85 -24.02
N GLU D 276 -1.59 -27.74 -22.73
CA GLU D 276 -2.95 -27.53 -22.28
C GLU D 276 -3.36 -26.08 -22.58
N LEU D 277 -2.51 -25.15 -22.19
CA LEU D 277 -2.79 -23.75 -22.38
C LEU D 277 -2.83 -23.39 -23.87
N ALA D 278 -1.85 -23.87 -24.62
CA ALA D 278 -1.80 -23.65 -26.06
C ALA D 278 -3.04 -24.17 -26.79
N ALA D 279 -3.54 -25.35 -26.41
CA ALA D 279 -4.76 -25.85 -27.02
C ALA D 279 -5.98 -24.97 -26.72
N LYS D 280 -6.10 -24.48 -25.49
CA LYS D 280 -7.17 -23.52 -25.14
C LYS D 280 -7.10 -22.25 -25.98
N LEU D 281 -5.91 -21.66 -26.04
CA LEU D 281 -5.64 -20.50 -26.87
C LEU D 281 -6.01 -20.73 -28.34
N GLY D 282 -5.73 -21.94 -28.85
CA GLY D 282 -6.00 -22.27 -30.24
C GLY D 282 -7.48 -22.22 -30.49
N THR D 283 -8.24 -22.81 -29.57
CA THR D 283 -9.69 -22.84 -29.63
C THR D 283 -10.29 -21.44 -29.49
N ILE D 284 -9.74 -20.64 -28.57
CA ILE D 284 -10.14 -19.25 -28.47
C ILE D 284 -9.95 -18.48 -29.81
N VAL D 285 -8.81 -18.63 -30.48
CA VAL D 285 -8.58 -17.84 -31.68
C VAL D 285 -9.50 -18.27 -32.84
N SER D 286 -9.70 -19.58 -32.99
CA SER D 286 -10.66 -20.04 -34.01
C SER D 286 -12.09 -19.66 -33.68
N ASP D 287 -12.51 -19.82 -32.43
CA ASP D 287 -13.86 -19.37 -32.02
C ASP D 287 -14.06 -17.87 -32.25
N GLU D 288 -13.13 -17.04 -31.80
CA GLU D 288 -13.31 -15.60 -31.98
C GLU D 288 -13.39 -15.18 -33.45
N SER D 289 -12.52 -15.73 -34.31
CA SER D 289 -12.52 -15.34 -35.73
C SER D 289 -13.78 -15.85 -36.42
N THR D 290 -14.17 -17.07 -36.10
CA THR D 290 -15.43 -17.55 -36.65
C THR D 290 -16.67 -16.76 -36.19
N ALA D 291 -16.69 -16.30 -34.95
CA ALA D 291 -17.83 -15.54 -34.45
C ALA D 291 -18.04 -14.20 -35.21
N VAL D 292 -16.98 -13.69 -35.84
CA VAL D 292 -16.99 -12.43 -36.60
C VAL D 292 -16.77 -12.69 -38.10
N GLY D 293 -16.96 -13.95 -38.50
CA GLY D 293 -16.93 -14.36 -39.93
C GLY D 293 -15.58 -14.31 -40.63
N LEU D 294 -14.51 -14.54 -39.89
CA LEU D 294 -13.16 -14.43 -40.42
C LEU D 294 -12.52 -15.80 -40.43
N PRO D 295 -11.54 -16.03 -41.31
CA PRO D 295 -10.75 -17.27 -41.30
C PRO D 295 -9.86 -17.28 -40.06
N THR D 296 -9.58 -18.46 -39.49
CA THR D 296 -8.74 -18.44 -38.30
C THR D 296 -7.26 -18.05 -38.62
N PRO D 297 -6.74 -16.98 -37.97
CA PRO D 297 -5.33 -16.61 -38.18
C PRO D 297 -4.38 -17.53 -37.43
N LYS D 298 -3.14 -17.56 -37.88
CA LYS D 298 -2.02 -18.14 -37.16
C LYS D 298 -1.84 -17.44 -35.80
N LEU D 299 -1.64 -18.25 -34.76
CA LEU D 299 -1.38 -17.82 -33.41
C LEU D 299 0.14 -17.91 -33.14
N VAL D 300 0.68 -16.81 -32.67
CA VAL D 300 2.08 -16.68 -32.35
C VAL D 300 2.17 -16.14 -30.93
N VAL D 301 3.23 -16.59 -30.26
CA VAL D 301 3.44 -16.38 -28.86
C VAL D 301 4.95 -16.03 -28.68
N GLU D 302 5.26 -15.17 -27.71
CA GLU D 302 6.63 -14.65 -27.51
C GLU D 302 7.24 -14.87 -26.09
N PRO D 303 7.41 -16.14 -25.67
CA PRO D 303 7.88 -16.38 -24.31
C PRO D 303 9.35 -16.04 -24.12
N GLY D 304 9.67 -15.39 -23.00
CA GLY D 304 11.07 -15.30 -22.53
C GLY D 304 11.29 -16.23 -21.34
N ARG D 305 10.73 -15.84 -20.19
CA ARG D 305 10.83 -16.58 -18.93
C ARG D 305 10.59 -18.10 -19.07
N ALA D 306 9.55 -18.46 -19.81
CA ALA D 306 9.15 -19.86 -19.91
C ALA D 306 10.14 -20.70 -20.68
N ILE D 307 11.06 -20.07 -21.39
CA ILE D 307 12.14 -20.81 -22.08
C ILE D 307 13.42 -20.76 -21.23
N ALA D 308 13.82 -19.55 -20.83
CA ALA D 308 15.12 -19.26 -20.20
C ALA D 308 15.14 -19.39 -18.66
N GLY D 309 14.00 -19.12 -18.02
CA GLY D 309 13.95 -19.02 -16.57
C GLY D 309 14.37 -20.29 -15.81
N PRO D 310 13.61 -21.40 -15.99
CA PRO D 310 13.67 -22.55 -15.07
C PRO D 310 14.94 -23.39 -15.11
N GLY D 311 15.61 -23.39 -16.25
CA GLY D 311 16.75 -24.24 -16.42
C GLY D 311 18.01 -23.69 -15.81
N THR D 312 17.97 -22.46 -15.30
CA THR D 312 19.16 -21.91 -14.65
C THR D 312 18.98 -21.45 -13.20
N ILE D 313 20.05 -21.67 -12.45
CA ILE D 313 20.11 -21.36 -11.02
C ILE D 313 21.35 -20.48 -10.79
N THR D 314 21.36 -19.76 -9.66
CA THR D 314 22.49 -18.96 -9.26
C THR D 314 23.10 -19.62 -8.03
N LEU D 315 24.37 -20.00 -8.18
CA LEU D 315 25.12 -20.66 -7.13
C LEU D 315 25.89 -19.61 -6.32
N TYR D 316 25.82 -19.70 -5.01
CA TYR D 316 26.48 -18.71 -4.13
C TYR D 316 27.24 -19.41 -3.01
N GLU D 317 28.26 -18.72 -2.51
CA GLU D 317 28.86 -19.08 -1.24
C GLU D 317 28.40 -18.17 -0.14
N VAL D 318 28.01 -18.81 0.99
CA VAL D 318 27.67 -18.12 2.24
C VAL D 318 28.93 -17.58 2.85
N GLY D 319 28.91 -16.30 3.21
CA GLY D 319 30.09 -15.65 3.75
C GLY D 319 29.90 -15.20 5.19
N THR D 320 28.70 -14.72 5.52
CA THR D 320 28.37 -14.28 6.87
C THR D 320 26.97 -14.80 7.22
N VAL D 321 26.80 -15.16 8.49
CA VAL D 321 25.55 -15.58 9.08
C VAL D 321 25.35 -14.74 10.34
N LYS D 322 24.27 -13.97 10.37
CA LYS D 322 24.01 -13.11 11.52
C LYS D 322 22.57 -13.26 11.99
N ASP D 323 22.44 -13.53 13.27
CA ASP D 323 21.17 -13.58 13.94
C ASP D 323 20.71 -12.18 14.36
N VAL D 324 19.58 -11.75 13.79
CA VAL D 324 19.02 -10.41 14.03
C VAL D 324 17.69 -10.49 14.81
N ASP D 325 17.65 -9.82 15.95
CA ASP D 325 16.42 -9.66 16.81
C ASP D 325 15.36 -8.88 16.04
N VAL D 326 14.17 -9.44 15.89
CA VAL D 326 13.10 -8.75 15.15
C VAL D 326 11.90 -8.42 16.05
N SER D 327 11.88 -9.01 17.23
CA SER D 327 10.91 -8.69 18.28
C SER D 327 11.62 -9.01 19.56
N ALA D 328 10.94 -8.89 20.68
CA ALA D 328 11.52 -9.24 21.97
C ALA D 328 11.80 -10.74 22.07
N THR D 329 11.19 -11.54 21.20
CA THR D 329 11.38 -12.98 21.29
C THR D 329 11.79 -13.64 19.99
N ALA D 330 11.61 -12.95 18.86
CA ALA D 330 11.90 -13.55 17.58
C ALA D 330 13.20 -13.03 16.99
N HIS D 331 13.74 -13.82 16.04
CA HIS D 331 14.98 -13.52 15.31
C HIS D 331 14.76 -13.83 13.85
N ARG D 332 15.59 -13.23 13.00
CA ARG D 332 15.64 -13.59 11.61
C ARG D 332 17.12 -13.86 11.33
N ARG D 333 17.40 -14.94 10.62
CA ARG D 333 18.76 -15.35 10.35
C ARG D 333 19.20 -14.73 9.01
N TYR D 334 20.06 -13.70 9.08
CA TYR D 334 20.57 -13.06 7.88
C TYR D 334 21.80 -13.80 7.31
N VAL D 335 21.62 -14.28 6.09
CA VAL D 335 22.61 -15.11 5.38
C VAL D 335 23.20 -14.30 4.23
N SER D 336 24.42 -13.83 4.39
CA SER D 336 25.02 -12.95 3.42
C SER D 336 25.78 -13.80 2.44
N VAL D 337 25.66 -13.38 1.22
CA VAL D 337 26.13 -14.17 0.18
C VAL D 337 26.98 -13.31 -0.74
N ASP D 338 27.49 -14.03 -1.69
CA ASP D 338 28.51 -13.72 -2.62
C ASP D 338 28.18 -12.68 -3.74
N GLY D 339 26.93 -12.21 -3.83
CA GLY D 339 26.57 -11.25 -4.87
C GLY D 339 25.48 -10.33 -4.36
N GLY D 340 24.35 -10.31 -5.06
CA GLY D 340 23.19 -9.58 -4.59
C GLY D 340 22.49 -8.89 -5.74
N MET D 341 22.04 -7.66 -5.48
CA MET D 341 21.38 -6.83 -6.47
C MET D 341 22.06 -6.66 -7.82
N SER D 342 23.39 -6.84 -7.83
CA SER D 342 24.17 -6.86 -9.08
C SER D 342 23.85 -8.03 -10.03
N ASP D 343 23.56 -9.21 -9.49
CA ASP D 343 23.23 -10.33 -10.35
C ASP D 343 21.75 -10.76 -10.27
N ASN D 344 21.04 -10.25 -9.27
CA ASN D 344 19.60 -10.50 -9.20
C ASN D 344 18.91 -9.31 -8.56
N ILE D 345 18.50 -8.35 -9.39
CA ILE D 345 17.81 -7.16 -8.90
C ILE D 345 16.29 -7.29 -8.75
N ARG D 346 15.76 -8.45 -9.13
CA ARG D 346 14.33 -8.66 -9.25
C ARG D 346 13.57 -8.59 -7.97
N THR D 347 14.17 -9.05 -6.87
CA THR D 347 13.52 -8.99 -5.59
C THR D 347 13.30 -7.53 -5.22
N ALA D 348 14.36 -6.76 -5.28
CA ALA D 348 14.29 -5.35 -4.98
C ALA D 348 13.42 -4.61 -6.02
N LEU D 349 13.52 -4.99 -7.29
CA LEU D 349 12.87 -4.22 -8.34
C LEU D 349 11.39 -4.50 -8.50
N TYR D 350 11.02 -5.78 -8.44
CA TYR D 350 9.64 -6.18 -8.70
C TYR D 350 8.97 -6.80 -7.46
N GLY D 351 9.67 -6.87 -6.33
CA GLY D 351 9.19 -7.73 -5.24
C GLY D 351 9.17 -9.21 -5.62
N ALA D 352 10.08 -9.66 -6.48
CA ALA D 352 10.14 -11.11 -6.83
C ALA D 352 10.31 -12.01 -5.62
N GLN D 353 9.75 -13.21 -5.66
CA GLN D 353 10.02 -14.22 -4.63
C GLN D 353 10.71 -15.43 -5.24
N TYR D 354 11.77 -15.90 -4.58
CA TYR D 354 12.57 -16.98 -5.08
C TYR D 354 12.62 -18.09 -4.08
N ASP D 355 12.98 -19.29 -4.57
CA ASP D 355 13.26 -20.44 -3.71
C ASP D 355 14.77 -20.58 -3.59
N VAL D 356 15.25 -20.70 -2.35
CA VAL D 356 16.67 -20.86 -2.06
C VAL D 356 16.90 -22.12 -1.24
N ARG D 357 18.00 -22.78 -1.53
CA ARG D 357 18.30 -24.06 -0.98
C ARG D 357 19.80 -24.25 -0.71
N LEU D 358 20.10 -24.89 0.42
CA LEU D 358 21.43 -25.41 0.69
C LEU D 358 21.70 -26.61 -0.20
N VAL D 359 22.78 -26.51 -0.98
CA VAL D 359 23.07 -27.49 -2.05
C VAL D 359 24.40 -28.24 -1.85
N SER D 360 25.20 -27.89 -0.83
CA SER D 360 26.56 -28.49 -0.70
C SER D 360 26.60 -29.64 0.29
N ARG D 361 25.53 -29.78 1.06
CA ARG D 361 25.47 -30.78 2.11
C ARG D 361 24.02 -30.96 2.46
N VAL D 362 23.72 -32.04 3.17
CA VAL D 362 22.42 -32.18 3.80
C VAL D 362 22.56 -31.91 5.31
N SER D 363 21.75 -30.96 5.76
CA SER D 363 21.65 -30.61 7.16
C SER D 363 20.55 -31.40 7.87
N ASP D 364 20.86 -31.80 9.11
CA ASP D 364 19.87 -32.29 10.06
C ASP D 364 19.35 -31.19 11.02
N ALA D 365 19.81 -29.96 10.84
CA ALA D 365 19.44 -28.86 11.72
C ALA D 365 18.01 -28.45 11.43
N PRO D 366 17.28 -28.04 12.47
CA PRO D 366 15.92 -27.52 12.29
C PRO D 366 15.86 -26.26 11.42
N PRO D 367 14.73 -26.04 10.72
CA PRO D 367 14.63 -24.84 9.90
C PRO D 367 14.35 -23.61 10.77
N VAL D 368 14.72 -22.45 10.25
CA VAL D 368 14.85 -21.23 11.02
C VAL D 368 14.51 -20.09 10.03
N PRO D 369 13.68 -19.11 10.44
CA PRO D 369 13.32 -18.02 9.50
C PRO D 369 14.56 -17.18 9.10
N ALA D 370 14.63 -16.82 7.81
CA ALA D 370 15.85 -16.33 7.21
C ALA D 370 15.59 -15.26 6.17
N ARG D 371 16.64 -14.51 5.85
CA ARG D 371 16.64 -13.53 4.79
C ARG D 371 17.95 -13.70 4.06
N LEU D 372 17.89 -13.89 2.73
CA LEU D 372 19.13 -14.02 1.95
C LEU D 372 19.48 -12.65 1.37
N VAL D 373 20.67 -12.19 1.73
CA VAL D 373 21.12 -10.83 1.36
C VAL D 373 22.45 -10.92 0.66
N GLY D 374 22.76 -9.90 -0.14
CA GLY D 374 24.01 -9.85 -0.88
C GLY D 374 25.03 -9.05 -0.10
N LYS D 375 26.07 -8.60 -0.78
CA LYS D 375 27.19 -7.95 -0.13
C LYS D 375 27.33 -6.44 -0.43
N HIS D 376 26.28 -5.88 -1.03
CA HIS D 376 26.24 -4.49 -1.43
C HIS D 376 25.90 -3.60 -0.27
N CYS D 377 26.41 -2.37 -0.33
CA CYS D 377 26.31 -1.43 0.77
C CYS D 377 24.99 -0.68 0.75
N GLU D 378 23.90 -1.43 0.70
CA GLU D 378 22.60 -0.85 0.97
C GLU D 378 21.68 -1.90 1.56
N SER D 379 20.83 -1.44 2.47
CA SER D 379 19.91 -2.28 3.22
C SER D 379 18.98 -3.08 2.34
N GLY D 380 18.53 -2.50 1.23
CA GLY D 380 17.59 -3.14 0.32
C GLY D 380 18.22 -4.15 -0.64
N ASP D 381 19.52 -4.43 -0.46
CA ASP D 381 20.19 -5.48 -1.25
C ASP D 381 19.83 -6.84 -0.62
N ILE D 382 18.61 -7.26 -0.91
CA ILE D 382 18.00 -8.51 -0.43
C ILE D 382 17.78 -9.41 -1.65
N ILE D 383 18.16 -10.69 -1.55
CA ILE D 383 17.97 -11.61 -2.69
C ILE D 383 16.69 -12.44 -2.50
N VAL D 384 16.47 -12.98 -1.30
CA VAL D 384 15.25 -13.69 -0.98
C VAL D 384 14.82 -13.17 0.39
N ARG D 385 13.73 -12.41 0.38
CA ARG D 385 13.27 -11.70 1.55
C ARG D 385 12.80 -12.64 2.68
N ASP D 386 12.02 -13.66 2.36
CA ASP D 386 11.54 -14.56 3.41
C ASP D 386 11.69 -16.02 3.03
N THR D 387 12.55 -16.72 3.76
CA THR D 387 12.85 -18.08 3.47
C THR D 387 13.21 -18.72 4.78
N TRP D 388 13.65 -19.98 4.69
CA TRP D 388 13.98 -20.75 5.84
C TRP D 388 15.26 -21.47 5.52
N VAL D 389 16.18 -21.52 6.48
CA VAL D 389 17.47 -22.17 6.26
C VAL D 389 17.68 -23.10 7.42
N PRO D 390 18.52 -24.15 7.26
CA PRO D 390 18.91 -24.93 8.45
C PRO D 390 19.68 -24.09 9.49
N ASP D 391 19.42 -24.42 10.74
CA ASP D 391 19.97 -23.68 11.87
C ASP D 391 21.52 -23.73 11.96
N ASP D 392 22.15 -24.70 11.30
CA ASP D 392 23.62 -24.80 11.29
C ASP D 392 24.25 -24.27 10.00
N ILE D 393 23.52 -23.49 9.21
CA ILE D 393 24.08 -22.83 8.03
C ILE D 393 25.27 -21.95 8.46
N ARG D 394 26.35 -22.01 7.68
CA ARG D 394 27.64 -21.46 8.08
C ARG D 394 28.37 -20.96 6.84
N PRO D 395 29.34 -20.04 7.05
CA PRO D 395 30.22 -19.61 5.97
C PRO D 395 30.86 -20.84 5.29
N GLY D 396 31.02 -20.76 3.97
CA GLY D 396 31.57 -21.89 3.23
C GLY D 396 30.52 -22.84 2.64
N ASP D 397 29.30 -22.85 3.19
CA ASP D 397 28.21 -23.62 2.57
C ASP D 397 27.85 -22.96 1.24
N LEU D 398 27.40 -23.79 0.32
CA LEU D 398 26.84 -23.29 -0.92
C LEU D 398 25.29 -23.34 -0.93
N VAL D 399 24.68 -22.23 -1.31
CA VAL D 399 23.24 -22.17 -1.58
C VAL D 399 23.01 -21.86 -3.07
N ALA D 400 21.83 -22.22 -3.57
CA ALA D 400 21.44 -21.84 -4.92
C ALA D 400 20.03 -21.29 -4.89
N VAL D 401 19.82 -20.32 -5.76
CA VAL D 401 18.53 -19.65 -5.93
C VAL D 401 18.01 -20.17 -7.29
N ALA D 402 16.79 -20.68 -7.31
CA ALA D 402 16.24 -21.32 -8.47
C ALA D 402 15.60 -20.31 -9.41
N ALA D 403 15.52 -20.70 -10.69
CA ALA D 403 14.79 -19.95 -11.72
C ALA D 403 15.33 -18.55 -11.98
N THR D 404 16.66 -18.42 -12.03
CA THR D 404 17.31 -17.14 -12.31
C THR D 404 17.74 -17.02 -13.78
N GLY D 405 17.28 -17.93 -14.63
CA GLY D 405 17.62 -17.89 -16.06
C GLY D 405 17.03 -16.73 -16.86
N ALA D 406 16.06 -16.02 -16.29
CA ALA D 406 15.38 -14.95 -17.01
C ALA D 406 15.52 -13.64 -16.28
N TYR D 407 15.96 -12.64 -17.03
CA TYR D 407 16.03 -11.27 -16.51
C TYR D 407 16.91 -11.08 -15.25
N CYS D 408 17.82 -11.97 -14.94
CA CYS D 408 18.71 -11.66 -13.81
C CYS D 408 20.05 -11.17 -14.40
N TYR D 409 20.65 -11.98 -15.24
CA TYR D 409 21.84 -11.56 -15.93
C TYR D 409 21.58 -10.36 -16.90
N SER D 410 20.46 -10.40 -17.63
CA SER D 410 20.03 -9.26 -18.48
C SER D 410 20.07 -7.91 -17.73
N LEU D 411 19.72 -7.94 -16.46
CA LEU D 411 19.63 -6.73 -15.65
C LEU D 411 20.84 -6.48 -14.77
N SER D 412 21.83 -7.39 -14.84
CA SER D 412 23.04 -7.22 -14.04
C SER D 412 23.74 -5.87 -14.17
N SER D 413 24.30 -5.41 -13.06
CA SER D 413 25.01 -4.12 -13.01
C SER D 413 26.41 -4.28 -12.36
N ARG D 414 27.23 -3.23 -12.37
CA ARG D 414 28.50 -3.27 -11.62
C ARG D 414 28.39 -2.42 -10.36
N TYR D 415 27.25 -2.53 -9.71
CA TYR D 415 27.00 -1.78 -8.47
C TYR D 415 28.12 -2.16 -7.47
N ASN D 416 28.74 -1.15 -6.85
CA ASN D 416 29.90 -1.36 -5.96
C ASN D 416 31.08 -2.04 -6.64
N MET D 417 31.18 -1.87 -7.95
CA MET D 417 32.30 -2.43 -8.69
C MET D 417 32.30 -3.93 -8.54
N VAL D 418 31.10 -4.52 -8.51
CA VAL D 418 31.00 -5.97 -8.43
C VAL D 418 30.85 -6.47 -9.86
N GLY D 419 31.87 -7.16 -10.36
CA GLY D 419 31.86 -7.70 -11.73
C GLY D 419 30.75 -8.71 -11.96
N ARG D 420 30.26 -8.83 -13.20
CA ARG D 420 29.31 -9.88 -13.59
C ARG D 420 29.87 -11.28 -13.30
N PRO D 421 29.00 -12.16 -12.79
CA PRO D 421 29.34 -13.57 -12.53
C PRO D 421 29.55 -14.35 -13.83
N ALA D 422 30.36 -15.40 -13.78
CA ALA D 422 30.52 -16.30 -14.91
C ALA D 422 29.18 -17.02 -15.11
N VAL D 423 28.93 -17.41 -16.37
CA VAL D 423 27.83 -18.25 -16.75
C VAL D 423 28.42 -19.52 -17.38
N VAL D 424 27.93 -20.66 -16.90
CA VAL D 424 28.36 -21.96 -17.33
C VAL D 424 27.18 -22.78 -17.83
N ALA D 425 27.40 -23.53 -18.90
CA ALA D 425 26.38 -24.45 -19.42
C ALA D 425 26.77 -25.88 -19.10
N VAL D 426 25.82 -26.67 -18.61
CA VAL D 426 26.13 -28.09 -18.37
C VAL D 426 25.20 -28.97 -19.16
N HIS D 427 25.77 -30.03 -19.70
CA HIS D 427 25.07 -30.93 -20.57
C HIS D 427 25.70 -32.30 -20.39
N ALA D 428 24.88 -33.27 -19.98
CA ALA D 428 25.24 -34.70 -19.96
C ALA D 428 26.56 -34.99 -19.26
N GLY D 429 26.77 -34.33 -18.12
CA GLY D 429 27.97 -34.56 -17.31
C GLY D 429 29.13 -33.65 -17.66
N ASN D 430 28.92 -32.72 -18.59
CA ASN D 430 29.99 -31.86 -19.08
C ASN D 430 29.64 -30.41 -18.93
N ALA D 431 30.58 -29.62 -18.43
CA ALA D 431 30.35 -28.19 -18.15
C ALA D 431 31.27 -27.36 -19.05
N ARG D 432 30.81 -26.19 -19.43
CA ARG D 432 31.68 -25.33 -20.24
C ARG D 432 31.31 -23.92 -19.89
N LEU D 433 32.34 -23.09 -19.88
CA LEU D 433 32.23 -21.70 -19.61
C LEU D 433 31.60 -21.07 -20.84
N VAL D 434 30.55 -20.29 -20.67
CA VAL D 434 29.88 -19.61 -21.80
C VAL D 434 30.18 -18.11 -21.80
N LEU D 435 29.99 -17.51 -20.63
CA LEU D 435 30.30 -16.12 -20.41
C LEU D 435 31.25 -16.04 -19.25
N ARG D 436 32.40 -15.42 -19.49
CA ARG D 436 33.39 -15.27 -18.42
C ARG D 436 32.97 -14.21 -17.38
N ARG D 437 33.54 -14.39 -16.19
CA ARG D 437 33.40 -13.49 -15.06
C ARG D 437 34.17 -12.19 -15.36
N GLU D 438 33.63 -11.03 -15.01
CA GLU D 438 34.37 -9.76 -15.24
C GLU D 438 35.48 -9.63 -14.23
N THR D 439 36.54 -8.95 -14.67
CA THR D 439 37.69 -8.64 -13.83
C THR D 439 37.76 -7.14 -13.55
N VAL D 440 38.77 -6.75 -12.78
CA VAL D 440 39.09 -5.33 -12.51
C VAL D 440 39.42 -4.60 -13.81
N ASP D 441 40.09 -5.30 -14.73
CA ASP D 441 40.35 -4.76 -16.06
C ASP D 441 39.07 -4.38 -16.80
N ASP D 442 38.08 -5.26 -16.76
CA ASP D 442 36.74 -4.96 -17.32
C ASP D 442 36.16 -3.68 -16.69
N LEU D 443 36.14 -3.66 -15.35
CA LEU D 443 35.77 -2.52 -14.52
C LEU D 443 36.40 -1.19 -14.94
N LEU D 444 37.67 -1.22 -15.32
CA LEU D 444 38.39 0.02 -15.63
C LEU D 444 38.41 0.30 -17.13
N SER D 445 37.70 -0.50 -17.95
CA SER D 445 37.97 -0.50 -19.40
C SER D 445 37.44 0.70 -20.16
N LEU D 446 36.44 1.38 -19.60
CA LEU D 446 35.81 2.54 -20.23
C LEU D 446 36.50 3.82 -19.85
N GLU D 447 37.49 3.75 -18.96
CA GLU D 447 38.18 4.94 -18.48
C GLU D 447 39.19 5.48 -19.51
N VAL D 448 39.23 6.79 -19.62
CA VAL D 448 40.08 7.50 -20.57
C VAL D 448 41.36 7.85 -19.79
N ARG D 449 41.71 9.13 -19.68
CA ARG D 449 42.84 9.62 -18.83
C ARG D 449 42.98 11.15 -18.86
#